data_2I4N
#
_entry.id   2I4N
#
_cell.length_a   217.900
_cell.length_b   107.470
_cell.length_c   110.660
_cell.angle_alpha   90.00
_cell.angle_beta   120.43
_cell.angle_gamma   90.00
#
_symmetry.space_group_name_H-M   'C 1 2 1'
#
loop_
_entity.id
_entity.type
_entity.pdbx_description
1 polymer 'Proline-tRNA ligase'
2 non-polymer "5'-O-(N-(L-CYSTEINYL)-SULFAMOYL)ADENOSINE"
3 water water
#
_entity_poly.entity_id   1
_entity_poly.type   'polypeptide(L)'
_entity_poly.pdbx_seq_one_letter_code
;MGSSHHHHHHSSGLVPRGSHMRLSRFFLPILKENPKEAEIVSHRLMLRAGMLRQEAAGIYAWLPLGHRVLKKIEQIVREE
QNRAGAIELLMPTLQLADLWRESGRYDAYGPEMLRIADRHKRELLYGPTNEEMITEIFRAYIKSYKSLPLNLYHIQWKFR
DEQRPRFGVMRGREFLMKDAYSFDVDEAGARKSYNKMFVAYLRTFARMGLKAIPMRAETGPIGGDLSHEFIVLAETGESG
VYIDRDVLNLPVPDENVDYDGDLTPIIKQWTSVYAATEDVHEPARYESEVPEANRLNTRGIEVGQIFYFGTKYSDSMKAN
VTGPDGTDAPIHGGSYGVGVSRLLGAIIEACHDDNGIIWPEAVAPFRVTILNLKQGDAATDAACDQLYRELSAKGVDVLY
DDTDQRAGAKFATADLIGIPWQIHVGPRGLAEGKVELKRRSDGARENLALADVVARLT
;
_entity_poly.pdbx_strand_id   A,B,C
#
# COMPACT_ATOMS: atom_id res chain seq x y z
N GLY A 18 -2.61 0.99 2.11
CA GLY A 18 -2.91 1.34 0.68
C GLY A 18 -4.39 1.60 0.48
N SER A 19 -4.77 2.87 0.55
CA SER A 19 -6.17 3.33 0.48
C SER A 19 -7.05 2.63 -0.57
N HIS A 20 -8.28 2.29 -0.21
CA HIS A 20 -9.12 1.47 -1.10
C HIS A 20 -10.61 1.77 -1.01
N MET A 21 -11.30 1.74 -2.15
CA MET A 21 -12.73 2.04 -2.19
C MET A 21 -13.47 1.36 -3.34
N ARG A 22 -14.66 0.83 -3.04
CA ARG A 22 -15.58 0.33 -4.05
C ARG A 22 -16.63 1.39 -4.32
N LEU A 23 -16.87 1.71 -5.60
CA LEU A 23 -17.84 2.75 -5.98
C LEU A 23 -19.28 2.52 -5.48
N SER A 24 -19.70 1.26 -5.40
CA SER A 24 -21.01 0.91 -4.84
C SER A 24 -21.09 1.22 -3.34
N ARG A 25 -19.95 1.49 -2.71
CA ARG A 25 -19.89 1.87 -1.29
C ARG A 25 -19.62 3.37 -1.14
N PHE A 26 -19.45 4.09 -2.24
CA PHE A 26 -18.92 5.45 -2.17
C PHE A 26 -20.00 6.50 -2.06
N PHE A 27 -19.62 7.75 -2.28
CA PHE A 27 -20.55 8.85 -2.47
C PHE A 27 -19.95 9.71 -3.57
N LEU A 28 -20.45 9.48 -4.78
CA LEU A 28 -19.92 10.10 -5.97
C LEU A 28 -21.09 10.45 -6.88
N PRO A 29 -21.57 11.70 -6.78
CA PRO A 29 -22.78 12.16 -7.47
C PRO A 29 -22.49 12.73 -8.84
N ILE A 30 -22.22 11.87 -9.82
CA ILE A 30 -21.77 12.34 -11.13
C ILE A 30 -22.86 13.18 -11.83
N LEU A 31 -22.45 14.29 -12.43
CA LEU A 31 -23.39 15.15 -13.15
C LEU A 31 -23.29 15.00 -14.66
N LYS A 32 -24.46 14.88 -15.27
CA LYS A 32 -24.63 14.39 -16.65
C LYS A 32 -24.05 15.37 -17.69
N GLU A 33 -24.73 16.52 -17.83
CA GLU A 33 -24.38 17.66 -18.68
C GLU A 33 -23.36 18.60 -17.98
N ASN A 34 -23.28 19.85 -18.41
CA ASN A 34 -22.64 20.89 -17.60
C ASN A 34 -23.69 21.72 -16.89
N PRO A 35 -23.50 21.97 -15.58
CA PRO A 35 -24.27 22.96 -14.82
C PRO A 35 -24.10 24.36 -15.38
N LYS A 36 -25.25 24.98 -15.61
CA LYS A 36 -25.35 26.24 -16.32
C LYS A 36 -24.65 27.42 -15.61
N GLU A 37 -24.45 27.25 -14.30
CA GLU A 37 -23.87 28.29 -13.47
C GLU A 37 -22.35 28.15 -13.32
N ALA A 38 -21.68 27.53 -14.29
CA ALA A 38 -20.24 27.31 -14.21
C ALA A 38 -19.48 27.64 -15.48
N GLU A 39 -18.87 28.82 -15.50
CA GLU A 39 -18.23 29.45 -16.66
C GLU A 39 -16.95 28.78 -17.20
N ILE A 40 -15.90 28.74 -16.38
CA ILE A 40 -14.65 28.07 -16.76
C ILE A 40 -14.78 26.55 -16.61
N VAL A 41 -13.85 25.82 -17.20
CA VAL A 41 -13.90 24.36 -17.24
C VAL A 41 -13.52 23.70 -15.94
N SER A 42 -12.41 24.14 -15.34
CA SER A 42 -12.04 23.61 -14.03
C SER A 42 -13.27 23.58 -13.14
N HIS A 43 -13.97 24.70 -13.03
CA HIS A 43 -15.11 24.74 -12.13
C HIS A 43 -16.14 23.67 -12.53
N ARG A 44 -16.55 23.71 -13.81
CA ARG A 44 -17.64 22.87 -14.32
C ARG A 44 -17.30 21.38 -14.24
N LEU A 45 -16.04 21.03 -14.51
CA LEU A 45 -15.56 19.66 -14.32
C LEU A 45 -15.65 19.24 -12.84
N MET A 46 -15.03 20.02 -11.95
CA MET A 46 -15.13 19.75 -10.49
C MET A 46 -16.54 19.41 -10.08
N LEU A 47 -17.55 19.96 -10.77
CA LEU A 47 -18.96 19.77 -10.41
C LEU A 47 -19.60 18.53 -11.01
N ARG A 48 -19.39 18.36 -12.32
CA ARG A 48 -19.62 17.10 -12.97
C ARG A 48 -18.96 15.95 -12.17
N ALA A 49 -17.67 16.07 -11.84
CA ALA A 49 -16.94 14.97 -11.23
C ALA A 49 -17.36 14.64 -9.79
N GLY A 50 -18.44 15.26 -9.34
CA GLY A 50 -18.99 15.02 -7.99
C GLY A 50 -18.11 15.48 -6.83
N MET A 51 -17.19 16.40 -7.12
CA MET A 51 -16.16 16.79 -6.16
C MET A 51 -16.61 17.88 -5.20
N LEU A 52 -17.69 18.57 -5.55
CA LEU A 52 -18.00 19.84 -4.95
C LEU A 52 -19.50 20.19 -4.85
N ARG A 53 -19.85 20.87 -3.77
CA ARG A 53 -21.12 21.54 -3.69
C ARG A 53 -20.96 22.96 -3.13
N GLN A 54 -21.63 23.90 -3.79
CA GLN A 54 -21.75 25.28 -3.34
C GLN A 54 -22.81 25.33 -2.27
N GLU A 55 -22.43 25.86 -1.10
CA GLU A 55 -23.40 26.04 -0.01
C GLU A 55 -23.82 27.49 0.10
N ALA A 56 -22.92 28.40 -0.29
CA ALA A 56 -23.20 29.84 -0.38
C ALA A 56 -22.23 30.46 -1.37
N ALA A 57 -22.50 31.66 -1.86
CA ALA A 57 -21.52 32.30 -2.76
C ALA A 57 -20.06 32.14 -2.27
N GLY A 58 -19.21 31.57 -3.12
CA GLY A 58 -17.80 31.44 -2.82
C GLY A 58 -17.43 30.51 -1.67
N ILE A 59 -18.43 29.91 -1.03
CA ILE A 59 -18.22 28.96 0.08
C ILE A 59 -18.64 27.52 -0.26
N TYR A 60 -17.74 26.56 -0.02
CA TYR A 60 -17.96 25.15 -0.50
C TYR A 60 -17.84 23.99 0.49
N ALA A 61 -18.55 22.90 0.16
CA ALA A 61 -18.43 21.62 0.86
C ALA A 61 -17.67 20.77 -0.08
N TRP A 62 -16.67 20.07 0.41
CA TRP A 62 -15.89 19.18 -0.41
C TRP A 62 -16.46 17.80 -0.35
N LEU A 63 -16.94 17.33 -1.49
CA LEU A 63 -17.49 16.02 -1.54
C LEU A 63 -16.39 14.97 -1.39
N PRO A 64 -16.74 13.72 -1.06
CA PRO A 64 -15.66 12.81 -0.80
C PRO A 64 -14.55 12.79 -1.86
N LEU A 65 -14.90 12.72 -3.14
CA LEU A 65 -13.82 12.61 -4.12
C LEU A 65 -12.87 13.78 -3.99
N GLY A 66 -13.40 14.99 -3.90
CA GLY A 66 -12.59 16.21 -3.84
C GLY A 66 -11.73 16.37 -2.59
N HIS A 67 -12.19 15.80 -1.50
CA HIS A 67 -11.47 15.91 -0.25
C HIS A 67 -10.21 15.08 -0.36
N ARG A 68 -10.29 13.93 -1.06
CA ARG A 68 -9.13 13.03 -1.20
C ARG A 68 -8.03 13.84 -1.81
N VAL A 69 -8.42 14.64 -2.80
CA VAL A 69 -7.47 15.38 -3.59
C VAL A 69 -6.88 16.53 -2.81
N LEU A 70 -7.74 17.34 -2.22
CA LEU A 70 -7.32 18.35 -1.27
C LEU A 70 -6.27 17.82 -0.28
N LYS A 71 -6.60 16.73 0.42
CA LYS A 71 -5.66 16.09 1.32
C LYS A 71 -4.32 15.69 0.68
N LYS A 72 -4.32 15.16 -0.54
CA LYS A 72 -3.04 14.83 -1.17
C LYS A 72 -2.24 16.10 -1.51
N ILE A 73 -2.91 17.15 -2.00
CA ILE A 73 -2.27 18.50 -2.16
C ILE A 73 -1.71 19.03 -0.84
N GLU A 74 -2.56 19.11 0.20
CA GLU A 74 -2.12 19.46 1.56
C GLU A 74 -0.79 18.81 1.88
N GLN A 75 -0.78 17.48 1.86
CA GLN A 75 0.40 16.69 2.19
C GLN A 75 1.63 17.00 1.36
N ILE A 76 1.46 17.35 0.09
CA ILE A 76 2.64 17.71 -0.73
C ILE A 76 3.30 19.02 -0.25
N VAL A 77 2.46 20.02 0.03
CA VAL A 77 2.92 21.28 0.57
C VAL A 77 3.65 20.96 1.86
N ARG A 78 2.98 20.22 2.73
CA ARG A 78 3.52 19.94 4.05
C ARG A 78 4.96 19.43 3.87
N GLU A 79 5.14 18.48 2.96
CA GLU A 79 6.40 17.74 2.91
C GLU A 79 7.54 18.65 2.54
N GLU A 80 7.31 19.51 1.57
CA GLU A 80 8.38 20.35 1.07
C GLU A 80 8.68 21.48 2.07
N GLN A 81 7.65 21.88 2.81
CA GLN A 81 7.83 22.92 3.82
C GLN A 81 8.75 22.42 4.90
N ASN A 82 8.47 21.20 5.38
CA ASN A 82 9.35 20.54 6.35
C ASN A 82 10.74 20.27 5.77
N ARG A 83 10.83 19.90 4.51
CA ARG A 83 12.15 19.72 3.93
C ARG A 83 12.88 21.06 3.94
N ALA A 84 12.16 22.15 3.75
CA ALA A 84 12.79 23.46 3.78
C ALA A 84 13.13 23.90 5.22
N GLY A 85 12.72 23.11 6.20
CA GLY A 85 13.09 23.38 7.59
C GLY A 85 12.07 24.16 8.39
N ALA A 86 10.96 24.47 7.75
CA ALA A 86 9.86 25.16 8.39
C ALA A 86 9.13 24.23 9.37
N ILE A 87 8.56 24.80 10.43
CA ILE A 87 7.89 24.04 11.49
C ILE A 87 6.38 24.30 11.53
N GLU A 88 5.60 23.23 11.60
CA GLU A 88 4.14 23.30 11.52
C GLU A 88 3.42 23.45 12.87
N LEU A 89 2.56 24.47 12.97
CA LEU A 89 1.65 24.61 14.11
C LEU A 89 0.27 24.80 13.51
N LEU A 90 -0.73 25.19 14.31
CA LEU A 90 -1.97 25.65 13.70
C LEU A 90 -2.61 26.81 14.48
N MET A 91 -2.84 27.92 13.79
CA MET A 91 -3.51 29.05 14.39
C MET A 91 -5.02 28.96 14.19
N PRO A 92 -5.81 29.59 15.09
CA PRO A 92 -7.26 29.50 14.99
C PRO A 92 -7.83 30.34 13.83
N THR A 93 -9.10 30.13 13.53
CA THR A 93 -9.71 30.86 12.44
C THR A 93 -10.00 32.28 12.86
N LEU A 94 -10.64 32.43 14.02
CA LEU A 94 -11.06 33.72 14.57
C LEU A 94 -9.97 34.39 15.37
N GLN A 95 -9.76 35.68 15.09
CA GLN A 95 -8.74 36.50 15.73
C GLN A 95 -9.42 37.68 16.43
N LEU A 96 -8.75 38.37 17.36
CA LEU A 96 -9.30 39.60 18.00
C LEU A 96 -8.91 40.82 17.22
N ALA A 97 -9.93 41.64 16.97
CA ALA A 97 -9.79 42.94 16.32
C ALA A 97 -8.56 43.70 16.77
N ASP A 98 -8.37 43.70 18.09
CA ASP A 98 -7.35 44.49 18.75
C ASP A 98 -6.00 44.28 18.08
N LEU A 99 -5.60 43.03 17.93
CA LEU A 99 -4.35 42.68 17.28
C LEU A 99 -4.10 43.54 16.05
N TRP A 100 -5.15 43.70 15.27
CA TRP A 100 -5.07 44.43 14.05
C TRP A 100 -4.87 45.92 14.28
N ARG A 101 -5.50 46.47 15.32
CA ARG A 101 -5.19 47.85 15.74
C ARG A 101 -3.73 47.88 16.09
N GLU A 102 -3.29 46.95 16.93
CA GLU A 102 -1.92 46.93 17.39
C GLU A 102 -0.91 47.12 16.25
N SER A 103 -1.23 46.64 15.05
CA SER A 103 -0.34 46.80 13.88
C SER A 103 -0.68 47.99 12.92
N GLY A 104 -1.95 48.36 12.85
CA GLY A 104 -2.42 49.36 11.89
C GLY A 104 -2.73 48.73 10.54
N ARG A 105 -3.19 47.49 10.55
CA ARG A 105 -3.70 46.83 9.37
C ARG A 105 -5.16 46.65 9.64
N TYR A 106 -5.59 47.25 10.74
CA TYR A 106 -6.95 47.11 11.14
C TYR A 106 -7.87 47.42 9.96
N ASP A 107 -7.59 48.49 9.23
CA ASP A 107 -8.42 48.86 8.07
C ASP A 107 -7.97 48.27 6.73
N ALA A 108 -6.82 47.60 6.72
CA ALA A 108 -6.17 47.13 5.49
C ALA A 108 -6.98 46.19 4.56
N TYR A 109 -7.92 45.43 5.10
CA TYR A 109 -8.71 44.59 4.19
C TYR A 109 -10.10 45.15 3.83
N GLY A 110 -10.39 46.36 4.33
CA GLY A 110 -11.63 47.07 4.02
C GLY A 110 -12.88 46.22 4.06
N PRO A 111 -13.66 46.21 2.98
CA PRO A 111 -14.86 45.38 2.93
C PRO A 111 -14.61 43.87 2.70
N GLU A 112 -13.38 43.44 2.41
CA GLU A 112 -13.09 42.01 2.31
C GLU A 112 -12.90 41.33 3.67
N MET A 113 -13.13 42.07 4.75
CA MET A 113 -12.97 41.50 6.09
C MET A 113 -14.24 41.08 6.79
N LEU A 114 -14.25 39.79 7.14
CA LEU A 114 -15.33 39.27 7.94
C LEU A 114 -15.11 39.73 9.36
N ARG A 115 -15.99 40.63 9.79
CA ARG A 115 -15.92 41.25 11.10
C ARG A 115 -17.11 40.78 11.93
N ILE A 116 -16.81 40.14 13.06
CA ILE A 116 -17.82 39.54 13.88
C ILE A 116 -17.86 40.23 15.22
N ALA A 117 -18.96 40.06 15.93
CA ALA A 117 -19.04 40.44 17.34
C ALA A 117 -19.73 39.26 18.05
N ASP A 118 -19.22 38.91 19.23
CA ASP A 118 -19.80 37.84 20.01
C ASP A 118 -20.88 38.32 20.98
N ARG A 119 -21.37 37.41 21.82
CA ARG A 119 -22.41 37.71 22.79
C ARG A 119 -21.95 38.71 23.87
N HIS A 120 -20.66 39.05 23.88
CA HIS A 120 -20.12 40.02 24.82
C HIS A 120 -19.75 41.32 24.13
N LYS A 121 -20.16 41.47 22.88
CA LYS A 121 -19.88 42.69 22.14
C LYS A 121 -18.36 42.94 21.91
N ARG A 122 -17.54 41.88 21.93
CA ARG A 122 -16.11 41.97 21.60
C ARG A 122 -15.91 41.76 20.12
N GLU A 123 -15.02 42.54 19.50
CA GLU A 123 -14.87 42.41 18.05
C GLU A 123 -13.86 41.36 17.68
N LEU A 124 -14.39 40.29 17.08
CA LEU A 124 -13.58 39.25 16.48
C LEU A 124 -13.57 39.47 14.97
N LEU A 125 -12.63 38.81 14.29
CA LEU A 125 -12.62 38.76 12.83
C LEU A 125 -12.18 37.40 12.26
N TYR A 126 -12.72 37.03 11.11
CA TYR A 126 -12.34 35.77 10.50
C TYR A 126 -11.08 36.06 9.69
N GLY A 127 -10.00 35.41 10.08
CA GLY A 127 -8.67 35.75 9.57
C GLY A 127 -8.51 35.63 8.06
N PRO A 128 -8.16 36.74 7.38
CA PRO A 128 -7.78 36.69 5.94
C PRO A 128 -6.29 36.34 5.71
N THR A 129 -5.53 36.30 6.81
CA THR A 129 -4.10 36.04 6.85
C THR A 129 -3.65 36.13 8.31
N ASN A 130 -2.40 35.78 8.61
CA ASN A 130 -2.01 35.68 10.00
C ASN A 130 -0.72 36.36 10.46
N GLU A 131 -0.30 37.41 9.77
CA GLU A 131 0.97 38.09 10.06
C GLU A 131 1.07 38.57 11.50
N GLU A 132 0.00 39.20 12.00
CA GLU A 132 0.02 39.72 13.37
C GLU A 132 0.07 38.60 14.41
N MET A 133 -0.87 37.67 14.32
CA MET A 133 -0.94 36.55 15.26
C MET A 133 0.37 35.77 15.37
N ILE A 134 0.99 35.49 14.23
CA ILE A 134 2.21 34.74 14.29
C ILE A 134 3.28 35.60 14.95
N THR A 135 3.15 36.92 14.83
CA THR A 135 4.01 37.78 15.57
C THR A 135 3.70 37.76 17.07
N GLU A 136 2.43 37.82 17.43
CA GLU A 136 2.00 37.72 18.84
C GLU A 136 2.57 36.46 19.48
N ILE A 137 2.55 35.36 18.74
CA ILE A 137 3.06 34.11 19.25
C ILE A 137 4.59 34.15 19.33
N PHE A 138 5.24 34.77 18.35
CA PHE A 138 6.68 34.84 18.33
C PHE A 138 7.20 35.67 19.50
N ARG A 139 6.65 36.87 19.66
CA ARG A 139 7.20 37.82 20.62
C ARG A 139 7.08 37.31 22.04
N ALA A 140 6.30 36.26 22.21
CA ALA A 140 5.85 35.81 23.51
C ALA A 140 6.92 34.96 24.11
N TYR A 141 7.64 34.25 23.26
CA TYR A 141 8.47 33.13 23.67
C TYR A 141 9.91 33.23 23.24
N ILE A 142 10.13 33.84 22.07
CA ILE A 142 11.48 33.95 21.47
C ILE A 142 12.12 35.30 21.81
N LYS A 143 13.28 35.25 22.45
CA LYS A 143 13.94 36.46 22.97
C LYS A 143 15.37 36.60 22.44
N SER A 144 15.99 35.48 22.09
CA SER A 144 17.42 35.47 21.76
C SER A 144 17.65 35.22 20.28
N TYR A 145 18.59 35.96 19.68
CA TYR A 145 18.93 35.75 18.29
C TYR A 145 19.44 34.33 18.01
N LYS A 146 19.83 33.59 19.05
CA LYS A 146 20.30 32.20 18.90
C LYS A 146 19.15 31.24 18.59
N SER A 147 17.94 31.78 18.48
CA SER A 147 16.74 30.98 18.28
C SER A 147 16.29 31.01 16.81
N LEU A 148 17.07 31.74 15.98
CA LEU A 148 16.73 32.09 14.59
C LEU A 148 17.76 31.56 13.58
N PRO A 149 17.37 31.31 12.31
CA PRO A 149 16.12 31.61 11.61
C PRO A 149 15.06 30.64 12.05
N LEU A 150 13.82 31.10 12.12
CA LEU A 150 12.70 30.26 12.50
C LEU A 150 11.56 30.53 11.52
N ASN A 151 10.94 29.48 11.01
CA ASN A 151 9.89 29.60 10.01
C ASN A 151 8.69 28.81 10.52
N LEU A 152 7.59 29.50 10.76
CA LEU A 152 6.40 28.82 11.29
C LEU A 152 5.28 28.87 10.29
N TYR A 153 4.68 27.73 10.01
CA TYR A 153 3.66 27.67 8.98
C TYR A 153 2.54 26.86 9.51
N HIS A 154 1.35 27.06 8.94
CA HIS A 154 0.16 26.23 9.27
C HIS A 154 -0.75 26.14 8.03
N ILE A 155 -1.64 25.15 8.01
CA ILE A 155 -2.59 25.03 6.91
C ILE A 155 -3.95 25.18 7.51
N GLN A 156 -4.69 26.20 7.06
CA GLN A 156 -5.84 26.67 7.78
C GLN A 156 -6.71 27.53 6.90
N TRP A 157 -8.02 27.49 7.13
CA TRP A 157 -9.02 28.16 6.27
C TRP A 157 -8.99 29.64 6.50
N LYS A 158 -8.66 30.41 5.48
CA LYS A 158 -8.70 31.84 5.59
C LYS A 158 -10.05 32.24 5.03
N PHE A 159 -10.42 33.52 5.25
CA PHE A 159 -11.66 34.13 4.71
C PHE A 159 -11.44 35.51 4.09
N ARG A 160 -11.97 35.71 2.90
CA ARG A 160 -12.00 37.05 2.32
C ARG A 160 -13.34 37.25 1.69
N ASP A 161 -14.06 38.27 2.17
CA ASP A 161 -15.39 38.57 1.64
C ASP A 161 -15.16 39.24 0.31
N GLU A 162 -15.13 38.43 -0.73
CA GLU A 162 -14.76 38.99 -2.01
C GLU A 162 -15.96 39.62 -2.70
N GLN A 163 -15.69 40.70 -3.43
CA GLN A 163 -16.72 41.51 -4.04
C GLN A 163 -17.78 40.56 -4.58
N ARG A 164 -17.43 39.89 -5.69
CA ARG A 164 -18.31 38.91 -6.29
C ARG A 164 -17.55 37.61 -6.54
N PRO A 165 -17.84 36.59 -5.72
CA PRO A 165 -17.16 35.29 -5.73
C PRO A 165 -17.36 34.53 -7.04
N ARG A 166 -16.30 34.42 -7.83
CA ARG A 166 -16.40 33.83 -9.16
C ARG A 166 -15.49 32.63 -9.30
N PHE A 167 -15.82 31.75 -10.25
CA PHE A 167 -14.93 30.69 -10.72
C PHE A 167 -14.67 29.51 -9.76
N GLY A 168 -15.66 29.23 -8.89
CA GLY A 168 -15.61 28.04 -8.05
C GLY A 168 -14.61 28.17 -6.94
N VAL A 169 -13.58 27.31 -6.98
CA VAL A 169 -12.57 27.22 -5.92
C VAL A 169 -11.39 28.16 -6.19
N MET A 170 -11.37 28.74 -7.37
CA MET A 170 -10.28 29.66 -7.75
C MET A 170 -10.47 31.03 -7.09
N ARG A 171 -11.72 31.44 -6.87
CA ARG A 171 -11.95 32.75 -6.23
C ARG A 171 -13.16 32.71 -5.31
N GLY A 172 -12.96 32.01 -4.19
CA GLY A 172 -14.00 31.88 -3.21
C GLY A 172 -13.76 32.89 -2.13
N ARG A 173 -14.56 32.78 -1.08
CA ARG A 173 -14.43 33.57 0.13
C ARG A 173 -13.81 32.74 1.21
N GLU A 174 -14.26 31.49 1.34
CA GLU A 174 -13.67 30.54 2.30
C GLU A 174 -12.69 29.66 1.56
N PHE A 175 -11.43 29.73 1.93
CA PHE A 175 -10.42 28.98 1.23
C PHE A 175 -9.33 28.43 2.15
N LEU A 176 -8.46 27.59 1.59
CA LEU A 176 -7.45 26.91 2.39
C LEU A 176 -6.07 27.41 2.01
N MET A 177 -5.29 27.85 2.99
CA MET A 177 -4.01 28.42 2.63
C MET A 177 -2.93 27.78 3.44
N LYS A 178 -1.76 27.65 2.83
CA LYS A 178 -0.51 27.43 3.58
C LYS A 178 0.18 28.77 3.66
N ASP A 179 0.26 29.26 4.89
CA ASP A 179 0.89 30.51 5.19
C ASP A 179 2.04 30.21 6.13
N ALA A 180 3.22 30.55 5.65
CA ALA A 180 4.43 30.30 6.38
C ALA A 180 5.05 31.64 6.69
N TYR A 181 5.70 31.75 7.84
CA TYR A 181 6.35 33.01 8.28
C TYR A 181 7.76 32.86 8.90
N SER A 182 8.72 33.57 8.33
CA SER A 182 10.10 33.51 8.71
C SER A 182 10.54 34.71 9.57
N PHE A 183 11.47 34.43 10.46
CA PHE A 183 11.98 35.37 11.46
C PHE A 183 13.51 35.30 11.50
N ASP A 184 14.12 36.45 11.24
CA ASP A 184 15.54 36.54 11.20
C ASP A 184 15.97 37.79 11.96
N VAL A 185 17.27 37.96 12.15
CA VAL A 185 17.83 39.05 12.91
C VAL A 185 18.15 40.26 12.05
N ASP A 186 18.58 40.02 10.81
CA ASP A 186 18.91 41.12 9.89
C ASP A 186 18.48 40.93 8.42
N GLU A 187 18.59 42.02 7.67
CA GLU A 187 18.53 42.04 6.20
C GLU A 187 19.03 40.74 5.54
N ALA A 188 20.28 40.39 5.85
CA ALA A 188 20.99 39.26 5.25
C ALA A 188 20.31 37.94 5.58
N GLY A 189 19.94 37.76 6.84
CA GLY A 189 19.36 36.51 7.30
C GLY A 189 17.99 36.19 6.72
N ALA A 190 17.24 37.22 6.32
CA ALA A 190 15.92 37.07 5.73
C ALA A 190 15.97 36.74 4.24
N ARG A 191 16.95 37.28 3.51
CA ARG A 191 17.16 36.90 2.12
C ARG A 191 17.34 35.43 2.12
N LYS A 192 18.30 34.96 2.94
CA LYS A 192 18.59 33.53 3.11
C LYS A 192 17.32 32.70 3.27
N SER A 193 16.46 33.13 4.18
CA SER A 193 15.17 32.47 4.45
C SER A 193 14.14 32.55 3.30
N TYR A 194 14.21 33.61 2.51
CA TYR A 194 13.38 33.86 1.34
C TYR A 194 13.77 32.85 0.27
N ASN A 195 14.95 33.06 -0.32
CA ASN A 195 15.63 32.06 -1.13
C ASN A 195 15.22 30.58 -0.89
N LYS A 196 15.15 30.12 0.36
CA LYS A 196 14.79 28.70 0.65
C LYS A 196 13.35 28.37 0.23
N MET A 197 12.41 29.23 0.63
CA MET A 197 11.01 29.07 0.36
C MET A 197 10.82 29.10 -1.16
N PHE A 198 11.51 30.05 -1.78
CA PHE A 198 11.51 30.20 -3.22
C PHE A 198 11.78 28.84 -3.90
N VAL A 199 12.94 28.26 -3.58
CA VAL A 199 13.31 26.94 -4.07
C VAL A 199 12.27 25.89 -3.72
N ALA A 200 11.72 26.03 -2.51
CA ALA A 200 10.75 25.12 -1.96
C ALA A 200 9.44 25.24 -2.71
N TYR A 201 9.10 26.43 -3.17
CA TYR A 201 7.89 26.60 -3.94
C TYR A 201 8.05 26.02 -5.35
N LEU A 202 9.27 26.06 -5.85
CA LEU A 202 9.58 25.52 -7.15
C LEU A 202 9.36 24.04 -7.15
N ARG A 203 9.88 23.39 -6.12
CA ARG A 203 9.77 21.95 -6.00
C ARG A 203 8.31 21.59 -5.76
N THR A 204 7.59 22.47 -5.08
CA THR A 204 6.25 22.13 -4.62
C THR A 204 5.28 21.95 -5.78
N PHE A 205 5.21 22.96 -6.63
CA PHE A 205 4.27 22.96 -7.72
C PHE A 205 4.64 21.96 -8.81
N ALA A 206 5.95 21.83 -9.06
CA ALA A 206 6.44 20.85 -9.99
C ALA A 206 5.93 19.49 -9.53
N ARG A 207 5.93 19.23 -8.22
CA ARG A 207 5.38 17.97 -7.72
C ARG A 207 3.89 17.75 -8.02
N MET A 208 3.19 18.81 -8.41
CA MET A 208 1.81 18.69 -8.92
C MET A 208 1.78 18.67 -10.44
N GLY A 209 2.96 18.75 -11.05
CA GLY A 209 3.08 18.79 -12.49
C GLY A 209 2.53 20.09 -13.02
N LEU A 210 2.77 21.17 -12.29
CA LEU A 210 2.51 22.51 -12.79
C LEU A 210 3.84 23.14 -13.13
N LYS A 211 3.87 23.94 -14.19
CA LYS A 211 4.98 24.86 -14.40
C LYS A 211 4.49 26.16 -13.80
N ALA A 212 4.93 26.44 -12.58
CA ALA A 212 4.57 27.68 -11.96
C ALA A 212 5.78 28.59 -12.02
N ILE A 213 5.59 29.74 -12.68
CA ILE A 213 6.67 30.64 -13.09
C ILE A 213 6.77 31.83 -12.15
N PRO A 214 7.90 31.98 -11.45
CA PRO A 214 8.12 33.07 -10.50
C PRO A 214 8.25 34.45 -11.13
N MET A 215 7.43 35.38 -10.64
CA MET A 215 7.31 36.70 -11.24
C MET A 215 7.26 37.77 -10.16
N ARG A 216 7.84 38.94 -10.44
CA ARG A 216 7.88 40.05 -9.47
C ARG A 216 6.48 40.62 -9.31
N ALA A 217 6.12 40.95 -8.07
CA ALA A 217 4.75 41.29 -7.70
C ALA A 217 4.62 42.48 -6.74
N GLU A 218 3.49 43.19 -6.87
CA GLU A 218 3.01 44.15 -5.88
C GLU A 218 2.76 43.39 -4.60
N THR A 219 3.00 44.04 -3.46
CA THR A 219 2.81 43.35 -2.19
C THR A 219 1.47 43.64 -1.52
N GLY A 220 0.71 44.63 -2.00
CA GLY A 220 -0.60 44.97 -1.44
C GLY A 220 -0.60 45.22 0.08
N PRO A 221 -1.69 44.86 0.79
CA PRO A 221 -1.80 45.07 2.23
C PRO A 221 -0.76 44.37 3.11
N ILE A 222 -0.08 43.36 2.56
CA ILE A 222 0.91 42.56 3.31
C ILE A 222 2.24 43.35 3.46
N GLY A 223 2.60 44.07 2.40
CA GLY A 223 3.68 45.06 2.47
C GLY A 223 4.97 44.45 2.03
N GLY A 224 5.97 45.28 1.74
CA GLY A 224 7.29 44.81 1.35
C GLY A 224 7.71 45.38 0.01
N ASP A 225 9.03 45.44 -0.25
CA ASP A 225 9.51 45.92 -1.54
C ASP A 225 10.10 44.79 -2.37
N LEU A 226 10.01 43.58 -1.84
CA LEU A 226 10.44 42.37 -2.52
C LEU A 226 9.36 41.31 -2.35
N SER A 227 8.87 40.80 -3.48
CA SER A 227 7.85 39.76 -3.51
C SER A 227 7.78 39.12 -4.87
N HIS A 228 7.75 37.79 -4.89
CA HIS A 228 7.57 37.05 -6.14
C HIS A 228 6.25 36.31 -6.08
N GLU A 229 5.46 36.43 -7.13
CA GLU A 229 4.18 35.74 -7.20
C GLU A 229 4.47 34.51 -8.04
N PHE A 230 3.76 33.42 -7.80
CA PHE A 230 3.95 32.22 -8.64
C PHE A 230 2.79 31.97 -9.61
N ILE A 231 3.10 31.97 -10.90
CA ILE A 231 2.06 31.91 -11.94
C ILE A 231 2.23 30.76 -12.91
N VAL A 232 1.12 30.04 -13.10
CA VAL A 232 0.98 29.04 -14.16
C VAL A 232 0.33 29.74 -15.33
N LEU A 233 0.85 29.52 -16.52
CA LEU A 233 0.28 30.15 -17.71
C LEU A 233 -1.09 29.56 -18.08
N ALA A 234 -2.01 30.43 -18.50
CA ALA A 234 -3.36 30.00 -18.86
C ALA A 234 -3.94 30.85 -20.00
N GLU A 235 -5.26 30.95 -20.04
CA GLU A 235 -5.92 31.91 -20.94
C GLU A 235 -7.13 32.51 -20.27
N THR A 236 -7.99 31.64 -19.72
CA THR A 236 -9.06 32.08 -18.85
C THR A 236 -8.49 32.18 -17.41
N GLY A 237 -7.52 33.08 -17.25
CA GLY A 237 -6.95 33.39 -15.95
C GLY A 237 -7.20 34.85 -15.64
N GLU A 238 -7.12 35.20 -14.36
CA GLU A 238 -7.47 36.55 -13.88
C GLU A 238 -6.30 37.55 -13.81
N SER A 239 -5.06 37.03 -13.88
CA SER A 239 -3.86 37.86 -13.81
C SER A 239 -3.23 38.11 -15.20
N GLY A 240 -2.93 39.38 -15.51
CA GLY A 240 -2.15 39.74 -16.71
C GLY A 240 -0.65 39.74 -16.45
N VAL A 241 0.10 39.01 -17.28
CA VAL A 241 1.51 38.75 -16.98
C VAL A 241 2.37 39.17 -18.15
N TYR A 242 3.64 39.47 -17.90
CA TYR A 242 4.57 39.87 -18.98
C TYR A 242 5.99 39.27 -18.85
N ILE A 243 6.26 38.18 -19.54
CA ILE A 243 7.60 37.60 -19.51
C ILE A 243 8.19 37.58 -20.90
N ASP A 244 9.29 36.84 -21.05
CA ASP A 244 9.71 36.35 -22.37
C ASP A 244 9.75 34.81 -22.30
N ARG A 245 9.39 34.17 -23.41
CA ARG A 245 9.21 32.71 -23.45
C ARG A 245 10.34 31.87 -22.82
N ASP A 246 11.57 32.38 -22.90
CA ASP A 246 12.81 31.64 -22.56
C ASP A 246 12.88 31.03 -21.15
N VAL A 247 12.09 31.59 -20.24
CA VAL A 247 12.05 31.17 -18.83
C VAL A 247 11.62 29.71 -18.66
N LEU A 248 10.90 29.20 -19.64
CA LEU A 248 10.15 27.96 -19.50
C LEU A 248 10.96 26.66 -19.55
N ASN A 249 12.27 26.79 -19.70
CA ASN A 249 13.17 25.64 -19.80
C ASN A 249 13.76 25.24 -18.47
N LEU A 250 13.96 26.23 -17.63
CA LEU A 250 14.85 26.12 -16.49
C LEU A 250 14.55 24.94 -15.60
N PRO A 251 15.61 24.31 -15.06
CA PRO A 251 15.59 23.16 -14.12
C PRO A 251 14.88 23.42 -12.78
N VAL A 252 14.23 22.41 -12.24
CA VAL A 252 13.54 22.55 -10.98
C VAL A 252 14.34 21.80 -9.93
N PRO A 253 15.03 22.51 -9.00
CA PRO A 253 15.94 21.89 -8.03
C PRO A 253 15.40 20.56 -7.49
N ASP A 254 16.25 19.56 -7.28
CA ASP A 254 15.74 18.22 -6.95
C ASP A 254 15.61 17.96 -5.45
N GLU A 255 15.05 16.79 -5.10
CA GLU A 255 14.67 16.50 -3.71
C GLU A 255 15.85 16.51 -2.72
N ASN A 256 17.07 16.54 -3.28
CA ASN A 256 18.33 16.46 -2.53
C ASN A 256 19.11 17.76 -2.40
N VAL A 257 18.43 18.90 -2.48
CA VAL A 257 19.10 20.18 -2.30
C VAL A 257 19.56 20.37 -0.86
N ASP A 258 20.62 21.14 -0.69
CA ASP A 258 21.10 21.51 0.64
C ASP A 258 20.58 22.91 0.94
N TYR A 259 19.48 22.97 1.67
CA TYR A 259 18.86 24.25 2.01
C TYR A 259 19.75 25.11 2.91
N ASP A 260 20.55 24.45 3.73
CA ASP A 260 21.38 25.17 4.68
C ASP A 260 22.51 25.88 3.92
N GLY A 261 22.85 25.32 2.77
CA GLY A 261 23.92 25.84 1.91
C GLY A 261 23.52 27.08 1.11
N ASP A 262 24.20 27.27 -0.01
CA ASP A 262 24.08 28.47 -0.84
C ASP A 262 23.12 28.29 -2.03
N LEU A 263 21.98 28.99 -1.96
CA LEU A 263 20.95 28.88 -2.99
C LEU A 263 20.92 30.01 -4.02
N THR A 264 21.54 31.15 -3.70
CA THR A 264 21.48 32.34 -4.59
C THR A 264 21.73 32.08 -6.09
N PRO A 265 22.73 31.23 -6.46
CA PRO A 265 22.93 30.97 -7.89
C PRO A 265 21.89 30.01 -8.47
N ILE A 266 20.83 29.70 -7.71
CA ILE A 266 19.64 29.02 -8.24
C ILE A 266 18.57 30.09 -8.48
N ILE A 267 18.54 31.04 -7.57
CA ILE A 267 17.60 32.15 -7.61
C ILE A 267 17.98 33.03 -8.79
N LYS A 268 19.28 33.21 -8.99
CA LYS A 268 19.81 34.00 -10.08
C LYS A 268 19.36 33.52 -11.46
N GLN A 269 19.37 32.22 -11.72
CA GLN A 269 18.88 31.77 -13.04
C GLN A 269 17.34 31.72 -13.16
N TRP A 270 16.63 31.93 -12.06
CA TRP A 270 15.16 32.01 -12.14
C TRP A 270 14.62 33.43 -12.13
N THR A 271 15.41 34.32 -11.54
CA THR A 271 15.04 35.72 -11.45
C THR A 271 15.46 36.48 -12.69
N SER A 272 16.46 35.97 -13.40
CA SER A 272 17.32 36.81 -14.28
C SER A 272 16.94 36.95 -15.77
N VAL A 273 15.88 36.29 -16.19
CA VAL A 273 15.20 36.67 -17.44
C VAL A 273 13.91 37.40 -17.05
N TYR A 274 13.44 38.33 -17.88
CA TYR A 274 12.36 39.25 -17.45
C TYR A 274 11.03 38.60 -17.04
N ALA A 275 10.74 38.70 -15.74
CA ALA A 275 9.54 38.13 -15.15
C ALA A 275 8.80 39.21 -14.38
N ALA A 276 7.68 39.66 -14.95
CA ALA A 276 6.89 40.74 -14.36
C ALA A 276 5.40 40.57 -14.63
N THR A 277 4.59 40.86 -13.61
CA THR A 277 3.12 40.77 -13.71
C THR A 277 2.54 42.06 -14.30
N GLU A 278 1.25 42.29 -14.09
CA GLU A 278 0.57 43.40 -14.78
C GLU A 278 0.70 44.71 -14.02
N ASP A 279 0.74 44.61 -12.69
CA ASP A 279 1.24 45.68 -11.85
C ASP A 279 2.76 45.61 -12.04
N VAL A 280 3.53 46.36 -11.25
CA VAL A 280 5.01 46.33 -11.34
C VAL A 280 5.56 46.26 -12.77
N HIS A 281 4.66 46.09 -13.73
CA HIS A 281 5.05 46.06 -15.13
C HIS A 281 5.48 47.46 -15.55
N GLU A 282 6.69 47.56 -16.09
CA GLU A 282 7.19 48.78 -16.71
C GLU A 282 7.59 48.43 -18.14
N PRO A 283 6.94 49.08 -19.15
CA PRO A 283 7.07 48.72 -20.58
C PRO A 283 8.27 49.31 -21.30
N ALA A 284 8.61 50.58 -21.00
CA ALA A 284 9.81 51.22 -21.54
C ALA A 284 11.00 50.67 -20.75
N ARG A 285 10.87 49.40 -20.39
CA ARG A 285 11.71 48.71 -19.42
C ARG A 285 11.50 47.19 -19.62
N TYR A 286 10.75 46.87 -20.67
CA TYR A 286 10.37 45.51 -21.04
C TYR A 286 10.92 45.23 -22.44
N GLU A 287 10.79 46.24 -23.29
CA GLU A 287 11.34 46.22 -24.65
C GLU A 287 12.87 46.26 -24.66
N SER A 288 13.46 46.79 -23.58
CA SER A 288 14.91 47.01 -23.49
C SER A 288 15.69 45.82 -22.90
N GLU A 289 15.25 45.30 -21.76
CA GLU A 289 15.95 44.22 -21.10
C GLU A 289 15.66 42.86 -21.75
N VAL A 290 14.69 42.83 -22.67
CA VAL A 290 14.38 41.60 -23.39
C VAL A 290 14.24 41.82 -24.90
N PRO A 291 14.94 41.00 -25.73
CA PRO A 291 14.96 41.14 -27.20
C PRO A 291 13.63 40.79 -27.89
N GLU A 292 13.55 41.10 -29.20
CA GLU A 292 12.28 41.08 -29.98
C GLU A 292 11.39 39.81 -29.93
N ALA A 293 11.93 38.67 -30.35
CA ALA A 293 11.11 37.46 -30.58
C ALA A 293 10.79 36.68 -29.31
N ASN A 294 11.34 37.13 -28.18
CA ASN A 294 11.18 36.45 -26.90
C ASN A 294 9.95 36.92 -26.08
N ARG A 295 9.63 38.21 -26.19
CA ARG A 295 8.49 38.86 -25.53
C ARG A 295 7.19 38.05 -25.63
N LEU A 296 6.37 38.10 -24.57
CA LEU A 296 5.07 37.42 -24.59
C LEU A 296 4.06 37.85 -23.52
N ASN A 297 3.17 38.76 -23.91
CA ASN A 297 2.06 39.20 -23.05
C ASN A 297 0.93 38.16 -22.97
N THR A 298 0.90 37.43 -21.88
CA THR A 298 -0.14 36.42 -21.72
C THR A 298 -0.73 36.46 -20.31
N ARG A 299 -1.60 35.50 -20.01
CA ARG A 299 -2.28 35.48 -18.72
C ARG A 299 -1.94 34.23 -17.92
N GLY A 300 -2.39 34.22 -16.67
CA GLY A 300 -2.15 33.16 -15.74
C GLY A 300 -3.01 33.18 -14.50
N ILE A 301 -2.80 32.15 -13.66
CA ILE A 301 -3.48 31.91 -12.41
C ILE A 301 -2.38 31.90 -11.36
N GLU A 302 -2.38 32.86 -10.44
CA GLU A 302 -1.33 32.85 -9.43
C GLU A 302 -1.76 31.75 -8.47
N VAL A 303 -0.80 30.97 -7.96
CA VAL A 303 -1.07 29.87 -7.02
C VAL A 303 -0.34 29.97 -5.69
N GLY A 304 0.62 30.88 -5.60
CA GLY A 304 1.26 31.20 -4.34
C GLY A 304 2.03 32.48 -4.47
N GLN A 305 2.22 33.17 -3.35
CA GLN A 305 3.05 34.37 -3.31
C GLN A 305 3.96 34.35 -2.12
N ILE A 306 5.21 34.74 -2.34
CA ILE A 306 6.16 34.99 -1.25
C ILE A 306 6.31 36.49 -0.97
N PHE A 307 6.45 36.86 0.29
CA PHE A 307 6.72 38.24 0.63
C PHE A 307 7.90 38.37 1.58
N TYR A 308 8.78 39.33 1.33
CA TYR A 308 9.71 39.75 2.35
C TYR A 308 9.31 41.14 2.79
N PHE A 309 9.08 41.36 4.09
CA PHE A 309 8.64 42.69 4.54
C PHE A 309 9.49 43.34 5.61
N GLY A 310 10.51 42.62 6.07
CA GLY A 310 11.43 43.17 7.04
C GLY A 310 10.68 43.52 8.30
N THR A 311 10.85 44.75 8.79
CA THR A 311 10.41 45.13 10.15
C THR A 311 8.96 45.62 10.28
N LYS A 312 8.22 45.60 9.15
CA LYS A 312 6.81 46.04 9.11
C LYS A 312 6.02 45.70 10.36
N TYR A 313 6.13 44.45 10.81
CA TYR A 313 5.32 43.95 11.91
C TYR A 313 6.04 43.91 13.26
N SER A 314 7.36 43.64 13.24
CA SER A 314 8.17 43.58 14.48
C SER A 314 8.34 44.96 15.19
N ASP A 315 8.62 45.99 14.37
CA ASP A 315 8.64 47.39 14.79
C ASP A 315 7.38 47.76 15.55
N SER A 316 6.26 47.56 14.88
CA SER A 316 4.94 47.97 15.34
C SER A 316 4.44 47.17 16.56
N MET A 317 4.81 45.90 16.65
CA MET A 317 4.32 45.05 17.73
C MET A 317 5.38 44.71 18.75
N LYS A 318 6.50 45.44 18.68
CA LYS A 318 7.56 45.35 19.68
C LYS A 318 8.02 43.90 19.84
N ALA A 319 8.32 43.25 18.72
CA ALA A 319 8.88 41.89 18.74
C ALA A 319 10.39 41.94 18.51
N ASN A 320 11.14 42.11 19.59
CA ASN A 320 12.59 42.22 19.50
C ASN A 320 13.27 40.96 19.95
N VAL A 321 14.49 40.72 19.46
CA VAL A 321 15.40 39.81 20.14
C VAL A 321 16.73 40.50 20.46
N THR A 322 17.44 39.96 21.42
CA THR A 322 18.81 40.37 21.67
C THR A 322 19.73 39.82 20.57
N GLY A 323 20.55 40.69 20.00
CA GLY A 323 21.43 40.31 18.90
C GLY A 323 22.83 39.95 19.33
N PRO A 324 23.71 39.70 18.34
CA PRO A 324 25.06 39.14 18.57
C PRO A 324 25.91 40.06 19.42
N ASP A 325 25.60 41.36 19.36
CA ASP A 325 26.37 42.44 20.02
C ASP A 325 25.84 42.83 21.40
N GLY A 326 24.69 42.26 21.78
CA GLY A 326 24.08 42.49 23.10
C GLY A 326 22.91 43.48 23.17
N THR A 327 22.57 44.12 22.05
CA THR A 327 21.42 45.05 21.98
C THR A 327 20.15 44.36 21.50
N ASP A 328 18.99 44.96 21.83
CA ASP A 328 17.69 44.63 21.22
C ASP A 328 17.49 45.23 19.83
N ALA A 329 16.70 44.56 18.99
CA ALA A 329 16.27 45.09 17.70
C ALA A 329 15.11 44.25 17.16
N PRO A 330 14.19 44.88 16.39
CA PRO A 330 13.05 44.12 15.94
C PRO A 330 13.54 43.18 14.87
N ILE A 331 12.84 42.06 14.71
CA ILE A 331 13.26 41.04 13.77
C ILE A 331 12.84 41.42 12.35
N HIS A 332 13.49 40.80 11.35
CA HIS A 332 13.12 40.98 9.94
C HIS A 332 12.36 39.76 9.49
N GLY A 333 11.16 40.00 8.96
CA GLY A 333 10.23 38.95 8.60
C GLY A 333 9.95 38.78 7.12
N GLY A 334 9.35 37.64 6.80
CA GLY A 334 8.81 37.35 5.50
C GLY A 334 7.56 36.50 5.73
N SER A 335 6.77 36.33 4.67
CA SER A 335 5.62 35.44 4.69
C SER A 335 5.52 34.77 3.34
N TYR A 336 4.89 33.60 3.32
CA TYR A 336 4.95 32.68 2.16
C TYR A 336 3.64 31.90 2.07
N GLY A 337 2.86 32.19 1.04
CA GLY A 337 1.55 31.55 0.93
C GLY A 337 1.30 30.70 -0.30
N VAL A 338 0.58 29.59 -0.10
CA VAL A 338 0.11 28.68 -1.18
C VAL A 338 -1.40 28.46 -1.07
N GLY A 339 -2.13 28.84 -2.13
CA GLY A 339 -3.60 28.68 -2.18
C GLY A 339 -3.95 27.24 -2.42
N VAL A 340 -3.90 26.45 -1.34
CA VAL A 340 -4.08 25.02 -1.42
C VAL A 340 -5.38 24.66 -2.12
N SER A 341 -6.50 25.24 -1.71
CA SER A 341 -7.82 24.96 -2.32
C SER A 341 -7.87 25.43 -3.78
N ARG A 342 -7.08 26.43 -4.11
CA ARG A 342 -7.09 26.99 -5.45
C ARG A 342 -6.42 26.05 -6.41
N LEU A 343 -5.41 25.34 -5.91
CA LEU A 343 -4.60 24.46 -6.75
C LEU A 343 -5.42 23.39 -7.44
N LEU A 344 -6.57 23.06 -6.87
CA LEU A 344 -7.44 22.11 -7.53
C LEU A 344 -7.81 22.69 -8.89
N GLY A 345 -8.39 23.90 -8.87
CA GLY A 345 -8.66 24.65 -10.07
C GLY A 345 -7.49 24.63 -11.03
N ALA A 346 -6.37 25.21 -10.61
CA ALA A 346 -5.21 25.28 -11.49
C ALA A 346 -4.88 23.93 -12.10
N ILE A 347 -4.66 22.92 -11.28
CA ILE A 347 -4.25 21.62 -11.80
C ILE A 347 -5.21 21.13 -12.90
N ILE A 348 -6.48 21.04 -12.57
CA ILE A 348 -7.48 20.76 -13.60
C ILE A 348 -7.29 21.61 -14.86
N GLU A 349 -7.19 22.94 -14.73
CA GLU A 349 -7.02 23.82 -15.92
C GLU A 349 -5.82 23.47 -16.76
N ALA A 350 -4.73 23.06 -16.12
CA ALA A 350 -3.53 22.60 -16.79
C ALA A 350 -3.65 21.14 -17.24
N CYS A 351 -4.42 20.35 -16.50
CA CYS A 351 -4.50 18.89 -16.77
C CYS A 351 -5.90 18.37 -17.08
N HIS A 352 -6.23 18.37 -18.38
CA HIS A 352 -7.58 18.05 -18.82
C HIS A 352 -7.63 17.74 -20.32
N ASP A 353 -8.69 17.10 -20.77
CA ASP A 353 -9.00 17.02 -22.20
C ASP A 353 -10.49 16.93 -22.39
N ASP A 354 -10.95 16.80 -23.63
CA ASP A 354 -12.40 16.81 -23.92
C ASP A 354 -13.16 15.76 -23.09
N ASN A 355 -12.44 14.75 -22.60
CA ASN A 355 -13.03 13.61 -21.89
C ASN A 355 -13.06 13.71 -20.39
N GLY A 356 -12.24 14.61 -19.83
CA GLY A 356 -12.27 14.87 -18.40
C GLY A 356 -10.97 15.34 -17.82
N ILE A 357 -10.79 15.06 -16.53
CA ILE A 357 -9.60 15.48 -15.79
C ILE A 357 -8.47 14.51 -16.09
N ILE A 358 -7.23 14.96 -15.92
CA ILE A 358 -6.04 14.12 -16.05
C ILE A 358 -5.08 14.40 -14.88
N TRP A 359 -5.59 14.09 -13.68
CA TRP A 359 -4.80 14.06 -12.45
C TRP A 359 -3.40 13.55 -12.64
N PRO A 360 -2.41 14.37 -12.23
CA PRO A 360 -1.01 13.92 -12.10
C PRO A 360 -0.90 12.86 -11.01
N GLU A 361 -0.02 11.88 -11.20
CA GLU A 361 0.07 10.73 -10.30
C GLU A 361 0.03 11.15 -8.84
N ALA A 362 0.83 12.17 -8.52
CA ALA A 362 1.04 12.63 -7.14
C ALA A 362 -0.17 13.19 -6.39
N VAL A 363 -1.17 13.71 -7.09
CA VAL A 363 -2.34 14.31 -6.41
C VAL A 363 -3.65 13.59 -6.65
N ALA A 364 -3.64 12.56 -7.50
CA ALA A 364 -4.83 11.78 -7.85
C ALA A 364 -5.52 11.21 -6.61
N PRO A 365 -6.85 11.19 -6.60
CA PRO A 365 -7.53 10.61 -5.43
C PRO A 365 -7.30 9.10 -5.34
N PHE A 366 -7.16 8.44 -6.49
CA PHE A 366 -6.69 7.06 -6.53
C PHE A 366 -5.71 6.92 -7.69
N ARG A 367 -4.81 5.95 -7.60
CA ARG A 367 -3.80 5.75 -8.63
C ARG A 367 -4.40 4.95 -9.78
N VAL A 368 -5.29 4.03 -9.43
CA VAL A 368 -5.90 3.14 -10.40
C VAL A 368 -7.36 2.83 -10.08
N THR A 369 -8.11 2.49 -11.11
CA THR A 369 -9.50 2.11 -10.97
C THR A 369 -9.75 0.85 -11.76
N ILE A 370 -10.37 -0.13 -11.12
CA ILE A 370 -10.64 -1.39 -11.75
C ILE A 370 -12.04 -1.31 -12.34
N LEU A 371 -12.17 -1.45 -13.65
CA LEU A 371 -13.51 -1.42 -14.26
C LEU A 371 -13.98 -2.82 -14.60
N ASN A 372 -14.99 -3.28 -13.87
CA ASN A 372 -15.56 -4.60 -14.10
C ASN A 372 -16.57 -4.44 -15.23
N LEU A 373 -16.29 -5.04 -16.38
CA LEU A 373 -17.05 -4.75 -17.60
C LEU A 373 -18.26 -5.66 -17.87
N LYS A 374 -18.54 -6.55 -16.92
CA LYS A 374 -19.72 -7.40 -17.01
C LYS A 374 -20.21 -7.65 -15.58
N GLN A 375 -20.61 -6.58 -14.90
CA GLN A 375 -20.81 -6.63 -13.46
C GLN A 375 -21.70 -7.80 -13.05
N GLY A 376 -21.40 -8.40 -11.91
CA GLY A 376 -22.20 -9.51 -11.37
C GLY A 376 -21.89 -10.87 -11.97
N ASP A 377 -20.99 -10.89 -12.94
CA ASP A 377 -20.57 -12.13 -13.56
C ASP A 377 -19.48 -12.82 -12.71
N ALA A 378 -19.76 -14.05 -12.28
CA ALA A 378 -18.88 -14.83 -11.40
C ALA A 378 -17.37 -14.75 -11.67
N ALA A 379 -16.99 -14.78 -12.96
CA ALA A 379 -15.57 -14.69 -13.35
C ALA A 379 -15.00 -13.31 -13.09
N THR A 380 -15.43 -12.33 -13.89
CA THR A 380 -14.95 -10.95 -13.81
C THR A 380 -15.06 -10.43 -12.40
N ASP A 381 -16.15 -10.75 -11.72
CA ASP A 381 -16.26 -10.41 -10.31
C ASP A 381 -15.05 -10.95 -9.54
N ALA A 382 -14.88 -12.28 -9.54
CA ALA A 382 -13.80 -12.91 -8.78
C ALA A 382 -12.44 -12.32 -9.15
N ALA A 383 -12.18 -12.18 -10.44
CA ALA A 383 -10.93 -11.56 -10.91
C ALA A 383 -10.76 -10.13 -10.39
N CYS A 384 -11.83 -9.33 -10.40
CA CYS A 384 -11.78 -7.97 -9.86
C CYS A 384 -11.62 -7.95 -8.35
N ASP A 385 -12.43 -8.74 -7.63
CA ASP A 385 -12.31 -8.84 -6.16
C ASP A 385 -10.87 -9.13 -5.72
N GLN A 386 -10.11 -9.68 -6.67
CA GLN A 386 -8.78 -10.21 -6.43
C GLN A 386 -7.70 -9.16 -6.64
N LEU A 387 -7.78 -8.48 -7.79
CA LEU A 387 -6.92 -7.36 -8.06
C LEU A 387 -7.10 -6.32 -6.97
N TYR A 388 -8.36 -6.04 -6.66
CA TYR A 388 -8.69 -5.05 -5.66
C TYR A 388 -7.93 -5.30 -4.37
N ARG A 389 -8.15 -6.49 -3.84
CA ARG A 389 -7.60 -6.93 -2.57
C ARG A 389 -6.06 -6.92 -2.59
N GLU A 390 -5.49 -7.22 -3.76
CA GLU A 390 -4.03 -7.28 -3.92
C GLU A 390 -3.30 -5.95 -4.13
N LEU A 391 -3.88 -5.01 -4.86
CA LEU A 391 -3.30 -3.68 -4.97
C LEU A 391 -3.38 -2.97 -3.62
N SER A 392 -4.55 -3.07 -2.98
CA SER A 392 -4.72 -2.50 -1.67
C SER A 392 -3.61 -3.03 -0.77
N ALA A 393 -3.43 -4.35 -0.79
CA ALA A 393 -2.38 -5.02 -0.02
C ALA A 393 -0.97 -4.51 -0.31
N LYS A 394 -0.71 -4.06 -1.55
CA LYS A 394 0.61 -3.52 -1.86
C LYS A 394 0.64 -2.00 -1.64
N GLY A 395 -0.40 -1.47 -0.98
CA GLY A 395 -0.50 -0.04 -0.73
C GLY A 395 -0.65 0.85 -1.98
N VAL A 396 -1.53 0.44 -2.89
CA VAL A 396 -1.89 1.24 -4.06
C VAL A 396 -3.27 1.74 -3.80
N ASP A 397 -3.47 3.06 -3.83
CA ASP A 397 -4.82 3.61 -3.65
C ASP A 397 -5.64 3.12 -4.84
N VAL A 398 -6.69 2.35 -4.60
CA VAL A 398 -7.40 1.69 -5.70
C VAL A 398 -8.88 1.90 -5.59
N LEU A 399 -9.56 2.17 -6.71
CA LEU A 399 -11.01 2.29 -6.71
C LEU A 399 -11.69 1.29 -7.67
N TYR A 400 -12.45 0.36 -7.11
CA TYR A 400 -13.15 -0.65 -7.90
C TYR A 400 -14.55 -0.15 -8.25
N ASP A 401 -14.75 0.08 -9.53
CA ASP A 401 -16.05 0.53 -10.03
C ASP A 401 -16.89 -0.71 -10.26
N ASP A 402 -17.53 -1.15 -9.18
CA ASP A 402 -18.31 -2.38 -9.17
C ASP A 402 -19.78 -2.03 -9.33
N THR A 403 -20.03 -0.87 -9.95
CA THR A 403 -21.38 -0.40 -10.14
C THR A 403 -22.04 -1.30 -11.15
N ASP A 404 -23.33 -1.51 -10.96
CA ASP A 404 -24.10 -2.34 -11.86
C ASP A 404 -24.44 -1.49 -13.11
N GLN A 405 -23.44 -1.37 -13.99
CA GLN A 405 -23.52 -0.46 -15.16
C GLN A 405 -22.84 -0.96 -16.45
N ARG A 406 -23.19 -0.36 -17.58
CA ARG A 406 -22.61 -0.70 -18.88
C ARG A 406 -21.17 -0.22 -19.04
N ALA A 407 -20.46 -0.88 -19.95
CA ALA A 407 -19.10 -0.52 -20.32
C ALA A 407 -18.87 0.97 -20.62
N GLY A 408 -19.54 1.48 -21.68
CA GLY A 408 -19.39 2.88 -22.12
C GLY A 408 -19.45 3.87 -20.97
N ALA A 409 -20.37 3.60 -20.04
CA ALA A 409 -20.59 4.42 -18.85
C ALA A 409 -19.38 4.44 -17.91
N LYS A 410 -18.81 3.25 -17.67
CA LYS A 410 -17.65 3.13 -16.81
C LYS A 410 -16.46 3.81 -17.42
N PHE A 411 -16.32 3.70 -18.74
CA PHE A 411 -15.21 4.37 -19.44
C PHE A 411 -15.40 5.86 -19.26
N ALA A 412 -16.58 6.34 -19.63
CA ALA A 412 -16.94 7.72 -19.45
C ALA A 412 -16.52 8.24 -18.09
N THR A 413 -17.05 7.63 -17.02
CA THR A 413 -16.83 8.09 -15.64
C THR A 413 -15.37 8.11 -15.22
N ALA A 414 -14.67 7.01 -15.49
CA ALA A 414 -13.27 6.88 -15.19
C ALA A 414 -12.52 8.07 -15.78
N ASP A 415 -12.74 8.28 -17.07
CA ASP A 415 -12.18 9.41 -17.78
C ASP A 415 -12.53 10.75 -17.07
N LEU A 416 -13.81 10.94 -16.78
CA LEU A 416 -14.25 12.16 -16.15
C LEU A 416 -13.42 12.51 -14.88
N ILE A 417 -13.28 11.52 -14.01
CA ILE A 417 -12.75 11.75 -12.68
C ILE A 417 -11.23 11.77 -12.62
N GLY A 418 -10.57 11.29 -13.67
CA GLY A 418 -9.18 11.62 -13.94
C GLY A 418 -8.09 10.73 -13.37
N ILE A 419 -8.51 9.62 -12.75
CA ILE A 419 -7.61 8.59 -12.26
C ILE A 419 -6.57 8.29 -13.33
N PRO A 420 -5.26 8.25 -12.96
CA PRO A 420 -4.18 8.07 -13.93
C PRO A 420 -4.12 6.72 -14.63
N TRP A 421 -4.52 5.64 -13.94
CA TRP A 421 -4.57 4.28 -14.54
C TRP A 421 -5.96 3.62 -14.44
N GLN A 422 -6.36 2.95 -15.51
CA GLN A 422 -7.59 2.15 -15.55
C GLN A 422 -7.28 0.70 -15.84
N ILE A 423 -7.86 -0.22 -15.08
CA ILE A 423 -7.78 -1.63 -15.47
C ILE A 423 -9.11 -2.19 -15.99
N HIS A 424 -9.12 -2.57 -17.27
CA HIS A 424 -10.33 -3.12 -17.86
C HIS A 424 -10.41 -4.63 -17.79
N VAL A 425 -11.34 -5.13 -16.99
CA VAL A 425 -11.51 -6.57 -16.89
C VAL A 425 -12.74 -6.93 -17.67
N GLY A 426 -12.52 -7.55 -18.84
CA GLY A 426 -13.62 -7.99 -19.74
C GLY A 426 -13.64 -9.49 -19.94
N PRO A 427 -14.82 -10.07 -20.32
CA PRO A 427 -15.00 -11.53 -20.29
C PRO A 427 -14.07 -12.27 -21.24
N ARG A 428 -14.11 -11.89 -22.52
CA ARG A 428 -13.22 -12.40 -23.58
C ARG A 428 -11.74 -12.22 -23.23
N GLY A 429 -11.35 -11.02 -22.78
CA GLY A 429 -9.97 -10.76 -22.38
C GLY A 429 -9.52 -11.63 -21.22
N LEU A 430 -10.42 -11.81 -20.25
CA LEU A 430 -10.13 -12.59 -19.05
C LEU A 430 -10.15 -14.09 -19.33
N ALA A 431 -10.91 -14.49 -20.35
CA ALA A 431 -11.02 -15.88 -20.76
C ALA A 431 -9.68 -16.44 -21.19
N GLU A 432 -8.68 -15.58 -21.23
CA GLU A 432 -7.31 -16.05 -21.47
C GLU A 432 -6.22 -15.39 -20.65
N GLY A 433 -6.57 -14.91 -19.46
CA GLY A 433 -5.59 -14.52 -18.49
C GLY A 433 -5.07 -13.13 -18.67
N LYS A 434 -5.64 -12.41 -19.63
CA LYS A 434 -5.27 -11.03 -19.92
C LYS A 434 -6.25 -9.97 -19.37
N VAL A 435 -5.71 -8.81 -18.99
CA VAL A 435 -6.53 -7.60 -18.74
C VAL A 435 -5.85 -6.37 -19.31
N GLU A 436 -6.65 -5.44 -19.79
CA GLU A 436 -6.12 -4.24 -20.45
C GLU A 436 -5.87 -3.15 -19.41
N LEU A 437 -4.65 -2.64 -19.42
CA LEU A 437 -4.24 -1.51 -18.57
C LEU A 437 -4.19 -0.26 -19.44
N LYS A 438 -4.82 0.84 -19.00
CA LYS A 438 -4.77 2.10 -19.78
C LYS A 438 -4.26 3.31 -18.99
N ARG A 439 -3.17 3.90 -19.44
CA ARG A 439 -2.70 5.16 -18.90
C ARG A 439 -3.55 6.34 -19.41
N ARG A 440 -4.09 7.13 -18.49
CA ARG A 440 -4.97 8.23 -18.83
C ARG A 440 -4.33 9.41 -19.57
N SER A 441 -3.08 9.75 -19.20
CA SER A 441 -2.27 10.74 -19.92
C SER A 441 -2.52 10.74 -21.40
N ASP A 442 -2.11 9.64 -22.01
CA ASP A 442 -1.97 9.56 -23.44
C ASP A 442 -2.78 8.42 -24.06
N GLY A 443 -3.49 7.67 -23.21
CA GLY A 443 -4.29 6.54 -23.66
C GLY A 443 -3.45 5.42 -24.20
N ALA A 444 -2.24 5.29 -23.67
CA ALA A 444 -1.42 4.11 -23.91
C ALA A 444 -2.18 2.98 -23.28
N ARG A 445 -2.23 1.84 -23.98
CA ARG A 445 -2.86 0.61 -23.48
C ARG A 445 -1.85 -0.49 -23.54
N GLU A 446 -2.17 -1.61 -22.89
CA GLU A 446 -1.30 -2.78 -22.89
C GLU A 446 -2.09 -3.96 -22.35
N ASN A 447 -2.18 -5.03 -23.13
CA ASN A 447 -2.83 -6.22 -22.63
C ASN A 447 -1.86 -7.09 -21.82
N LEU A 448 -2.17 -7.25 -20.53
CA LEU A 448 -1.30 -7.89 -19.57
C LEU A 448 -1.96 -9.05 -18.85
N ALA A 449 -1.14 -10.01 -18.43
CA ALA A 449 -1.55 -11.08 -17.52
C ALA A 449 -1.77 -10.48 -16.16
N LEU A 450 -2.69 -11.06 -15.39
CA LEU A 450 -3.00 -10.56 -14.05
C LEU A 450 -1.76 -10.36 -13.16
N ALA A 451 -0.96 -11.39 -12.97
CA ALA A 451 0.24 -11.28 -12.13
C ALA A 451 1.04 -10.05 -12.57
N ASP A 452 1.25 -9.93 -13.89
CA ASP A 452 1.92 -8.80 -14.55
C ASP A 452 1.42 -7.43 -14.11
N VAL A 453 0.10 -7.31 -13.90
CA VAL A 453 -0.55 -6.02 -13.64
C VAL A 453 -0.36 -5.53 -12.19
N VAL A 454 -0.59 -6.41 -11.22
CA VAL A 454 -0.43 -6.09 -9.81
C VAL A 454 0.99 -5.67 -9.48
N ALA A 455 1.98 -6.28 -10.15
CA ALA A 455 3.36 -5.80 -10.06
C ALA A 455 3.32 -4.50 -10.83
N ARG A 456 4.30 -4.25 -11.69
CA ARG A 456 4.20 -3.15 -12.69
C ARG A 456 3.65 -1.85 -12.10
N LEU A 457 2.36 -1.84 -11.76
CA LEU A 457 1.75 -0.71 -11.07
C LEU A 457 2.33 -0.44 -9.68
N THR A 458 3.23 -1.31 -9.21
CA THR A 458 3.87 -1.15 -7.90
C THR A 458 5.35 -0.77 -8.02
N ARG B 17 7.99 5.46 7.52
CA ARG B 17 9.40 5.92 7.50
C ARG B 17 9.68 7.08 8.47
N GLY B 18 9.11 6.98 9.69
CA GLY B 18 9.54 7.68 10.92
C GLY B 18 9.64 9.20 10.95
N SER B 19 8.76 9.83 11.74
CA SER B 19 8.82 11.28 12.04
C SER B 19 10.08 11.52 12.87
N HIS B 20 10.78 12.61 12.59
CA HIS B 20 12.05 12.81 13.26
C HIS B 20 12.31 14.26 13.54
N MET B 21 12.94 14.57 14.67
CA MET B 21 13.03 15.96 15.10
C MET B 21 14.07 16.21 16.17
N ARG B 22 15.00 17.12 15.88
CA ARG B 22 16.00 17.56 16.85
C ARG B 22 15.39 18.76 17.54
N LEU B 23 15.63 18.85 18.85
CA LEU B 23 15.01 19.86 19.67
C LEU B 23 15.58 21.25 19.41
N SER B 24 16.88 21.34 19.14
CA SER B 24 17.47 22.59 18.66
C SER B 24 16.77 23.09 17.39
N ARG B 25 16.11 22.22 16.62
CA ARG B 25 15.47 22.65 15.37
C ARG B 25 13.96 22.84 15.52
N PHE B 26 13.48 23.08 16.73
CA PHE B 26 12.06 22.95 17.02
C PHE B 26 11.48 24.21 17.68
N PHE B 27 10.23 24.14 18.11
CA PHE B 27 9.58 25.27 18.74
C PHE B 27 8.77 24.73 19.89
N LEU B 28 9.47 24.58 21.00
CA LEU B 28 8.86 24.12 22.21
C LEU B 28 9.19 25.13 23.29
N PRO B 29 8.27 26.06 23.59
CA PRO B 29 8.43 26.98 24.71
C PRO B 29 7.90 26.39 26.04
N ILE B 30 8.73 25.60 26.71
CA ILE B 30 8.43 25.09 28.07
C ILE B 30 8.27 26.24 29.10
N LEU B 31 7.42 26.03 30.10
CA LEU B 31 7.15 27.06 31.08
C LEU B 31 7.67 26.74 32.48
N LYS B 32 8.55 27.63 32.95
CA LYS B 32 9.11 27.70 34.30
C LYS B 32 8.24 27.05 35.38
N GLU B 33 7.26 27.78 35.92
CA GLU B 33 6.27 27.17 36.81
C GLU B 33 4.86 27.29 36.25
N ASN B 34 3.88 27.15 37.13
CA ASN B 34 2.50 26.86 36.72
C ASN B 34 1.71 28.13 36.44
N PRO B 35 1.19 28.29 35.21
CA PRO B 35 0.44 29.50 34.80
C PRO B 35 -0.70 29.88 35.75
N LYS B 36 -0.56 31.05 36.40
CA LYS B 36 -1.62 31.59 37.27
C LYS B 36 -3.01 31.29 36.72
N GLU B 37 -3.14 31.40 35.40
CA GLU B 37 -4.43 31.35 34.74
C GLU B 37 -5.08 29.95 34.56
N ALA B 38 -4.40 28.87 34.94
CA ALA B 38 -4.99 27.54 34.73
C ALA B 38 -5.50 26.89 36.00
N GLU B 39 -6.71 26.38 35.93
CA GLU B 39 -7.36 25.90 37.13
C GLU B 39 -7.27 24.37 37.32
N ILE B 40 -7.07 23.63 36.23
CA ILE B 40 -7.05 22.16 36.32
C ILE B 40 -5.80 21.58 35.68
N VAL B 41 -5.46 20.36 36.05
CA VAL B 41 -4.15 19.78 35.71
C VAL B 41 -3.88 19.75 34.21
N SER B 42 -4.92 19.49 33.42
CA SER B 42 -4.73 19.31 31.97
C SER B 42 -4.35 20.61 31.31
N HIS B 43 -5.07 21.67 31.61
CA HIS B 43 -4.78 23.02 31.10
C HIS B 43 -3.36 23.48 31.49
N ARG B 44 -3.00 23.21 32.73
CA ARG B 44 -1.70 23.58 33.28
C ARG B 44 -0.59 22.95 32.46
N LEU B 45 -0.59 21.62 32.38
CA LEU B 45 0.47 20.88 31.65
C LEU B 45 0.58 21.28 30.17
N MET B 46 -0.57 21.28 29.48
CA MET B 46 -0.63 21.77 28.10
C MET B 46 -0.01 23.15 27.96
N LEU B 47 -0.20 24.01 28.94
CA LEU B 47 0.41 25.32 28.84
C LEU B 47 1.88 25.22 29.15
N ARG B 48 2.20 24.43 30.18
CA ARG B 48 3.56 24.32 30.67
C ARG B 48 4.43 23.64 29.63
N ALA B 49 3.87 22.59 29.03
CA ALA B 49 4.53 21.73 28.05
C ALA B 49 4.59 22.30 26.65
N GLY B 50 4.30 23.58 26.49
CA GLY B 50 4.41 24.24 25.20
C GLY B 50 3.51 23.66 24.12
N MET B 51 2.26 23.40 24.47
CA MET B 51 1.36 22.78 23.49
C MET B 51 0.39 23.76 22.85
N LEU B 52 0.07 24.79 23.62
CA LEU B 52 -1.13 25.54 23.45
C LEU B 52 -0.84 27.01 23.75
N ARG B 53 -1.63 27.92 23.18
CA ARG B 53 -1.66 29.32 23.61
C ARG B 53 -3.02 29.94 23.35
N GLN B 54 -3.58 30.55 24.39
CA GLN B 54 -4.79 31.27 24.26
C GLN B 54 -4.56 32.53 23.44
N GLU B 55 -5.45 32.78 22.48
CA GLU B 55 -5.39 34.00 21.67
C GLU B 55 -6.64 34.81 21.95
N ALA B 56 -7.65 34.14 22.51
CA ALA B 56 -8.86 34.80 22.99
C ALA B 56 -9.55 33.87 23.96
N ALA B 57 -10.47 34.41 24.75
CA ALA B 57 -11.29 33.55 25.59
C ALA B 57 -11.77 32.34 24.78
N GLY B 58 -11.29 31.15 25.15
CA GLY B 58 -11.76 29.89 24.58
C GLY B 58 -11.40 29.71 23.11
N ILE B 59 -10.43 30.50 22.63
CA ILE B 59 -9.90 30.34 21.29
C ILE B 59 -8.38 30.19 21.36
N TYR B 60 -7.88 29.04 20.87
CA TYR B 60 -6.47 28.69 21.03
C TYR B 60 -5.68 28.44 19.77
N ALA B 61 -4.41 28.80 19.87
CA ALA B 61 -3.40 28.42 18.93
C ALA B 61 -2.88 27.09 19.42
N TRP B 62 -2.54 26.21 18.48
CA TRP B 62 -1.98 24.92 18.76
C TRP B 62 -0.54 25.02 18.34
N LEU B 63 0.35 25.10 19.34
CA LEU B 63 1.78 25.10 19.09
C LEU B 63 2.24 23.71 18.67
N PRO B 64 3.45 23.61 18.09
CA PRO B 64 3.81 22.42 17.32
C PRO B 64 3.69 21.12 18.09
N LEU B 65 4.18 21.04 19.32
CA LEU B 65 4.02 19.78 20.02
C LEU B 65 2.55 19.43 20.21
N GLY B 66 1.73 20.42 20.53
CA GLY B 66 0.28 20.20 20.70
C GLY B 66 -0.40 19.82 19.39
N HIS B 67 0.08 20.39 18.29
CA HIS B 67 -0.50 20.13 17.01
C HIS B 67 -0.21 18.67 16.58
N ARG B 68 1.01 18.25 16.85
CA ARG B 68 1.47 16.88 16.64
C ARG B 68 0.55 15.87 17.28
N VAL B 69 0.03 16.20 18.46
CA VAL B 69 -0.82 15.25 19.15
C VAL B 69 -2.22 15.24 18.55
N LEU B 70 -2.81 16.44 18.39
CA LEU B 70 -4.11 16.61 17.78
C LEU B 70 -4.23 15.77 16.51
N LYS B 71 -3.18 15.78 15.68
CA LYS B 71 -3.14 14.93 14.49
C LYS B 71 -3.26 13.43 14.81
N LYS B 72 -2.45 12.94 15.73
CA LYS B 72 -2.51 11.53 16.09
C LYS B 72 -3.96 11.17 16.43
N ILE B 73 -4.59 12.02 17.26
CA ILE B 73 -5.95 11.82 17.71
C ILE B 73 -6.91 11.77 16.53
N GLU B 74 -6.78 12.75 15.64
CA GLU B 74 -7.56 12.85 14.41
C GLU B 74 -7.53 11.53 13.63
N GLN B 75 -6.32 11.02 13.42
CA GLN B 75 -6.12 9.85 12.58
C GLN B 75 -6.77 8.58 13.13
N ILE B 76 -6.75 8.42 14.45
CA ILE B 76 -7.42 7.31 15.10
C ILE B 76 -8.90 7.39 14.81
N VAL B 77 -9.50 8.50 15.23
CA VAL B 77 -10.92 8.74 14.99
C VAL B 77 -11.26 8.39 13.52
N ARG B 78 -10.52 9.00 12.58
CA ARG B 78 -10.70 8.76 11.15
C ARG B 78 -10.70 7.26 10.80
N GLU B 79 -9.60 6.58 11.12
CA GLU B 79 -9.45 5.15 10.85
C GLU B 79 -10.66 4.36 11.28
N GLU B 80 -11.23 4.71 12.43
CA GLU B 80 -12.30 3.92 13.03
C GLU B 80 -13.69 4.18 12.45
N GLN B 81 -13.96 5.44 12.11
CA GLN B 81 -15.11 5.77 11.29
C GLN B 81 -15.02 5.03 9.95
N ASN B 82 -13.85 5.10 9.33
CA ASN B 82 -13.66 4.42 8.07
C ASN B 82 -13.86 2.92 8.19
N ARG B 83 -13.33 2.29 9.24
CA ARG B 83 -13.53 0.87 9.42
C ARG B 83 -15.01 0.51 9.60
N ALA B 84 -15.78 1.42 10.18
CA ALA B 84 -17.19 1.21 10.42
C ALA B 84 -18.01 1.50 9.17
N GLY B 85 -17.34 1.88 8.08
CA GLY B 85 -18.02 2.13 6.81
C GLY B 85 -18.29 3.58 6.43
N ALA B 86 -17.99 4.53 7.30
CA ALA B 86 -18.39 5.92 7.06
C ALA B 86 -17.48 6.58 6.05
N ILE B 87 -18.01 7.55 5.32
CA ILE B 87 -17.26 8.18 4.21
C ILE B 87 -16.92 9.64 4.53
N GLU B 88 -15.64 9.97 4.48
CA GLU B 88 -15.27 11.29 4.89
C GLU B 88 -15.48 12.30 3.80
N LEU B 89 -15.89 13.50 4.21
CA LEU B 89 -15.86 14.70 3.40
C LEU B 89 -15.60 15.89 4.34
N LEU B 90 -15.66 17.10 3.82
CA LEU B 90 -15.48 18.26 4.69
C LEU B 90 -16.50 19.32 4.35
N MET B 91 -17.26 19.75 5.35
CA MET B 91 -18.16 20.88 5.12
C MET B 91 -17.45 22.18 5.55
N PRO B 92 -17.90 23.34 5.03
CA PRO B 92 -17.38 24.64 5.41
C PRO B 92 -17.74 25.06 6.80
N THR B 93 -16.93 25.99 7.32
CA THR B 93 -17.08 26.53 8.66
C THR B 93 -18.26 27.53 8.79
N LEU B 94 -18.49 28.31 7.75
CA LEU B 94 -19.64 29.22 7.75
C LEU B 94 -20.81 28.63 6.99
N GLN B 95 -22.01 28.78 7.58
CA GLN B 95 -23.32 28.34 7.06
C GLN B 95 -24.33 29.49 7.01
N LEU B 96 -25.07 29.61 5.90
CA LEU B 96 -26.24 30.51 5.77
C LEU B 96 -27.37 30.26 6.78
N ALA B 97 -27.74 31.26 7.56
CA ALA B 97 -28.82 31.06 8.53
C ALA B 97 -30.10 30.62 7.84
N ASP B 98 -30.19 30.88 6.53
CA ASP B 98 -31.34 30.45 5.74
C ASP B 98 -31.68 28.98 6.02
N LEU B 99 -30.70 28.11 5.77
CA LEU B 99 -30.74 26.70 6.14
C LEU B 99 -31.39 26.50 7.51
N TRP B 100 -31.06 27.36 8.46
CA TRP B 100 -31.50 27.10 9.82
C TRP B 100 -32.98 27.42 10.10
N ARG B 101 -33.56 28.40 9.39
CA ARG B 101 -34.99 28.68 9.53
C ARG B 101 -35.78 27.58 8.87
N GLU B 102 -35.15 26.89 7.91
CA GLU B 102 -35.84 25.85 7.15
C GLU B 102 -36.24 24.65 8.03
N SER B 103 -35.29 24.18 8.86
CA SER B 103 -35.60 23.12 9.82
C SER B 103 -36.18 23.79 11.03
N GLY B 104 -35.94 25.09 11.11
CA GLY B 104 -36.39 25.87 12.24
C GLY B 104 -35.66 25.51 13.50
N ARG B 105 -34.34 25.51 13.44
CA ARG B 105 -33.54 25.48 14.66
C ARG B 105 -32.87 26.83 14.76
N TYR B 106 -33.38 27.77 13.97
CA TYR B 106 -32.85 29.10 13.92
C TYR B 106 -32.53 29.67 15.30
N ASP B 107 -33.37 29.35 16.28
CA ASP B 107 -33.21 29.88 17.64
C ASP B 107 -32.90 28.81 18.71
N ALA B 108 -32.66 27.58 18.26
CA ALA B 108 -32.41 26.44 19.16
C ALA B 108 -31.11 26.55 19.96
N TYR B 109 -30.09 27.17 19.37
CA TYR B 109 -28.84 27.35 20.13
C TYR B 109 -28.78 28.66 20.93
N GLY B 110 -29.55 29.66 20.51
CA GLY B 110 -29.72 30.87 21.29
C GLY B 110 -28.45 31.72 21.42
N PRO B 111 -28.11 32.14 22.66
CA PRO B 111 -26.93 32.95 22.91
C PRO B 111 -25.66 32.19 22.54
N GLU B 112 -25.67 30.87 22.75
CA GLU B 112 -24.55 30.01 22.47
C GLU B 112 -24.12 30.00 20.98
N MET B 113 -24.81 30.77 20.13
CA MET B 113 -24.69 30.65 18.66
C MET B 113 -24.16 31.89 17.99
N LEU B 114 -23.11 31.78 17.20
CA LEU B 114 -22.41 32.95 16.64
C LEU B 114 -22.88 33.42 15.25
N ARG B 115 -23.65 34.51 15.20
CA ARG B 115 -24.18 35.01 13.91
C ARG B 115 -23.28 36.05 13.29
N ILE B 116 -23.21 36.02 11.97
CA ILE B 116 -22.34 36.92 11.23
C ILE B 116 -23.16 37.55 10.15
N ALA B 117 -22.73 38.73 9.69
CA ALA B 117 -23.31 39.35 8.50
C ALA B 117 -22.21 39.69 7.50
N ASP B 118 -22.34 39.26 6.24
CA ASP B 118 -21.34 39.61 5.20
C ASP B 118 -21.42 41.03 4.65
N ARG B 119 -20.66 41.31 3.59
CA ARG B 119 -20.60 42.65 3.03
C ARG B 119 -21.87 42.99 2.25
N HIS B 120 -22.82 42.06 2.26
CA HIS B 120 -24.10 42.24 1.61
C HIS B 120 -25.20 41.99 2.66
N LYS B 121 -24.84 42.11 3.94
CA LYS B 121 -25.69 41.71 5.07
C LYS B 121 -26.52 40.45 4.84
N ARG B 122 -25.86 39.28 4.80
CA ARG B 122 -26.56 38.01 4.63
C ARG B 122 -26.37 37.16 5.85
N GLU B 123 -27.45 36.96 6.61
CA GLU B 123 -27.47 36.07 7.79
C GLU B 123 -26.61 34.79 7.63
N LEU B 124 -25.32 34.89 7.97
CA LEU B 124 -24.45 33.70 8.05
C LEU B 124 -24.24 33.33 9.52
N LEU B 125 -23.48 32.28 9.77
CA LEU B 125 -23.18 31.87 11.13
C LEU B 125 -22.03 30.87 11.12
N TYR B 126 -21.16 30.92 12.11
CA TYR B 126 -20.12 29.92 12.25
C TYR B 126 -20.81 28.71 12.83
N GLY B 127 -20.82 27.60 12.09
CA GLY B 127 -21.65 26.45 12.46
C GLY B 127 -21.31 25.71 13.74
N PRO B 128 -22.28 25.60 14.67
CA PRO B 128 -22.01 24.82 15.87
C PRO B 128 -22.13 23.30 15.65
N THR B 129 -22.67 22.92 14.49
CA THR B 129 -22.97 21.55 14.12
C THR B 129 -23.49 21.57 12.67
N ASN B 130 -23.86 20.43 12.11
CA ASN B 130 -24.11 20.39 10.68
C ASN B 130 -25.29 19.51 10.23
N GLU B 131 -26.14 19.10 11.18
CA GLU B 131 -27.34 18.31 10.87
C GLU B 131 -28.08 18.81 9.62
N GLU B 132 -28.18 20.13 9.47
CA GLU B 132 -28.91 20.73 8.36
C GLU B 132 -28.10 20.89 7.08
N MET B 133 -26.79 21.09 7.20
CA MET B 133 -25.92 21.11 6.04
C MET B 133 -25.94 19.75 5.38
N ILE B 134 -25.74 18.70 6.19
CA ILE B 134 -25.59 17.37 5.66
C ILE B 134 -26.90 16.88 5.04
N THR B 135 -28.02 17.25 5.64
CA THR B 135 -29.30 16.89 5.04
C THR B 135 -29.49 17.57 3.69
N GLU B 136 -29.16 18.85 3.62
CA GLU B 136 -29.23 19.61 2.36
C GLU B 136 -28.40 18.94 1.26
N ILE B 137 -27.30 18.32 1.65
CA ILE B 137 -26.42 17.64 0.71
C ILE B 137 -27.00 16.28 0.36
N PHE B 138 -27.54 15.59 1.36
CA PHE B 138 -28.12 14.30 1.10
C PHE B 138 -29.25 14.39 0.09
N ARG B 139 -30.10 15.41 0.23
CA ARG B 139 -31.30 15.58 -0.61
C ARG B 139 -30.98 16.03 -2.04
N ALA B 140 -29.79 16.52 -2.25
CA ALA B 140 -29.41 16.96 -3.58
C ALA B 140 -29.09 15.77 -4.48
N TYR B 141 -28.74 14.64 -3.89
CA TYR B 141 -28.09 13.58 -4.66
C TYR B 141 -28.66 12.20 -4.54
N ILE B 142 -29.19 11.88 -3.37
CA ILE B 142 -29.69 10.55 -3.04
C ILE B 142 -31.20 10.44 -3.17
N LYS B 143 -31.67 9.55 -4.04
CA LYS B 143 -33.13 9.45 -4.30
C LYS B 143 -33.77 8.08 -4.03
N SER B 144 -32.96 7.05 -3.81
CA SER B 144 -33.47 5.68 -3.75
C SER B 144 -32.97 4.89 -2.55
N TYR B 145 -33.84 4.04 -2.00
CA TYR B 145 -33.51 3.24 -0.82
C TYR B 145 -32.24 2.43 -1.04
N LYS B 146 -31.92 2.20 -2.30
CA LYS B 146 -30.73 1.42 -2.64
C LYS B 146 -29.46 2.05 -2.15
N SER B 147 -29.37 3.38 -2.21
CA SER B 147 -28.15 4.12 -1.82
C SER B 147 -27.82 3.97 -0.35
N LEU B 148 -28.78 3.48 0.42
CA LEU B 148 -28.72 3.40 1.88
C LEU B 148 -28.33 2.00 2.37
N PRO B 149 -27.75 1.88 3.57
CA PRO B 149 -27.41 2.92 4.54
C PRO B 149 -26.21 3.71 4.06
N LEU B 150 -26.18 4.98 4.43
CA LEU B 150 -25.10 5.86 4.09
C LEU B 150 -24.68 6.60 5.36
N ASN B 151 -23.38 6.85 5.51
CA ASN B 151 -22.83 7.58 6.63
C ASN B 151 -21.67 8.48 6.17
N LEU B 152 -21.97 9.77 5.99
CA LEU B 152 -20.98 10.77 5.65
C LEU B 152 -20.46 11.41 6.94
N TYR B 153 -19.22 11.89 6.93
CA TYR B 153 -18.67 12.49 8.15
C TYR B 153 -17.60 13.49 7.86
N HIS B 154 -17.37 14.43 8.77
CA HIS B 154 -16.17 15.26 8.64
C HIS B 154 -15.52 15.57 9.94
N ILE B 155 -14.31 16.08 9.86
CA ILE B 155 -13.56 16.55 11.01
C ILE B 155 -13.24 18.03 10.79
N GLN B 156 -14.04 18.86 11.42
CA GLN B 156 -14.05 20.28 11.11
C GLN B 156 -14.26 21.16 12.33
N TRP B 157 -13.82 22.40 12.22
CA TRP B 157 -13.87 23.32 13.35
C TRP B 157 -15.28 23.81 13.60
N LYS B 158 -15.67 23.81 14.86
CA LYS B 158 -16.97 24.30 15.26
C LYS B 158 -16.81 25.47 16.24
N PHE B 159 -17.84 26.31 16.34
CA PHE B 159 -17.82 27.41 17.29
C PHE B 159 -19.10 27.51 18.09
N ARG B 160 -18.97 27.37 19.39
CA ARG B 160 -20.08 27.64 20.29
C ARG B 160 -19.71 28.74 21.29
N ASP B 161 -20.44 29.85 21.21
CA ASP B 161 -20.18 31.03 22.05
C ASP B 161 -20.66 30.79 23.48
N GLU B 162 -20.08 29.75 24.07
CA GLU B 162 -20.04 29.50 25.50
C GLU B 162 -20.00 30.79 26.29
N GLN B 163 -20.72 30.84 27.40
CA GLN B 163 -20.84 32.09 28.10
C GLN B 163 -19.57 32.39 28.90
N ARG B 164 -19.01 31.32 29.45
CA ARG B 164 -17.85 31.45 30.29
C ARG B 164 -16.95 30.31 29.90
N PRO B 165 -15.99 30.56 29.00
CA PRO B 165 -15.11 29.51 28.51
C PRO B 165 -14.03 29.21 29.55
N ARG B 166 -13.85 27.92 29.83
CA ARG B 166 -12.94 27.48 30.88
C ARG B 166 -12.14 26.29 30.46
N PHE B 167 -11.27 25.88 31.37
CA PHE B 167 -10.57 24.59 31.31
C PHE B 167 -9.77 24.30 30.02
N GLY B 168 -9.39 25.37 29.32
CA GLY B 168 -8.64 25.21 28.09
C GLY B 168 -9.47 24.48 27.07
N VAL B 169 -8.85 23.53 26.38
CA VAL B 169 -9.49 22.75 25.33
C VAL B 169 -10.82 22.09 25.71
N MET B 170 -10.99 21.84 27.00
CA MET B 170 -12.15 21.19 27.55
C MET B 170 -13.47 21.94 27.32
N ARG B 171 -13.50 23.24 27.63
CA ARG B 171 -14.68 24.06 27.35
C ARG B 171 -14.30 25.36 26.63
N GLY B 172 -14.14 25.25 25.32
CA GLY B 172 -13.67 26.38 24.55
C GLY B 172 -14.74 26.87 23.61
N ARG B 173 -14.40 27.81 22.76
CA ARG B 173 -15.36 28.35 21.84
C ARG B 173 -15.09 27.89 20.40
N GLU B 174 -13.83 27.90 20.00
CA GLU B 174 -13.48 27.30 18.72
C GLU B 174 -12.91 25.94 19.05
N PHE B 175 -13.51 24.89 18.52
CA PHE B 175 -13.07 23.56 18.86
C PHE B 175 -13.22 22.59 17.69
N LEU B 176 -12.47 21.48 17.72
CA LEU B 176 -12.45 20.56 16.62
C LEU B 176 -13.40 19.38 16.86
N MET B 177 -14.18 19.01 15.86
CA MET B 177 -15.07 17.86 15.98
C MET B 177 -15.08 16.99 14.75
N LYS B 178 -15.13 15.68 14.97
CA LYS B 178 -15.55 14.73 13.93
C LYS B 178 -17.03 14.61 14.14
N ASP B 179 -17.82 15.08 13.18
CA ASP B 179 -19.26 14.81 13.19
C ASP B 179 -19.67 14.00 11.99
N ALA B 180 -20.32 12.87 12.26
CA ALA B 180 -20.79 11.94 11.24
C ALA B 180 -22.29 11.94 11.28
N TYR B 181 -22.90 11.40 10.26
CA TYR B 181 -24.35 11.47 10.10
C TYR B 181 -24.79 10.25 9.32
N SER B 182 -25.76 9.52 9.84
CA SER B 182 -26.26 8.31 9.17
C SER B 182 -27.61 8.52 8.49
N PHE B 183 -27.86 7.76 7.44
CA PHE B 183 -29.02 7.96 6.57
C PHE B 183 -29.66 6.61 6.15
N ASP B 184 -30.74 6.20 6.82
CA ASP B 184 -31.45 4.92 6.51
C ASP B 184 -32.94 5.09 6.10
N VAL B 185 -33.48 4.07 5.43
CA VAL B 185 -34.86 4.09 4.89
C VAL B 185 -35.93 4.17 5.95
N ASP B 186 -35.70 3.50 7.06
CA ASP B 186 -36.74 3.33 8.06
C ASP B 186 -36.15 3.30 9.47
N GLU B 187 -36.98 3.01 10.47
CA GLU B 187 -36.49 2.96 11.82
C GLU B 187 -35.52 1.80 11.98
N ALA B 188 -35.98 0.56 11.83
CA ALA B 188 -35.13 -0.63 12.06
C ALA B 188 -33.72 -0.48 11.44
N GLY B 189 -33.65 0.13 10.26
CA GLY B 189 -32.37 0.50 9.67
C GLY B 189 -31.52 1.33 10.62
N ALA B 190 -31.92 2.58 10.86
CA ALA B 190 -31.13 3.52 11.64
C ALA B 190 -30.69 2.98 12.98
N ARG B 191 -31.49 2.12 13.59
CA ARG B 191 -31.08 1.42 14.81
C ARG B 191 -29.84 0.57 14.63
N LYS B 192 -29.58 0.13 13.39
CA LYS B 192 -28.36 -0.58 13.01
C LYS B 192 -27.20 0.39 12.80
N SER B 193 -27.43 1.45 12.03
CA SER B 193 -26.42 2.49 11.77
C SER B 193 -25.96 3.14 13.08
N TYR B 194 -26.90 3.26 14.01
CA TYR B 194 -26.64 3.74 15.35
C TYR B 194 -25.59 2.81 15.91
N ASN B 195 -25.92 1.53 16.11
CA ASN B 195 -24.99 0.55 16.71
C ASN B 195 -23.58 0.50 16.07
N LYS B 196 -23.50 0.54 14.74
CA LYS B 196 -22.18 0.61 14.12
C LYS B 196 -21.34 1.65 14.88
N MET B 197 -21.86 2.87 14.94
CA MET B 197 -21.13 3.98 15.48
C MET B 197 -20.78 3.71 16.92
N PHE B 198 -21.76 3.16 17.64
CA PHE B 198 -21.62 2.87 19.05
C PHE B 198 -20.39 2.01 19.25
N VAL B 199 -20.30 0.94 18.47
CA VAL B 199 -19.14 0.05 18.58
C VAL B 199 -17.87 0.83 18.23
N ALA B 200 -17.91 1.59 17.13
CA ALA B 200 -16.71 2.26 16.62
C ALA B 200 -16.17 3.25 17.62
N TYR B 201 -17.07 3.82 18.42
CA TYR B 201 -16.68 4.73 19.49
C TYR B 201 -15.97 3.96 20.60
N LEU B 202 -16.49 2.78 20.93
CA LEU B 202 -15.85 1.93 21.95
C LEU B 202 -14.41 1.65 21.64
N ARG B 203 -14.14 1.38 20.37
CA ARG B 203 -12.78 1.12 19.96
C ARG B 203 -11.93 2.39 20.01
N THR B 204 -12.49 3.47 19.48
CA THR B 204 -11.81 4.76 19.36
C THR B 204 -11.17 5.25 20.64
N PHE B 205 -11.99 5.38 21.68
CA PHE B 205 -11.47 5.83 22.96
C PHE B 205 -10.50 4.84 23.57
N ALA B 206 -10.73 3.55 23.28
CA ALA B 206 -9.89 2.51 23.82
C ALA B 206 -8.52 2.56 23.20
N ARG B 207 -8.45 2.90 21.92
CA ARG B 207 -7.17 3.03 21.21
C ARG B 207 -6.36 4.21 21.70
N MET B 208 -7.00 5.09 22.47
CA MET B 208 -6.32 6.21 23.10
C MET B 208 -6.16 5.90 24.58
N GLY B 209 -6.14 4.62 24.93
CA GLY B 209 -6.13 4.20 26.32
C GLY B 209 -6.99 5.06 27.24
N LEU B 210 -8.30 5.10 26.96
CA LEU B 210 -9.27 5.67 27.90
C LEU B 210 -10.51 4.78 28.02
N LYS B 211 -10.89 4.44 29.23
CA LYS B 211 -12.11 3.71 29.39
C LYS B 211 -13.26 4.72 29.38
N ALA B 212 -13.81 4.95 28.19
CA ALA B 212 -14.93 5.86 28.05
C ALA B 212 -16.17 5.02 28.20
N ILE B 213 -17.06 5.41 29.12
CA ILE B 213 -18.19 4.57 29.48
C ILE B 213 -19.45 5.10 28.87
N PRO B 214 -20.24 4.24 28.18
CA PRO B 214 -21.51 4.61 27.57
C PRO B 214 -22.59 4.88 28.61
N MET B 215 -23.29 6.01 28.48
CA MET B 215 -24.28 6.42 29.47
C MET B 215 -25.51 6.98 28.81
N ARG B 216 -26.69 6.68 29.35
CA ARG B 216 -27.89 7.20 28.75
C ARG B 216 -27.89 8.72 28.89
N ALA B 217 -28.40 9.40 27.86
CA ALA B 217 -28.21 10.85 27.72
C ALA B 217 -29.43 11.62 27.16
N GLU B 218 -29.29 12.94 27.08
CA GLU B 218 -30.37 13.82 26.73
C GLU B 218 -30.00 14.53 25.45
N THR B 219 -30.93 14.66 24.53
CA THR B 219 -30.58 15.11 23.18
C THR B 219 -30.41 16.61 22.98
N GLY B 220 -30.94 17.43 23.88
CA GLY B 220 -30.79 18.89 23.78
C GLY B 220 -31.46 19.39 22.52
N PRO B 221 -30.79 20.32 21.78
CA PRO B 221 -31.38 20.85 20.56
C PRO B 221 -31.08 20.01 19.30
N ILE B 222 -30.76 18.72 19.49
CA ILE B 222 -30.39 17.80 18.39
C ILE B 222 -31.48 16.75 18.10
N GLY B 223 -32.53 16.76 18.94
CA GLY B 223 -33.69 15.85 18.79
C GLY B 223 -33.46 14.38 19.17
N GLY B 224 -34.56 13.61 19.25
CA GLY B 224 -34.49 12.16 19.44
C GLY B 224 -34.72 11.69 20.87
N ASP B 225 -35.08 10.42 21.04
CA ASP B 225 -35.17 9.83 22.37
C ASP B 225 -34.06 8.82 22.68
N LEU B 226 -33.27 8.50 21.65
CA LEU B 226 -32.09 7.66 21.82
C LEU B 226 -30.83 8.50 21.65
N SER B 227 -29.93 8.39 22.64
CA SER B 227 -28.66 9.06 22.65
C SER B 227 -27.84 8.49 23.78
N HIS B 228 -26.56 8.31 23.52
CA HIS B 228 -25.64 7.95 24.58
C HIS B 228 -24.54 8.96 24.56
N GLU B 229 -24.15 9.44 25.73
CA GLU B 229 -22.84 10.09 25.80
C GLU B 229 -21.80 9.09 26.27
N PHE B 230 -20.57 9.31 25.81
CA PHE B 230 -19.40 8.55 26.21
C PHE B 230 -18.64 9.42 27.15
N ILE B 231 -18.38 8.90 28.34
CA ILE B 231 -17.83 9.70 29.43
C ILE B 231 -16.67 8.99 30.10
N VAL B 232 -15.57 9.73 30.23
CA VAL B 232 -14.39 9.22 30.93
C VAL B 232 -14.48 9.75 32.34
N LEU B 233 -14.31 8.86 33.31
CA LEU B 233 -14.36 9.21 34.74
C LEU B 233 -13.18 10.12 35.11
N ALA B 234 -13.40 10.99 36.09
CA ALA B 234 -12.46 12.08 36.38
C ALA B 234 -12.41 12.46 37.84
N GLU B 235 -11.69 13.55 38.10
CA GLU B 235 -11.87 14.29 39.35
C GLU B 235 -12.17 15.75 39.05
N THR B 236 -12.49 16.04 37.80
CA THR B 236 -13.12 17.30 37.42
C THR B 236 -14.07 17.01 36.26
N GLY B 237 -15.38 17.08 36.54
CA GLY B 237 -16.38 16.78 35.54
C GLY B 237 -17.33 17.93 35.39
N GLU B 238 -17.62 18.29 34.15
CA GLU B 238 -18.69 19.23 33.84
C GLU B 238 -19.98 18.56 34.28
N SER B 239 -19.95 17.23 34.30
CA SER B 239 -21.10 16.37 34.62
C SER B 239 -20.77 15.38 35.73
N GLY B 240 -21.74 15.10 36.59
CA GLY B 240 -21.58 14.11 37.64
C GLY B 240 -22.37 12.85 37.33
N VAL B 241 -21.79 11.70 37.67
CA VAL B 241 -22.30 10.43 37.21
C VAL B 241 -22.49 9.44 38.32
N TYR B 242 -23.33 8.44 38.09
CA TYR B 242 -23.53 7.36 39.06
C TYR B 242 -23.45 5.98 38.40
N ILE B 243 -22.34 5.28 38.62
CA ILE B 243 -22.11 3.99 37.98
C ILE B 243 -21.83 2.83 38.94
N ASP B 244 -22.02 1.62 38.42
CA ASP B 244 -21.57 0.37 39.02
C ASP B 244 -20.16 0.10 38.54
N ARG B 245 -19.23 -0.15 39.46
CA ARG B 245 -17.80 -0.41 39.15
C ARG B 245 -17.56 -1.40 37.98
N ASP B 246 -18.39 -2.44 37.89
CA ASP B 246 -18.22 -3.56 36.93
C ASP B 246 -18.17 -3.18 35.43
N VAL B 247 -18.88 -2.11 35.06
CA VAL B 247 -18.88 -1.55 33.71
C VAL B 247 -17.46 -1.26 33.18
N LEU B 248 -16.45 -1.57 34.01
CA LEU B 248 -15.04 -1.23 33.76
C LEU B 248 -14.14 -2.40 33.31
N ASN B 249 -14.64 -3.62 33.47
CA ASN B 249 -13.94 -4.81 33.00
C ASN B 249 -14.48 -5.29 31.65
N LEU B 250 -15.61 -4.74 31.24
CA LEU B 250 -16.21 -5.12 29.96
C LEU B 250 -15.21 -5.06 28.79
N PRO B 251 -15.11 -6.16 27.99
CA PRO B 251 -14.24 -6.16 26.81
C PRO B 251 -14.64 -5.11 25.78
N VAL B 252 -13.70 -4.70 24.94
CA VAL B 252 -14.02 -3.87 23.79
C VAL B 252 -13.85 -4.77 22.56
N PRO B 253 -14.61 -4.56 21.47
CA PRO B 253 -14.40 -5.37 20.27
C PRO B 253 -13.13 -5.01 19.52
N ASP B 254 -12.48 -6.02 18.95
CA ASP B 254 -11.20 -5.87 18.26
C ASP B 254 -11.43 -5.57 16.77
N GLU B 255 -10.38 -5.07 16.10
CA GLU B 255 -10.43 -4.64 14.69
C GLU B 255 -11.21 -5.51 13.68
N ASN B 256 -11.39 -6.80 13.99
CA ASN B 256 -12.05 -7.71 13.03
C ASN B 256 -13.55 -7.83 13.23
N VAL B 257 -14.07 -7.08 14.20
CA VAL B 257 -15.51 -6.99 14.40
C VAL B 257 -16.19 -6.79 13.04
N ASP B 258 -17.29 -7.52 12.81
CA ASP B 258 -18.03 -7.47 11.54
C ASP B 258 -19.23 -6.49 11.65
N TYR B 259 -19.00 -5.21 11.31
CA TYR B 259 -20.04 -4.15 11.37
C TYR B 259 -21.27 -4.43 10.50
N ASP B 260 -21.10 -5.31 9.53
CA ASP B 260 -22.17 -5.75 8.65
C ASP B 260 -23.10 -6.77 9.31
N GLY B 261 -22.81 -7.16 10.55
CA GLY B 261 -23.58 -8.23 11.20
C GLY B 261 -24.47 -7.72 12.33
N ASP B 262 -25.11 -8.64 13.06
CA ASP B 262 -25.87 -8.26 14.24
C ASP B 262 -24.97 -7.85 15.43
N LEU B 263 -25.12 -6.59 15.84
CA LEU B 263 -24.31 -5.97 16.90
C LEU B 263 -25.00 -5.89 18.28
N THR B 264 -26.30 -6.21 18.32
CA THR B 264 -27.11 -6.25 19.55
C THR B 264 -26.44 -6.84 20.81
N PRO B 265 -25.85 -8.06 20.73
CA PRO B 265 -25.11 -8.64 21.85
C PRO B 265 -24.06 -7.74 22.47
N ILE B 266 -23.33 -6.99 21.68
CA ILE B 266 -22.33 -6.11 22.28
C ILE B 266 -23.03 -4.95 22.97
N ILE B 267 -24.00 -4.37 22.27
CA ILE B 267 -24.78 -3.26 22.79
C ILE B 267 -25.48 -3.65 24.09
N LYS B 268 -26.18 -4.79 24.06
CA LYS B 268 -26.69 -5.39 25.27
C LYS B 268 -25.58 -5.39 26.32
N GLN B 269 -24.46 -6.02 25.99
CA GLN B 269 -23.36 -6.22 26.94
C GLN B 269 -22.87 -4.92 27.54
N TRP B 270 -23.18 -3.82 26.88
CA TRP B 270 -22.66 -2.56 27.37
C TRP B 270 -23.71 -1.66 27.98
N THR B 271 -24.86 -2.21 28.32
CA THR B 271 -25.94 -1.38 28.86
C THR B 271 -26.68 -2.02 30.04
N SER B 272 -26.58 -3.35 30.15
CA SER B 272 -27.29 -4.13 31.18
C SER B 272 -26.90 -3.73 32.61
N VAL B 273 -25.79 -3.00 32.70
CA VAL B 273 -25.25 -2.53 33.96
C VAL B 273 -25.65 -1.06 34.16
N TYR B 274 -25.89 -0.67 35.41
CA TYR B 274 -26.24 0.71 35.71
C TYR B 274 -25.18 1.77 35.35
N ALA B 275 -25.54 2.67 34.44
CA ALA B 275 -24.70 3.79 34.11
C ALA B 275 -25.60 4.98 33.90
N ALA B 276 -25.32 6.09 34.58
CA ALA B 276 -26.14 7.27 34.40
C ALA B 276 -25.45 8.56 34.76
N THR B 277 -25.65 9.57 33.91
CA THR B 277 -25.34 10.95 34.24
C THR B 277 -26.35 11.43 35.26
N GLU B 278 -26.13 12.60 35.83
CA GLU B 278 -27.05 13.14 36.84
C GLU B 278 -28.36 13.65 36.23
N ASP B 279 -28.33 13.90 34.91
CA ASP B 279 -29.48 14.34 34.11
C ASP B 279 -30.59 13.28 34.05
N VAL B 280 -30.20 12.01 34.03
CA VAL B 280 -31.15 10.91 33.91
C VAL B 280 -31.01 9.86 35.00
N HIS B 281 -30.40 10.25 36.12
CA HIS B 281 -30.24 9.39 37.31
C HIS B 281 -31.58 9.06 38.01
N GLU B 282 -31.67 7.87 38.63
CA GLU B 282 -32.85 7.45 39.44
C GLU B 282 -32.47 6.63 40.68
N PRO B 283 -32.29 7.28 41.86
CA PRO B 283 -31.63 6.57 42.96
C PRO B 283 -32.44 5.37 43.42
N ALA B 284 -33.76 5.53 43.47
CA ALA B 284 -34.70 4.47 43.81
C ALA B 284 -34.51 3.28 42.88
N ARG B 285 -34.12 3.55 41.65
CA ARG B 285 -33.94 2.54 40.60
C ARG B 285 -32.56 1.89 40.73
N TYR B 286 -31.67 2.57 41.44
CA TYR B 286 -30.22 2.32 41.39
C TYR B 286 -29.80 1.40 42.53
N GLU B 287 -30.12 1.79 43.76
CA GLU B 287 -29.89 0.97 44.97
C GLU B 287 -30.54 -0.40 44.85
N SER B 288 -31.53 -0.48 43.95
CA SER B 288 -32.19 -1.71 43.55
C SER B 288 -31.19 -2.75 43.04
N GLU B 289 -30.26 -2.29 42.20
CA GLU B 289 -29.44 -3.21 41.41
C GLU B 289 -27.96 -2.82 41.31
N VAL B 290 -27.34 -2.55 42.46
CA VAL B 290 -25.89 -2.55 42.60
C VAL B 290 -25.57 -3.12 43.97
N PRO B 291 -24.47 -3.88 44.08
CA PRO B 291 -24.05 -4.20 45.44
C PRO B 291 -23.37 -2.96 46.04
N GLU B 292 -23.68 -2.65 47.31
CA GLU B 292 -23.32 -1.36 47.92
C GLU B 292 -21.85 -0.96 47.71
N ALA B 293 -21.00 -1.96 47.49
CA ALA B 293 -19.56 -1.76 47.40
C ALA B 293 -19.06 -1.30 46.04
N ASN B 294 -19.86 -1.52 45.00
CA ASN B 294 -19.45 -1.19 43.62
C ASN B 294 -19.92 0.19 43.10
N ARG B 295 -20.49 1.01 43.98
CA ARG B 295 -21.37 2.11 43.56
C ARG B 295 -20.76 3.36 42.89
N LEU B 296 -19.44 3.41 42.77
CA LEU B 296 -18.74 4.65 42.44
C LEU B 296 -19.56 5.78 41.81
N ASN B 297 -20.06 6.66 42.67
CA ASN B 297 -20.45 8.04 42.33
C ASN B 297 -19.15 8.86 42.05
N THR B 298 -19.15 9.63 40.98
CA THR B 298 -17.97 10.42 40.61
C THR B 298 -18.29 11.40 39.47
N ARG B 299 -17.35 12.27 39.13
CA ARG B 299 -17.55 13.17 38.00
C ARG B 299 -16.90 12.59 36.71
N GLY B 300 -17.28 13.13 35.55
CA GLY B 300 -16.78 12.65 34.26
C GLY B 300 -16.74 13.65 33.13
N ILE B 301 -15.88 13.40 32.14
CA ILE B 301 -15.80 14.26 30.98
C ILE B 301 -16.44 13.60 29.76
N GLU B 302 -17.54 14.20 29.28
CA GLU B 302 -18.18 13.79 28.03
C GLU B 302 -17.19 13.96 26.89
N VAL B 303 -16.80 12.86 26.27
CA VAL B 303 -15.85 12.91 25.14
C VAL B 303 -16.57 12.75 23.79
N GLY B 304 -17.84 12.37 23.83
CA GLY B 304 -18.61 12.20 22.61
C GLY B 304 -20.04 11.83 22.94
N GLN B 305 -20.92 11.98 21.96
CA GLN B 305 -22.35 11.65 22.13
C GLN B 305 -22.92 11.13 20.83
N ILE B 306 -23.90 10.24 20.91
CA ILE B 306 -24.48 9.62 19.71
C ILE B 306 -25.99 9.73 19.79
N PHE B 307 -26.64 10.10 18.69
CA PHE B 307 -28.06 10.49 18.69
C PHE B 307 -28.81 9.79 17.56
N TYR B 308 -29.99 9.27 17.85
CA TYR B 308 -30.96 8.89 16.80
C TYR B 308 -32.24 9.80 16.74
N PHE B 309 -32.46 10.50 15.63
CA PHE B 309 -33.55 11.47 15.59
C PHE B 309 -34.62 11.26 14.52
N GLY B 310 -34.78 10.02 14.08
CA GLY B 310 -35.89 9.68 13.20
C GLY B 310 -36.00 10.66 12.04
N THR B 311 -37.09 11.40 11.97
CA THR B 311 -37.32 12.27 10.82
C THR B 311 -37.28 13.78 11.14
N LYS B 312 -36.52 14.17 12.15
CA LYS B 312 -36.48 15.57 12.56
C LYS B 312 -36.13 16.47 11.37
N TYR B 313 -34.95 16.29 10.80
CA TYR B 313 -34.47 17.15 9.72
C TYR B 313 -34.98 16.69 8.35
N SER B 314 -35.41 15.42 8.27
CA SER B 314 -35.89 14.83 7.01
C SER B 314 -37.32 15.19 6.66
N ASP B 315 -38.17 15.29 7.69
CA ASP B 315 -39.56 15.77 7.56
C ASP B 315 -39.60 17.20 7.07
N SER B 316 -39.35 18.13 7.99
CA SER B 316 -39.42 19.57 7.73
C SER B 316 -38.38 20.12 6.73
N MET B 317 -37.68 19.22 6.03
CA MET B 317 -36.73 19.59 4.98
C MET B 317 -36.90 18.76 3.73
N LYS B 318 -37.88 17.86 3.77
CA LYS B 318 -38.19 16.95 2.68
C LYS B 318 -36.92 16.22 2.26
N ALA B 319 -36.44 15.32 3.13
CA ALA B 319 -35.39 14.39 2.70
C ALA B 319 -36.03 13.02 2.50
N ASN B 320 -36.57 12.82 1.30
CA ASN B 320 -37.31 11.59 0.96
C ASN B 320 -36.49 10.67 0.07
N VAL B 321 -36.75 9.36 0.19
CA VAL B 321 -36.37 8.37 -0.84
C VAL B 321 -37.56 7.52 -1.27
N THR B 322 -37.54 7.05 -2.53
CA THR B 322 -38.48 6.03 -2.92
C THR B 322 -38.00 4.68 -2.38
N GLY B 323 -38.85 4.03 -1.58
CA GLY B 323 -38.50 2.79 -0.91
C GLY B 323 -38.88 1.54 -1.67
N PRO B 324 -38.72 0.36 -1.03
CA PRO B 324 -38.87 -0.91 -1.74
C PRO B 324 -40.30 -1.19 -2.21
N ASP B 325 -41.26 -0.45 -1.66
CA ASP B 325 -42.69 -0.62 -1.92
C ASP B 325 -43.27 0.37 -2.95
N GLY B 326 -42.42 1.16 -3.60
CA GLY B 326 -42.84 2.13 -4.62
C GLY B 326 -43.00 3.61 -4.26
N THR B 327 -43.35 3.92 -3.01
CA THR B 327 -43.68 5.31 -2.64
C THR B 327 -42.51 6.08 -2.04
N ASP B 328 -42.60 7.42 -2.07
CA ASP B 328 -41.65 8.33 -1.39
C ASP B 328 -41.83 8.41 0.13
N ALA B 329 -40.74 8.56 0.88
CA ALA B 329 -40.79 8.76 2.34
C ALA B 329 -39.51 9.44 2.90
N PRO B 330 -39.65 10.27 3.96
CA PRO B 330 -38.48 10.84 4.59
C PRO B 330 -37.63 9.79 5.31
N ILE B 331 -36.31 9.86 5.12
CA ILE B 331 -35.31 8.94 5.73
C ILE B 331 -35.25 9.07 7.24
N HIS B 332 -34.72 8.04 7.90
CA HIS B 332 -34.47 8.07 9.34
C HIS B 332 -33.00 8.27 9.64
N GLY B 333 -32.69 9.37 10.33
CA GLY B 333 -31.30 9.80 10.53
C GLY B 333 -30.75 9.70 11.93
N GLY B 334 -29.44 9.89 12.04
CA GLY B 334 -28.76 9.98 13.33
C GLY B 334 -27.49 10.81 13.17
N SER B 335 -26.84 11.15 14.29
CA SER B 335 -25.58 11.92 14.30
C SER B 335 -24.73 11.53 15.47
N TYR B 336 -23.44 11.85 15.40
CA TYR B 336 -22.45 11.30 16.31
C TYR B 336 -21.26 12.22 16.34
N GLY B 337 -20.96 12.74 17.52
CA GLY B 337 -19.81 13.63 17.68
C GLY B 337 -18.73 13.12 18.64
N VAL B 338 -17.47 13.32 18.24
CA VAL B 338 -16.32 13.10 19.13
C VAL B 338 -15.55 14.40 19.34
N GLY B 339 -15.43 14.82 20.61
CA GLY B 339 -14.64 16.00 20.96
C GLY B 339 -13.15 15.89 20.71
N VAL B 340 -12.74 16.07 19.46
CA VAL B 340 -11.36 15.77 19.10
C VAL B 340 -10.37 16.64 19.88
N SER B 341 -10.64 17.94 20.01
CA SER B 341 -9.77 18.82 20.79
C SER B 341 -9.96 18.56 22.29
N ARG B 342 -11.19 18.27 22.70
CA ARG B 342 -11.44 18.00 24.12
C ARG B 342 -10.69 16.75 24.57
N LEU B 343 -10.59 15.76 23.68
CA LEU B 343 -9.76 14.56 23.95
C LEU B 343 -8.34 14.81 24.39
N LEU B 344 -7.73 15.91 23.96
CA LEU B 344 -6.39 16.18 24.42
C LEU B 344 -6.48 16.38 25.92
N GLY B 345 -7.39 17.25 26.33
CA GLY B 345 -7.53 17.57 27.73
C GLY B 345 -7.87 16.35 28.55
N ALA B 346 -8.86 15.60 28.08
CA ALA B 346 -9.40 14.46 28.82
C ALA B 346 -8.36 13.40 28.98
N ILE B 347 -7.59 13.15 27.93
CA ILE B 347 -6.49 12.19 27.99
C ILE B 347 -5.49 12.57 29.07
N ILE B 348 -5.16 13.85 29.17
CA ILE B 348 -4.19 14.29 30.16
C ILE B 348 -4.75 14.26 31.58
N GLU B 349 -6.04 14.53 31.70
CA GLU B 349 -6.72 14.46 33.00
C GLU B 349 -6.86 13.02 33.52
N ALA B 350 -6.37 12.06 32.75
CA ALA B 350 -6.51 10.67 33.08
C ALA B 350 -5.19 9.93 32.90
N CYS B 351 -4.11 10.69 32.65
CA CYS B 351 -2.80 10.13 32.33
C CYS B 351 -1.70 11.11 32.67
N HIS B 352 -1.47 11.31 33.96
CA HIS B 352 -0.40 12.21 34.40
C HIS B 352 0.10 11.79 35.77
N ASP B 353 1.29 12.26 36.14
CA ASP B 353 1.70 12.21 37.52
C ASP B 353 2.32 13.56 37.91
N ASP B 354 2.98 13.61 39.07
CA ASP B 354 3.64 14.84 39.53
C ASP B 354 4.76 15.33 38.61
N ASN B 355 5.19 14.49 37.68
CA ASN B 355 6.32 14.85 36.85
C ASN B 355 5.91 15.39 35.48
N GLY B 356 4.60 15.35 35.22
CA GLY B 356 4.05 15.82 33.96
C GLY B 356 3.03 14.88 33.38
N ILE B 357 3.03 14.79 32.04
CA ILE B 357 2.08 14.01 31.24
C ILE B 357 2.60 12.59 31.07
N ILE B 358 1.70 11.66 30.83
CA ILE B 358 2.05 10.30 30.45
C ILE B 358 1.20 9.94 29.26
N TRP B 359 1.69 10.21 28.04
CA TRP B 359 0.92 9.91 26.84
C TRP B 359 0.80 8.43 26.65
N PRO B 360 -0.39 7.95 26.26
CA PRO B 360 -0.50 6.59 25.73
C PRO B 360 0.11 6.49 24.30
N GLU B 361 0.78 5.38 24.04
CA GLU B 361 1.64 5.24 22.85
C GLU B 361 1.01 5.82 21.59
N ALA B 362 -0.24 5.44 21.31
CA ALA B 362 -0.90 5.84 20.08
C ALA B 362 -0.98 7.37 19.87
N VAL B 363 -1.10 8.13 20.96
CA VAL B 363 -1.32 9.58 20.83
C VAL B 363 -0.07 10.44 21.04
N ALA B 364 1.01 9.82 21.45
CA ALA B 364 2.22 10.57 21.73
C ALA B 364 2.79 11.29 20.51
N PRO B 365 3.26 12.53 20.70
CA PRO B 365 3.74 13.25 19.53
C PRO B 365 5.02 12.59 19.00
N PHE B 366 5.69 11.80 19.85
CA PHE B 366 6.84 10.95 19.46
C PHE B 366 6.80 9.67 20.28
N ARG B 367 7.27 8.54 19.73
CA ARG B 367 7.33 7.30 20.53
C ARG B 367 8.46 7.33 21.57
N VAL B 368 9.62 7.81 21.15
CA VAL B 368 10.82 7.74 21.96
C VAL B 368 11.62 9.03 21.87
N THR B 369 12.27 9.36 22.97
CA THR B 369 13.11 10.53 23.01
C THR B 369 14.54 10.18 23.43
N ILE B 370 15.50 10.63 22.63
CA ILE B 370 16.93 10.44 22.90
C ILE B 370 17.49 11.61 23.71
N LEU B 371 17.99 11.34 24.92
CA LEU B 371 18.57 12.39 25.73
C LEU B 371 20.09 12.26 25.78
N ASN B 372 20.75 13.16 25.06
CA ASN B 372 22.20 13.23 25.05
C ASN B 372 22.71 13.85 26.34
N LEU B 373 23.20 13.02 27.24
CA LEU B 373 23.47 13.49 28.59
C LEU B 373 24.76 14.27 28.76
N LYS B 374 25.50 14.49 27.69
CA LYS B 374 26.60 15.45 27.72
C LYS B 374 26.83 16.00 26.32
N GLN B 375 26.06 17.02 25.99
CA GLN B 375 26.12 17.55 24.65
C GLN B 375 27.51 17.99 24.23
N GLY B 376 27.83 17.82 22.96
CA GLY B 376 29.07 18.33 22.42
C GLY B 376 30.21 17.37 22.61
N ASP B 377 30.00 16.33 23.43
CA ASP B 377 30.95 15.22 23.55
C ASP B 377 30.92 14.39 22.26
N ALA B 378 32.05 14.27 21.55
CA ALA B 378 32.09 13.60 20.23
C ALA B 378 31.45 12.20 20.19
N ALA B 379 31.51 11.50 21.34
CA ALA B 379 31.04 10.12 21.50
C ALA B 379 29.56 10.05 21.69
N THR B 380 29.06 10.75 22.70
CA THR B 380 27.63 10.80 22.89
C THR B 380 26.99 11.39 21.64
N ASP B 381 27.61 12.39 21.01
CA ASP B 381 27.03 13.00 19.81
C ASP B 381 26.91 11.97 18.69
N ALA B 382 27.99 11.27 18.39
CA ALA B 382 27.99 10.29 17.32
C ALA B 382 26.99 9.18 17.62
N ALA B 383 26.88 8.82 18.89
CA ALA B 383 26.01 7.72 19.29
C ALA B 383 24.53 8.14 19.20
N CYS B 384 24.23 9.34 19.66
CA CYS B 384 22.89 9.86 19.53
C CYS B 384 22.55 10.14 18.08
N ASP B 385 23.49 10.69 17.30
CA ASP B 385 23.24 10.93 15.89
C ASP B 385 22.78 9.64 15.23
N GLN B 386 23.52 8.56 15.47
CA GLN B 386 23.22 7.26 14.87
C GLN B 386 21.89 6.64 15.33
N LEU B 387 21.61 6.64 16.63
CA LEU B 387 20.32 6.12 17.12
C LEU B 387 19.13 6.79 16.43
N TYR B 388 19.23 8.11 16.33
CA TYR B 388 18.19 8.94 15.77
C TYR B 388 17.94 8.60 14.29
N ARG B 389 19.00 8.48 13.51
CA ARG B 389 18.91 8.06 12.12
C ARG B 389 18.42 6.60 11.99
N GLU B 390 18.88 5.72 12.87
CA GLU B 390 18.44 4.32 12.82
C GLU B 390 16.95 4.21 13.21
N LEU B 391 16.56 4.91 14.27
CA LEU B 391 15.18 4.83 14.75
C LEU B 391 14.21 5.41 13.74
N SER B 392 14.60 6.52 13.12
CA SER B 392 13.81 7.14 12.06
C SER B 392 13.58 6.15 10.93
N ALA B 393 14.65 5.49 10.50
CA ALA B 393 14.56 4.58 9.38
C ALA B 393 13.60 3.41 9.67
N LYS B 394 13.74 2.78 10.84
CA LYS B 394 12.84 1.69 11.25
C LYS B 394 11.41 2.21 11.48
N GLY B 395 11.14 3.42 11.00
CA GLY B 395 9.82 3.98 11.07
C GLY B 395 9.31 4.39 12.44
N VAL B 396 10.22 4.81 13.33
CA VAL B 396 9.84 5.21 14.70
C VAL B 396 9.87 6.73 14.85
N ASP B 397 8.78 7.32 15.35
CA ASP B 397 8.69 8.77 15.62
C ASP B 397 9.68 9.21 16.70
N VAL B 398 10.76 9.91 16.34
CA VAL B 398 11.79 10.20 17.31
C VAL B 398 12.15 11.69 17.54
N LEU B 399 12.21 12.06 18.82
CA LEU B 399 12.70 13.35 19.26
C LEU B 399 14.11 13.19 19.82
N TYR B 400 15.07 13.93 19.28
CA TYR B 400 16.40 13.96 19.87
C TYR B 400 16.63 15.30 20.64
N ASP B 401 16.75 15.20 21.96
CA ASP B 401 17.06 16.38 22.73
C ASP B 401 18.59 16.67 22.67
N ASP B 402 19.00 17.30 21.56
CA ASP B 402 20.39 17.70 21.35
C ASP B 402 20.66 19.09 21.90
N THR B 403 19.74 19.63 22.69
CA THR B 403 19.98 20.94 23.25
C THR B 403 21.14 20.92 24.21
N ASP B 404 21.53 22.10 24.65
CA ASP B 404 22.75 22.29 25.39
C ASP B 404 22.53 22.42 26.93
N GLN B 405 21.77 21.49 27.49
CA GLN B 405 21.44 21.53 28.91
C GLN B 405 21.97 20.30 29.68
N ARG B 406 21.88 20.39 31.02
CA ARG B 406 22.38 19.37 31.94
C ARG B 406 21.39 18.22 32.12
N ALA B 407 21.88 17.09 32.64
CA ALA B 407 21.10 15.86 32.73
C ALA B 407 19.72 16.04 33.37
N GLY B 408 19.66 16.80 34.46
CA GLY B 408 18.41 16.95 35.21
C GLY B 408 17.40 17.75 34.43
N ALA B 409 17.90 18.69 33.64
CA ALA B 409 17.05 19.57 32.87
C ALA B 409 16.39 18.75 31.74
N LYS B 410 17.13 17.80 31.20
CA LYS B 410 16.64 17.06 30.10
C LYS B 410 15.63 16.04 30.59
N PHE B 411 15.87 15.51 31.79
CA PHE B 411 14.94 14.57 32.44
C PHE B 411 13.65 15.28 32.75
N ALA B 412 13.76 16.51 33.26
CA ALA B 412 12.58 17.33 33.55
C ALA B 412 11.68 17.55 32.33
N THR B 413 12.25 17.99 31.20
CA THR B 413 11.42 18.25 30.02
C THR B 413 10.82 16.98 29.46
N ALA B 414 11.65 15.95 29.34
CA ALA B 414 11.19 14.69 28.83
C ALA B 414 10.01 14.13 29.63
N ASP B 415 10.09 14.25 30.95
CA ASP B 415 9.01 13.80 31.81
C ASP B 415 7.76 14.60 31.49
N LEU B 416 7.87 15.91 31.71
CA LEU B 416 6.79 16.88 31.50
C LEU B 416 5.95 16.65 30.23
N ILE B 417 6.59 16.50 29.07
CA ILE B 417 5.85 16.33 27.80
C ILE B 417 5.41 14.89 27.53
N GLY B 418 5.60 14.02 28.53
CA GLY B 418 5.09 12.65 28.51
C GLY B 418 5.32 11.73 27.31
N ILE B 419 6.44 11.86 26.59
CA ILE B 419 6.86 10.85 25.60
C ILE B 419 6.83 9.46 26.27
N PRO B 420 6.40 8.40 25.53
CA PRO B 420 6.38 7.10 26.18
C PRO B 420 7.76 6.60 26.63
N TRP B 421 8.74 6.54 25.74
CA TRP B 421 10.05 5.94 26.05
C TRP B 421 11.23 6.92 26.01
N GLN B 422 12.10 6.87 27.01
CA GLN B 422 13.30 7.70 27.03
C GLN B 422 14.59 6.90 26.84
N ILE B 423 15.44 7.30 25.90
CA ILE B 423 16.78 6.72 25.86
C ILE B 423 17.77 7.72 26.39
N HIS B 424 18.57 7.27 27.33
CA HIS B 424 19.54 8.13 27.96
C HIS B 424 20.91 7.76 27.44
N VAL B 425 21.62 8.71 26.86
CA VAL B 425 22.96 8.43 26.39
C VAL B 425 23.97 9.29 27.16
N GLY B 426 24.96 8.64 27.77
CA GLY B 426 25.93 9.37 28.59
C GLY B 426 27.29 8.71 28.69
N PRO B 427 28.34 9.51 28.96
CA PRO B 427 29.73 9.13 29.09
C PRO B 427 30.04 7.68 29.57
N ARG B 428 29.66 7.35 30.81
CA ARG B 428 30.08 6.11 31.51
C ARG B 428 29.32 4.85 31.09
N GLY B 429 28.07 5.00 30.67
CA GLY B 429 27.35 3.90 30.03
C GLY B 429 27.90 3.56 28.64
N LEU B 430 28.01 4.56 27.77
CA LEU B 430 28.46 4.36 26.40
C LEU B 430 29.91 3.89 26.27
N ALA B 431 30.74 4.18 27.26
CA ALA B 431 32.12 3.71 27.24
C ALA B 431 32.19 2.18 27.31
N GLU B 432 31.10 1.59 27.83
CA GLU B 432 30.96 0.14 28.01
C GLU B 432 30.09 -0.50 26.97
N GLY B 433 29.44 0.31 26.16
CA GLY B 433 28.60 -0.18 25.07
C GLY B 433 27.13 -0.19 25.37
N LYS B 434 26.72 0.42 26.47
CA LYS B 434 25.31 0.42 26.83
C LYS B 434 24.69 1.77 27.18
N VAL B 435 23.40 1.90 26.87
CA VAL B 435 22.61 3.06 27.23
C VAL B 435 21.57 2.64 28.26
N GLU B 436 20.60 3.52 28.52
CA GLU B 436 19.49 3.22 29.43
C GLU B 436 18.15 3.52 28.80
N LEU B 437 17.20 2.62 29.05
CA LEU B 437 15.87 2.76 28.47
C LEU B 437 14.84 3.00 29.58
N LYS B 438 14.21 4.17 29.59
CA LYS B 438 13.23 4.46 30.62
C LYS B 438 11.84 4.55 30.04
N ARG B 439 10.95 3.67 30.50
CA ARG B 439 9.50 3.73 30.25
C ARG B 439 8.79 4.74 31.17
N ARG B 440 8.12 5.73 30.59
CA ARG B 440 7.57 6.84 31.35
C ARG B 440 6.44 6.46 32.31
N SER B 441 5.54 5.55 31.90
CA SER B 441 4.47 4.97 32.77
C SER B 441 4.85 4.90 34.24
N ASP B 442 5.58 3.83 34.56
CA ASP B 442 5.93 3.46 35.91
C ASP B 442 7.31 3.97 36.28
N GLY B 443 8.09 4.32 35.27
CA GLY B 443 9.42 4.89 35.48
C GLY B 443 10.52 3.85 35.60
N ALA B 444 10.26 2.62 35.12
CA ALA B 444 11.26 1.57 35.25
C ALA B 444 12.36 1.72 34.21
N ARG B 445 13.58 1.42 34.63
CA ARG B 445 14.76 1.50 33.77
C ARG B 445 15.36 0.12 33.50
N GLU B 446 16.11 0.02 32.40
CA GLU B 446 17.07 -1.06 32.18
C GLU B 446 18.32 -0.48 31.51
N ASN B 447 19.47 -0.94 31.98
CA ASN B 447 20.73 -0.73 31.26
C ASN B 447 20.78 -1.79 30.16
N LEU B 448 20.95 -1.38 28.90
CA LEU B 448 21.12 -2.37 27.82
C LEU B 448 21.86 -1.84 26.61
N ALA B 449 22.24 -2.75 25.73
CA ALA B 449 23.22 -2.49 24.67
C ALA B 449 22.71 -1.54 23.60
N LEU B 450 23.65 -0.80 23.01
CA LEU B 450 23.33 0.17 21.96
C LEU B 450 22.82 -0.55 20.68
N ALA B 451 23.35 -1.76 20.43
CA ALA B 451 22.86 -2.59 19.31
C ALA B 451 21.40 -2.88 19.54
N ASP B 452 21.14 -3.69 20.57
CA ASP B 452 19.82 -4.00 21.11
C ASP B 452 18.75 -2.91 21.06
N VAL B 453 18.97 -1.82 21.77
CA VAL B 453 17.91 -0.83 21.99
C VAL B 453 17.00 -0.67 20.78
N VAL B 454 17.58 -0.38 19.61
CA VAL B 454 16.76 -0.08 18.45
C VAL B 454 15.81 -1.21 18.13
N ALA B 455 16.29 -2.46 18.18
CA ALA B 455 15.47 -3.64 17.90
C ALA B 455 14.32 -3.75 18.90
N ARG B 456 14.66 -3.64 20.17
CA ARG B 456 13.69 -3.81 21.25
C ARG B 456 12.58 -2.77 21.21
N LEU B 457 12.87 -1.59 20.64
CA LEU B 457 11.85 -0.56 20.52
C LEU B 457 10.91 -0.78 19.35
N THR B 458 11.43 -0.74 18.12
CA THR B 458 10.63 -0.98 16.91
C THR B 458 9.52 -2.03 17.07
N ARG C 17 -8.79 -45.41 -21.33
CA ARG C 17 -9.47 -44.15 -21.77
C ARG C 17 -10.21 -43.44 -20.64
N GLY C 18 -9.68 -42.27 -20.27
CA GLY C 18 -10.28 -41.33 -19.33
C GLY C 18 -10.08 -41.65 -17.86
N SER C 19 -8.84 -41.50 -17.39
CA SER C 19 -8.47 -41.81 -16.00
C SER C 19 -9.10 -40.83 -15.01
N HIS C 20 -9.70 -41.34 -13.92
CA HIS C 20 -10.62 -40.55 -13.07
C HIS C 20 -10.60 -40.90 -11.59
N MET C 21 -10.93 -39.92 -10.73
CA MET C 21 -10.80 -40.12 -9.28
C MET C 21 -11.63 -39.21 -8.36
N ARG C 22 -12.36 -39.83 -7.45
CA ARG C 22 -13.11 -39.10 -6.44
C ARG C 22 -12.23 -38.95 -5.22
N LEU C 23 -11.92 -37.70 -4.87
CA LEU C 23 -11.00 -37.44 -3.77
C LEU C 23 -11.29 -38.25 -2.52
N SER C 24 -12.56 -38.48 -2.18
CA SER C 24 -12.90 -39.21 -0.95
C SER C 24 -12.50 -40.69 -1.00
N ARG C 25 -12.30 -41.19 -2.23
CA ARG C 25 -11.82 -42.56 -2.48
C ARG C 25 -10.42 -42.46 -3.07
N PHE C 26 -9.52 -41.83 -2.32
CA PHE C 26 -8.16 -41.55 -2.79
C PHE C 26 -7.28 -41.28 -1.60
N PHE C 27 -5.98 -41.35 -1.81
CA PHE C 27 -5.09 -41.21 -0.68
C PHE C 27 -4.11 -40.06 -0.90
N LEU C 28 -4.43 -38.92 -0.29
CA LEU C 28 -3.75 -37.66 -0.55
C LEU C 28 -3.54 -36.87 0.74
N PRO C 29 -2.39 -37.12 1.40
CA PRO C 29 -2.03 -36.57 2.70
C PRO C 29 -1.33 -35.21 2.59
N ILE C 30 -2.14 -34.16 2.75
CA ILE C 30 -1.72 -32.79 2.54
C ILE C 30 -1.15 -32.22 3.81
N LEU C 31 0.09 -31.76 3.72
CA LEU C 31 0.82 -31.17 4.84
C LEU C 31 0.53 -29.68 5.02
N LYS C 32 -0.28 -29.37 6.04
CA LYS C 32 -0.75 -28.00 6.33
C LYS C 32 0.36 -26.94 6.50
N GLU C 33 1.40 -27.28 7.23
CA GLU C 33 2.57 -26.41 7.40
C GLU C 33 3.70 -26.69 6.39
N ASN C 34 4.93 -26.31 6.72
CA ASN C 34 6.08 -26.40 5.82
C ASN C 34 7.20 -27.29 6.42
N PRO C 35 7.33 -28.54 5.93
CA PRO C 35 8.33 -29.47 6.46
C PRO C 35 9.65 -28.79 6.69
N LYS C 36 10.14 -28.89 7.92
CA LYS C 36 11.34 -28.16 8.37
C LYS C 36 12.62 -28.75 7.76
N GLU C 37 12.52 -29.99 7.32
CA GLU C 37 13.67 -30.75 6.85
C GLU C 37 13.91 -30.52 5.35
N ALA C 38 13.06 -29.70 4.73
CA ALA C 38 13.17 -29.39 3.30
C ALA C 38 13.69 -27.97 3.01
N GLU C 39 14.80 -27.92 2.29
CA GLU C 39 15.51 -26.68 2.02
C GLU C 39 14.92 -25.94 0.84
N ILE C 40 14.85 -26.57 -0.33
CA ILE C 40 14.35 -25.92 -1.54
C ILE C 40 12.85 -26.09 -1.79
N VAL C 41 12.32 -25.34 -2.74
CA VAL C 41 10.88 -25.24 -2.87
C VAL C 41 10.22 -26.46 -3.52
N SER C 42 10.92 -27.16 -4.42
CA SER C 42 10.39 -28.35 -5.09
C SER C 42 10.19 -29.47 -4.09
N HIS C 43 11.23 -29.73 -3.31
CA HIS C 43 11.17 -30.62 -2.18
C HIS C 43 10.06 -30.25 -1.21
N ARG C 44 9.86 -28.95 -1.00
CA ARG C 44 8.85 -28.49 -0.02
C ARG C 44 7.43 -28.81 -0.50
N LEU C 45 7.16 -28.44 -1.74
CA LEU C 45 5.86 -28.63 -2.34
C LEU C 45 5.52 -30.11 -2.55
N MET C 46 6.52 -30.95 -2.77
CA MET C 46 6.23 -32.36 -2.97
C MET C 46 5.75 -33.05 -1.72
N LEU C 47 6.32 -32.68 -0.58
CA LEU C 47 5.83 -33.20 0.69
C LEU C 47 4.47 -32.59 1.02
N ARG C 48 4.34 -31.27 0.87
CA ARG C 48 3.05 -30.64 1.12
C ARG C 48 1.94 -31.16 0.21
N ALA C 49 2.25 -31.40 -1.07
CA ALA C 49 1.25 -31.94 -2.00
C ALA C 49 0.95 -33.42 -1.77
N GLY C 50 1.51 -34.01 -0.72
CA GLY C 50 1.39 -35.44 -0.47
C GLY C 50 1.74 -36.28 -1.70
N MET C 51 2.95 -36.04 -2.22
CA MET C 51 3.47 -36.76 -3.38
C MET C 51 4.61 -37.68 -2.99
N LEU C 52 5.29 -37.33 -1.91
CA LEU C 52 6.55 -37.96 -1.56
C LEU C 52 6.56 -38.36 -0.07
N ARG C 53 7.51 -39.21 0.32
CA ARG C 53 7.69 -39.57 1.73
C ARG C 53 9.03 -40.22 1.98
N GLN C 54 9.85 -39.56 2.80
CA GLN C 54 11.19 -40.03 3.02
C GLN C 54 11.15 -41.39 3.71
N GLU C 55 11.93 -42.34 3.23
CA GLU C 55 12.00 -43.67 3.84
C GLU C 55 13.38 -43.99 4.38
N ALA C 56 14.39 -43.47 3.73
CA ALA C 56 15.69 -43.34 4.34
C ALA C 56 16.29 -42.17 3.63
N ALA C 57 17.34 -41.60 4.18
CA ALA C 57 18.01 -40.52 3.47
C ALA C 57 18.26 -40.87 1.96
N GLY C 58 17.58 -40.13 1.08
CA GLY C 58 17.78 -40.20 -0.37
C GLY C 58 17.02 -41.34 -1.04
N ILE C 59 15.97 -41.83 -0.38
CA ILE C 59 15.21 -42.99 -0.82
C ILE C 59 13.75 -42.72 -0.50
N TYR C 60 12.90 -42.63 -1.51
CA TYR C 60 11.54 -42.17 -1.23
C TYR C 60 10.50 -43.12 -1.73
N ALA C 61 9.36 -43.07 -1.04
CA ALA C 61 8.12 -43.65 -1.47
C ALA C 61 7.37 -42.60 -2.27
N TRP C 62 6.96 -42.99 -3.47
CA TRP C 62 6.14 -42.13 -4.29
C TRP C 62 4.69 -42.34 -3.95
N LEU C 63 4.11 -41.42 -3.17
CA LEU C 63 2.67 -41.41 -2.92
C LEU C 63 1.92 -41.16 -4.22
N PRO C 64 0.66 -41.62 -4.31
CA PRO C 64 -0.14 -41.76 -5.53
C PRO C 64 -0.12 -40.58 -6.51
N LEU C 65 -0.54 -39.41 -6.07
CA LEU C 65 -0.47 -38.24 -6.93
C LEU C 65 0.90 -38.06 -7.54
N GLY C 66 1.94 -38.24 -6.73
CA GLY C 66 3.30 -38.07 -7.22
C GLY C 66 3.72 -39.17 -8.19
N HIS C 67 3.36 -40.40 -7.87
CA HIS C 67 3.58 -41.51 -8.78
C HIS C 67 2.93 -41.25 -10.15
N ARG C 68 1.76 -40.61 -10.16
CA ARG C 68 1.00 -40.43 -11.41
C ARG C 68 1.78 -39.54 -12.31
N VAL C 69 2.49 -38.59 -11.72
CA VAL C 69 3.30 -37.64 -12.48
C VAL C 69 4.45 -38.38 -13.10
N LEU C 70 5.15 -39.17 -12.27
CA LEU C 70 6.31 -39.95 -12.69
C LEU C 70 5.99 -40.80 -13.90
N LYS C 71 4.85 -41.48 -13.90
CA LYS C 71 4.51 -42.30 -15.06
C LYS C 71 4.24 -41.48 -16.32
N LYS C 72 3.70 -40.27 -16.19
CA LYS C 72 3.51 -39.37 -17.34
C LYS C 72 4.83 -38.99 -17.93
N ILE C 73 5.79 -38.73 -17.03
CA ILE C 73 7.10 -38.31 -17.44
C ILE C 73 7.80 -39.47 -18.12
N GLU C 74 7.82 -40.63 -17.47
CA GLU C 74 8.34 -41.88 -18.01
C GLU C 74 7.82 -42.02 -19.46
N GLN C 75 6.50 -41.89 -19.61
CA GLN C 75 5.83 -42.02 -20.88
C GLN C 75 6.30 -41.05 -22.00
N ILE C 76 6.38 -39.74 -21.73
CA ILE C 76 6.97 -38.78 -22.69
C ILE C 76 8.36 -39.23 -23.08
N VAL C 77 9.13 -39.66 -22.08
CA VAL C 77 10.52 -40.03 -22.27
C VAL C 77 10.63 -41.19 -23.24
N ARG C 78 9.80 -42.21 -23.01
CA ARG C 78 9.76 -43.42 -23.86
C ARG C 78 9.27 -43.12 -25.27
N GLU C 79 8.26 -42.25 -25.39
CA GLU C 79 7.78 -41.86 -26.71
C GLU C 79 8.87 -41.24 -27.55
N GLU C 80 9.59 -40.26 -27.03
CA GLU C 80 10.60 -39.60 -27.85
C GLU C 80 11.76 -40.52 -28.18
N GLN C 81 12.12 -41.39 -27.24
CA GLN C 81 13.15 -42.42 -27.46
C GLN C 81 12.83 -43.38 -28.60
N ASN C 82 11.58 -43.85 -28.68
CA ASN C 82 11.19 -44.73 -29.77
C ASN C 82 11.15 -44.00 -31.08
N ARG C 83 10.56 -42.82 -31.04
CA ARG C 83 10.59 -41.92 -32.17
C ARG C 83 11.97 -41.76 -32.86
N ALA C 84 13.06 -41.82 -32.08
CA ALA C 84 14.40 -41.74 -32.67
C ALA C 84 14.94 -43.14 -32.91
N GLY C 85 14.03 -44.09 -33.11
CA GLY C 85 14.38 -45.47 -33.48
C GLY C 85 14.96 -46.36 -32.40
N ALA C 86 14.90 -45.94 -31.13
CA ALA C 86 15.53 -46.75 -30.10
C ALA C 86 14.56 -47.78 -29.54
N ILE C 87 15.14 -48.91 -29.11
CA ILE C 87 14.39 -50.09 -28.76
C ILE C 87 14.52 -50.32 -27.26
N GLU C 88 13.38 -50.50 -26.55
CA GLU C 88 13.35 -50.68 -25.09
C GLU C 88 13.44 -52.14 -24.62
N LEU C 89 14.53 -52.49 -23.97
CA LEU C 89 14.59 -53.70 -23.15
C LEU C 89 14.49 -53.25 -21.69
N LEU C 90 14.91 -54.10 -20.74
CA LEU C 90 14.97 -53.72 -19.32
C LEU C 90 15.96 -54.62 -18.67
N MET C 91 16.99 -54.01 -18.07
CA MET C 91 18.01 -54.73 -17.33
C MET C 91 17.75 -54.68 -15.83
N PRO C 92 18.23 -55.70 -15.08
CA PRO C 92 17.94 -55.84 -13.66
C PRO C 92 18.64 -54.80 -12.79
N THR C 93 18.05 -54.51 -11.63
CA THR C 93 18.70 -53.62 -10.69
C THR C 93 20.09 -54.13 -10.35
N LEU C 94 20.20 -55.42 -10.00
CA LEU C 94 21.46 -56.04 -9.53
C LEU C 94 22.40 -56.56 -10.61
N GLN C 95 23.68 -56.28 -10.43
CA GLN C 95 24.72 -56.69 -11.38
C GLN C 95 25.79 -57.56 -10.69
N LEU C 96 26.63 -58.21 -11.48
CA LEU C 96 27.79 -58.90 -10.89
C LEU C 96 29.01 -58.03 -11.02
N ALA C 97 29.67 -57.84 -9.87
CA ALA C 97 30.92 -57.10 -9.79
C ALA C 97 31.90 -57.67 -10.77
N ASP C 98 31.98 -58.99 -10.78
CA ASP C 98 32.93 -59.64 -11.62
C ASP C 98 32.77 -59.19 -13.09
N LEU C 99 31.62 -58.60 -13.42
CA LEU C 99 31.47 -57.98 -14.74
C LEU C 99 32.13 -56.59 -14.80
N TRP C 100 32.38 -55.99 -13.64
CA TRP C 100 32.94 -54.63 -13.60
C TRP C 100 34.45 -54.63 -13.69
N ARG C 101 35.04 -55.71 -13.19
CA ARG C 101 36.47 -55.97 -13.37
C ARG C 101 36.73 -56.07 -14.87
N GLU C 102 35.91 -56.81 -15.59
CA GLU C 102 36.07 -56.93 -17.03
C GLU C 102 36.38 -55.61 -17.77
N SER C 103 35.83 -54.49 -17.29
CA SER C 103 36.06 -53.18 -17.95
C SER C 103 37.00 -52.29 -17.14
N GLY C 104 37.29 -52.72 -15.91
CA GLY C 104 38.22 -52.02 -15.04
C GLY C 104 37.64 -50.74 -14.53
N ARG C 105 36.31 -50.64 -14.57
CA ARG C 105 35.58 -49.63 -13.82
C ARG C 105 35.21 -50.17 -12.45
N TYR C 106 35.78 -51.31 -12.10
CA TYR C 106 35.56 -51.85 -10.79
C TYR C 106 35.51 -50.75 -9.74
N ASP C 107 36.47 -49.82 -9.75
CA ASP C 107 36.55 -48.85 -8.66
C ASP C 107 36.12 -47.43 -9.04
N ALA C 108 35.42 -47.30 -10.17
CA ALA C 108 35.20 -45.98 -10.75
C ALA C 108 34.08 -45.15 -10.11
N TYR C 109 33.33 -45.73 -9.19
CA TYR C 109 32.33 -44.97 -8.46
C TYR C 109 32.64 -44.94 -6.98
N GLY C 110 33.76 -45.58 -6.64
CA GLY C 110 34.33 -45.60 -5.30
C GLY C 110 33.26 -45.91 -4.28
N PRO C 111 33.07 -44.99 -3.30
CA PRO C 111 32.12 -45.19 -2.21
C PRO C 111 30.67 -45.06 -2.67
N GLU C 112 30.46 -44.46 -3.84
CA GLU C 112 29.12 -44.33 -4.41
C GLU C 112 28.49 -45.69 -4.76
N MET C 113 29.33 -46.68 -5.06
CA MET C 113 28.90 -48.06 -5.34
C MET C 113 28.26 -48.79 -4.16
N LEU C 114 27.00 -49.18 -4.28
CA LEU C 114 26.42 -50.06 -3.28
C LEU C 114 26.84 -51.47 -3.61
N ARG C 115 27.82 -51.97 -2.87
CA ARG C 115 28.39 -53.31 -3.05
C ARG C 115 27.64 -54.27 -2.17
N ILE C 116 27.31 -55.43 -2.74
CA ILE C 116 26.50 -56.43 -2.05
C ILE C 116 27.05 -57.83 -2.22
N ALA C 117 26.89 -58.65 -1.19
CA ALA C 117 27.17 -60.09 -1.35
C ALA C 117 25.94 -61.01 -1.05
N ASP C 118 25.73 -62.01 -1.90
CA ASP C 118 24.61 -62.92 -1.65
C ASP C 118 24.95 -64.00 -0.62
N ARG C 119 23.96 -64.82 -0.27
CA ARG C 119 24.11 -65.96 0.64
C ARG C 119 25.23 -66.97 0.23
N HIS C 120 25.74 -66.87 -0.99
CA HIS C 120 26.82 -67.76 -1.44
C HIS C 120 28.15 -67.03 -1.48
N LYS C 121 28.18 -65.86 -0.86
CA LYS C 121 29.33 -64.96 -0.92
C LYS C 121 29.69 -64.41 -2.32
N ARG C 122 28.78 -64.48 -3.28
CA ARG C 122 29.12 -63.90 -4.57
C ARG C 122 28.96 -62.37 -4.67
N GLU C 123 29.98 -61.76 -5.29
CA GLU C 123 30.13 -60.31 -5.47
C GLU C 123 29.01 -59.67 -6.32
N LEU C 124 28.14 -58.90 -5.69
CA LEU C 124 27.08 -58.23 -6.44
C LEU C 124 27.13 -56.71 -6.28
N LEU C 125 26.39 -56.00 -7.14
CA LEU C 125 26.12 -54.59 -6.86
C LEU C 125 24.85 -54.01 -7.49
N TYR C 126 24.25 -53.07 -6.77
CA TYR C 126 23.14 -52.28 -7.29
C TYR C 126 23.67 -51.33 -8.33
N GLY C 127 23.27 -51.60 -9.57
CA GLY C 127 23.70 -50.78 -10.72
C GLY C 127 23.56 -49.28 -10.52
N PRO C 128 24.68 -48.54 -10.68
CA PRO C 128 24.66 -47.07 -10.74
C PRO C 128 24.54 -46.63 -12.20
N THR C 129 24.80 -47.56 -13.11
CA THR C 129 24.68 -47.36 -14.54
C THR C 129 24.93 -48.69 -15.29
N ASN C 130 24.84 -48.68 -16.62
CA ASN C 130 24.74 -49.95 -17.33
C ASN C 130 25.59 -50.13 -18.58
N GLU C 131 26.58 -49.27 -18.81
CA GLU C 131 27.46 -49.42 -19.98
C GLU C 131 27.96 -50.88 -20.18
N GLU C 132 28.59 -51.45 -19.16
CA GLU C 132 29.18 -52.80 -19.31
C GLU C 132 28.16 -53.86 -19.61
N MET C 133 27.09 -53.90 -18.81
CA MET C 133 26.09 -54.93 -18.94
C MET C 133 25.43 -54.88 -20.31
N ILE C 134 24.94 -53.71 -20.69
CA ILE C 134 24.33 -53.59 -21.99
C ILE C 134 25.35 -54.09 -23.01
N THR C 135 26.62 -53.72 -22.83
CA THR C 135 27.67 -54.17 -23.73
C THR C 135 27.71 -55.69 -23.82
N GLU C 136 27.59 -56.34 -22.66
CA GLU C 136 27.62 -57.80 -22.54
C GLU C 136 26.48 -58.37 -23.36
N ILE C 137 25.31 -57.76 -23.20
CA ILE C 137 24.11 -58.18 -23.92
C ILE C 137 24.30 -58.07 -25.44
N PHE C 138 24.96 -57.01 -25.87
CA PHE C 138 25.29 -56.79 -27.28
C PHE C 138 26.33 -57.79 -27.82
N ARG C 139 27.37 -58.08 -27.02
CA ARG C 139 28.49 -58.92 -27.50
C ARG C 139 28.11 -60.38 -27.60
N ALA C 140 26.86 -60.69 -27.24
CA ALA C 140 26.37 -62.04 -27.17
C ALA C 140 25.45 -62.32 -28.32
N TYR C 141 25.10 -61.29 -29.08
CA TYR C 141 24.08 -61.47 -30.11
C TYR C 141 24.40 -60.84 -31.46
N ILE C 142 24.92 -59.62 -31.44
CA ILE C 142 25.21 -58.90 -32.67
C ILE C 142 26.70 -59.02 -33.05
N LYS C 143 26.97 -59.59 -34.24
CA LYS C 143 28.34 -59.88 -34.66
C LYS C 143 28.65 -59.40 -36.08
N SER C 144 27.69 -58.73 -36.73
CA SER C 144 27.83 -58.24 -38.11
C SER C 144 27.40 -56.79 -38.32
N TYR C 145 28.20 -56.03 -39.06
CA TYR C 145 27.88 -54.63 -39.38
C TYR C 145 26.44 -54.42 -39.90
N LYS C 146 25.81 -55.50 -40.34
CA LYS C 146 24.48 -55.40 -40.91
C LYS C 146 23.48 -54.91 -39.87
N SER C 147 23.53 -55.52 -38.68
CA SER C 147 22.53 -55.30 -37.62
C SER C 147 22.62 -53.93 -36.94
N LEU C 148 23.49 -53.06 -37.44
CA LEU C 148 23.65 -51.70 -36.93
C LEU C 148 22.94 -50.72 -37.85
N PRO C 149 22.67 -49.47 -37.38
CA PRO C 149 22.99 -48.94 -36.05
C PRO C 149 21.98 -49.41 -35.00
N LEU C 150 22.47 -49.67 -33.79
CA LEU C 150 21.59 -50.12 -32.73
C LEU C 150 21.57 -49.15 -31.56
N ASN C 151 20.37 -48.83 -31.08
CA ASN C 151 20.23 -48.10 -29.82
C ASN C 151 19.22 -48.75 -28.89
N LEU C 152 19.73 -49.22 -27.75
CA LEU C 152 18.91 -49.92 -26.78
C LEU C 152 18.78 -49.12 -25.48
N TYR C 153 17.57 -48.93 -24.99
CA TYR C 153 17.41 -48.24 -23.72
C TYR C 153 16.53 -49.02 -22.76
N HIS C 154 16.52 -48.55 -21.51
CA HIS C 154 15.58 -49.03 -20.52
C HIS C 154 15.35 -47.91 -19.50
N ILE C 155 14.27 -48.01 -18.75
CA ILE C 155 14.02 -47.04 -17.72
C ILE C 155 13.96 -47.79 -16.42
N GLN C 156 14.99 -47.65 -15.60
CA GLN C 156 15.16 -48.50 -14.43
C GLN C 156 15.82 -47.79 -13.25
N TRP C 157 15.55 -48.30 -12.04
CA TRP C 157 16.06 -47.74 -10.83
C TRP C 157 17.54 -47.96 -10.67
N LYS C 158 18.23 -46.88 -10.31
CA LYS C 158 19.67 -46.84 -10.15
C LYS C 158 19.99 -46.59 -8.69
N PHE C 159 21.20 -46.91 -8.25
CA PHE C 159 21.62 -46.47 -6.91
C PHE C 159 23.02 -45.89 -6.96
N ARG C 160 23.15 -44.70 -6.42
CA ARG C 160 24.44 -44.12 -6.24
C ARG C 160 24.51 -43.67 -4.80
N ASP C 161 25.32 -44.35 -4.00
CA ASP C 161 25.47 -44.00 -2.58
C ASP C 161 26.15 -42.65 -2.42
N GLU C 162 25.35 -41.59 -2.51
CA GLU C 162 25.84 -40.22 -2.51
C GLU C 162 26.27 -39.85 -1.10
N GLN C 163 27.38 -39.11 -1.00
CA GLN C 163 27.93 -38.58 0.26
C GLN C 163 26.82 -38.19 1.24
N ARG C 164 26.01 -37.24 0.81
CA ARG C 164 24.94 -36.69 1.64
C ARG C 164 23.76 -36.30 0.76
N PRO C 165 22.72 -37.15 0.73
CA PRO C 165 21.53 -36.91 -0.08
C PRO C 165 20.93 -35.58 0.31
N ARG C 166 20.20 -34.97 -0.61
CA ARG C 166 19.81 -33.59 -0.42
C ARG C 166 18.79 -33.18 -1.47
N PHE C 167 17.94 -32.22 -1.13
CA PHE C 167 17.00 -31.63 -2.08
C PHE C 167 16.03 -32.63 -2.66
N GLY C 168 15.55 -33.55 -1.81
CA GLY C 168 14.55 -34.55 -2.18
C GLY C 168 14.97 -35.35 -3.39
N VAL C 169 13.99 -35.62 -4.27
CA VAL C 169 14.18 -36.34 -5.53
C VAL C 169 15.39 -35.94 -6.37
N MET C 170 15.85 -34.69 -6.24
CA MET C 170 16.90 -34.09 -7.09
C MET C 170 18.28 -34.66 -6.83
N ARG C 171 18.56 -35.03 -5.59
CA ARG C 171 19.80 -35.75 -5.27
C ARG C 171 19.55 -36.78 -4.18
N GLY C 172 18.99 -37.92 -4.60
CA GLY C 172 18.71 -39.02 -3.70
C GLY C 172 19.76 -40.08 -3.94
N ARG C 173 19.62 -41.21 -3.29
CA ARG C 173 20.44 -42.36 -3.66
C ARG C 173 19.73 -43.38 -4.52
N GLU C 174 18.43 -43.59 -4.28
CA GLU C 174 17.60 -44.42 -5.14
C GLU C 174 16.82 -43.52 -6.08
N PHE C 175 17.15 -43.57 -7.36
CA PHE C 175 16.51 -42.70 -8.33
C PHE C 175 16.30 -43.38 -9.65
N LEU C 176 15.39 -42.81 -10.44
CA LEU C 176 14.94 -43.37 -11.71
C LEU C 176 15.55 -42.70 -12.93
N MET C 177 16.26 -43.49 -13.74
CA MET C 177 16.92 -42.99 -14.90
C MET C 177 16.43 -43.75 -16.13
N LYS C 178 16.41 -43.04 -17.26
CA LYS C 178 16.28 -43.66 -18.57
C LYS C 178 17.67 -43.63 -19.17
N ASP C 179 18.34 -44.79 -19.16
CA ASP C 179 19.59 -44.89 -19.87
C ASP C 179 19.41 -45.64 -21.17
N ALA C 180 19.93 -45.01 -22.23
CA ALA C 180 19.98 -45.54 -23.59
C ALA C 180 21.44 -45.67 -23.97
N TYR C 181 21.72 -46.56 -24.90
CA TYR C 181 23.08 -46.90 -25.27
C TYR C 181 23.12 -47.25 -26.75
N SER C 182 24.05 -46.67 -27.51
CA SER C 182 24.06 -46.90 -28.97
C SER C 182 25.27 -47.66 -29.48
N PHE C 183 25.12 -48.33 -30.63
CA PHE C 183 26.23 -49.09 -31.20
C PHE C 183 26.35 -48.85 -32.70
N ASP C 184 27.57 -48.47 -33.13
CA ASP C 184 27.93 -48.30 -34.54
C ASP C 184 29.30 -48.95 -34.87
N VAL C 185 29.74 -48.81 -36.14
CA VAL C 185 31.07 -49.28 -36.58
C VAL C 185 32.13 -48.20 -36.55
N ASP C 186 31.94 -47.17 -37.37
CA ASP C 186 32.98 -46.16 -37.52
C ASP C 186 32.86 -45.10 -36.40
N GLU C 187 32.84 -43.82 -36.75
CA GLU C 187 32.88 -42.76 -35.75
C GLU C 187 32.25 -41.56 -36.40
N ALA C 188 32.11 -41.65 -37.72
CA ALA C 188 31.28 -40.73 -38.44
C ALA C 188 29.88 -41.26 -38.15
N GLY C 189 29.81 -42.59 -38.01
CA GLY C 189 28.54 -43.31 -37.78
C GLY C 189 28.00 -43.17 -36.38
N ALA C 190 28.88 -43.27 -35.38
CA ALA C 190 28.49 -43.02 -34.00
C ALA C 190 27.98 -41.60 -33.83
N ARG C 191 28.61 -40.64 -34.51
CA ARG C 191 28.21 -39.26 -34.38
C ARG C 191 26.79 -39.06 -34.86
N LYS C 192 26.41 -39.80 -35.91
CA LYS C 192 25.05 -39.78 -36.46
C LYS C 192 24.03 -40.18 -35.38
N SER C 193 24.38 -41.22 -34.63
CA SER C 193 23.58 -41.70 -33.51
C SER C 193 23.47 -40.62 -32.45
N TYR C 194 24.60 -40.29 -31.82
CA TYR C 194 24.66 -39.21 -30.82
C TYR C 194 23.75 -38.04 -31.21
N ASN C 195 23.91 -37.57 -32.44
CA ASN C 195 23.05 -36.52 -32.96
C ASN C 195 21.55 -36.76 -32.71
N LYS C 196 21.07 -37.97 -32.98
CA LYS C 196 19.63 -38.30 -32.88
C LYS C 196 19.09 -38.04 -31.47
N MET C 197 19.75 -38.67 -30.49
CA MET C 197 19.46 -38.49 -29.07
C MET C 197 19.42 -37.00 -28.73
N PHE C 198 20.49 -36.30 -29.08
CA PHE C 198 20.57 -34.84 -28.87
C PHE C 198 19.27 -34.17 -29.29
N VAL C 199 18.84 -34.41 -30.52
CA VAL C 199 17.55 -33.89 -30.95
C VAL C 199 16.44 -34.46 -30.08
N ALA C 200 16.48 -35.77 -29.88
CA ALA C 200 15.46 -36.44 -29.08
C ALA C 200 15.29 -35.80 -27.71
N TYR C 201 16.41 -35.45 -27.08
CA TYR C 201 16.43 -34.73 -25.78
C TYR C 201 15.83 -33.34 -25.90
N LEU C 202 16.28 -32.57 -26.90
CA LEU C 202 15.71 -31.25 -27.11
C LEU C 202 14.21 -31.38 -27.04
N ARG C 203 13.69 -32.32 -27.84
CA ARG C 203 12.24 -32.57 -27.90
C ARG C 203 11.68 -33.04 -26.57
N THR C 204 12.20 -34.16 -26.08
CA THR C 204 11.78 -34.65 -24.78
C THR C 204 11.54 -33.50 -23.82
N PHE C 205 12.57 -32.67 -23.58
CA PHE C 205 12.48 -31.66 -22.50
C PHE C 205 11.48 -30.58 -22.74
N ALA C 206 11.37 -30.15 -24.00
CA ALA C 206 10.40 -29.15 -24.39
C ALA C 206 8.97 -29.58 -24.06
N ARG C 207 8.66 -30.86 -24.29
CA ARG C 207 7.30 -31.37 -24.04
C ARG C 207 6.93 -31.27 -22.57
N MET C 208 7.93 -31.35 -21.70
CA MET C 208 7.70 -31.08 -20.29
C MET C 208 7.59 -29.62 -19.96
N GLY C 209 7.63 -28.75 -20.98
CA GLY C 209 7.57 -27.29 -20.81
C GLY C 209 8.80 -26.78 -20.08
N LEU C 210 9.96 -27.09 -20.63
CA LEU C 210 11.24 -26.77 -20.02
C LEU C 210 12.17 -26.30 -21.11
N LYS C 211 13.03 -25.35 -20.75
CA LYS C 211 14.07 -24.87 -21.63
C LYS C 211 15.37 -25.46 -21.10
N ALA C 212 15.60 -26.74 -21.40
CA ALA C 212 16.88 -27.37 -21.08
C ALA C 212 17.80 -27.07 -22.24
N ILE C 213 19.04 -26.66 -21.94
CA ILE C 213 19.94 -26.09 -22.95
C ILE C 213 21.23 -26.86 -23.08
N PRO C 214 21.48 -27.43 -24.26
CA PRO C 214 22.70 -28.18 -24.47
C PRO C 214 23.95 -27.32 -24.29
N MET C 215 24.75 -27.69 -23.30
CA MET C 215 26.11 -27.16 -23.13
C MET C 215 27.14 -28.27 -22.92
N ARG C 216 28.33 -28.05 -23.49
CA ARG C 216 29.44 -28.98 -23.37
C ARG C 216 29.71 -29.29 -21.90
N ALA C 217 30.21 -30.50 -21.68
CA ALA C 217 30.34 -31.02 -20.34
C ALA C 217 31.49 -32.01 -20.27
N GLU C 218 31.82 -32.36 -19.03
CA GLU C 218 32.82 -33.34 -18.63
C GLU C 218 32.28 -34.74 -18.87
N THR C 219 33.16 -35.73 -18.97
CA THR C 219 32.73 -37.10 -19.22
C THR C 219 32.63 -37.87 -17.93
N GLY C 220 33.57 -37.65 -17.04
CA GLY C 220 33.59 -38.33 -15.74
C GLY C 220 33.82 -39.84 -15.88
N PRO C 221 33.28 -40.62 -14.90
CA PRO C 221 33.36 -42.09 -14.81
C PRO C 221 32.96 -42.83 -16.08
N ILE C 222 32.24 -42.16 -16.99
CA ILE C 222 31.67 -42.78 -18.21
C ILE C 222 32.66 -42.79 -19.37
N GLY C 223 33.55 -41.80 -19.39
CA GLY C 223 34.56 -41.65 -20.44
C GLY C 223 34.04 -40.90 -21.65
N GLY C 224 34.96 -40.53 -22.55
CA GLY C 224 34.64 -39.82 -23.79
C GLY C 224 35.30 -38.45 -23.88
N ASP C 225 35.10 -37.76 -25.01
CA ASP C 225 35.65 -36.43 -25.25
C ASP C 225 34.57 -35.54 -25.86
N LEU C 226 33.31 -35.96 -25.71
CA LEU C 226 32.16 -35.34 -26.40
C LEU C 226 30.91 -35.61 -25.61
N SER C 227 30.41 -34.60 -24.91
CA SER C 227 29.29 -34.78 -24.01
C SER C 227 28.56 -33.47 -23.87
N HIS C 228 27.25 -33.53 -23.88
CA HIS C 228 26.52 -32.36 -23.47
C HIS C 228 25.72 -32.70 -22.25
N GLU C 229 25.72 -31.79 -21.28
CA GLU C 229 24.84 -31.82 -20.13
C GLU C 229 23.61 -31.07 -20.60
N PHE C 230 22.46 -31.29 -19.98
CA PHE C 230 21.27 -30.57 -20.41
C PHE C 230 20.74 -29.76 -19.28
N ILE C 231 20.87 -28.45 -19.37
CA ILE C 231 20.65 -27.64 -18.19
C ILE C 231 19.47 -26.72 -18.26
N VAL C 232 18.63 -26.81 -17.23
CA VAL C 232 17.52 -25.87 -17.03
C VAL C 232 17.98 -24.79 -16.05
N LEU C 233 18.02 -23.53 -16.49
CA LEU C 233 18.42 -22.42 -15.63
C LEU C 233 17.41 -22.19 -14.54
N ALA C 234 17.87 -22.34 -13.30
CA ALA C 234 17.20 -21.83 -12.10
C ALA C 234 18.31 -21.37 -11.17
N GLU C 235 18.07 -20.31 -10.39
CA GLU C 235 19.12 -19.70 -9.58
C GLU C 235 19.55 -20.62 -8.44
N THR C 236 18.55 -21.23 -7.81
CA THR C 236 18.78 -22.25 -6.79
C THR C 236 19.55 -23.50 -7.27
N GLY C 237 19.96 -23.52 -8.55
CA GLY C 237 20.63 -24.68 -9.16
C GLY C 237 21.97 -25.12 -8.60
N GLU C 238 22.23 -26.42 -8.68
CA GLU C 238 23.47 -27.00 -8.19
C GLU C 238 24.66 -26.83 -9.15
N SER C 239 24.42 -26.71 -10.45
CA SER C 239 25.52 -26.53 -11.42
C SER C 239 25.72 -25.07 -11.87
N GLY C 240 26.99 -24.68 -12.05
CA GLY C 240 27.33 -23.35 -12.54
C GLY C 240 27.61 -23.34 -14.04
N VAL C 241 26.97 -22.43 -14.75
CA VAL C 241 27.03 -22.43 -16.22
C VAL C 241 27.41 -21.06 -16.77
N TYR C 242 28.13 -21.06 -17.88
CA TYR C 242 28.36 -19.80 -18.57
C TYR C 242 27.93 -19.91 -20.02
N ILE C 243 27.00 -19.05 -20.41
CA ILE C 243 26.41 -19.13 -21.73
C ILE C 243 26.30 -17.75 -22.38
N ASP C 244 26.26 -17.75 -23.71
CA ASP C 244 25.77 -16.62 -24.49
C ASP C 244 24.22 -16.60 -24.49
N ARG C 245 23.65 -15.47 -24.09
CA ARG C 245 22.21 -15.27 -24.03
C ARG C 245 21.42 -15.77 -25.25
N ASP C 246 22.07 -15.91 -26.40
CA ASP C 246 21.36 -16.19 -27.68
C ASP C 246 20.82 -17.61 -27.87
N VAL C 247 21.51 -18.57 -27.25
CA VAL C 247 21.12 -19.97 -27.22
C VAL C 247 19.73 -20.19 -26.59
N LEU C 248 19.16 -19.15 -25.99
CA LEU C 248 17.93 -19.27 -25.20
C LEU C 248 16.64 -19.05 -25.98
N ASN C 249 16.74 -18.46 -27.16
CA ASN C 249 15.56 -18.25 -28.01
C ASN C 249 15.68 -19.09 -29.26
N LEU C 250 16.09 -20.33 -29.09
CA LEU C 250 16.40 -21.17 -30.22
C LEU C 250 15.19 -22.02 -30.57
N PRO C 251 15.12 -22.47 -31.84
CA PRO C 251 13.95 -23.22 -32.29
C PRO C 251 14.04 -24.73 -32.00
N VAL C 252 12.96 -25.28 -31.44
CA VAL C 252 12.90 -26.69 -31.04
C VAL C 252 12.25 -27.59 -32.11
N PRO C 253 13.04 -28.50 -32.73
CA PRO C 253 12.64 -29.44 -33.78
C PRO C 253 11.23 -29.99 -33.60
N ASP C 254 10.45 -30.01 -34.67
CA ASP C 254 9.03 -30.34 -34.59
C ASP C 254 8.81 -31.86 -34.70
N GLU C 255 7.61 -32.30 -34.33
CA GLU C 255 7.31 -33.73 -34.09
C GLU C 255 7.69 -34.72 -35.20
N ASN C 256 7.79 -34.26 -36.45
CA ASN C 256 8.15 -35.16 -37.55
C ASN C 256 9.51 -34.92 -38.19
N VAL C 257 10.49 -34.60 -37.37
CA VAL C 257 11.86 -34.54 -37.83
C VAL C 257 12.29 -35.92 -38.34
N ASP C 258 12.96 -35.96 -39.49
CA ASP C 258 13.49 -37.21 -40.02
C ASP C 258 14.84 -37.52 -39.37
N TYR C 259 14.79 -38.38 -38.35
CA TYR C 259 15.98 -38.88 -37.64
C TYR C 259 16.94 -39.64 -38.57
N ASP C 260 16.40 -40.17 -39.66
CA ASP C 260 17.19 -40.91 -40.65
C ASP C 260 17.97 -40.00 -41.56
N GLY C 261 17.40 -38.82 -41.84
CA GLY C 261 18.06 -37.79 -42.65
C GLY C 261 19.19 -37.03 -41.96
N ASP C 262 19.61 -35.91 -42.56
CA ASP C 262 20.73 -35.12 -42.02
C ASP C 262 20.32 -34.03 -41.05
N LEU C 263 21.12 -33.91 -39.99
CA LEU C 263 20.72 -33.14 -38.82
C LEU C 263 21.83 -32.24 -38.28
N THR C 264 23.06 -32.38 -38.79
CA THR C 264 24.13 -31.51 -38.33
C THR C 264 23.81 -30.02 -38.55
N PRO C 265 23.05 -29.67 -39.61
CA PRO C 265 22.36 -28.36 -39.72
C PRO C 265 21.56 -27.93 -38.49
N ILE C 266 21.35 -28.84 -37.55
CA ILE C 266 20.57 -28.53 -36.36
C ILE C 266 21.45 -28.59 -35.12
N ILE C 267 22.40 -29.51 -35.11
CA ILE C 267 23.37 -29.54 -34.05
C ILE C 267 24.11 -28.23 -34.06
N LYS C 268 24.68 -27.91 -35.23
CA LYS C 268 25.36 -26.66 -35.47
C LYS C 268 24.45 -25.52 -35.03
N GLN C 269 23.21 -25.58 -35.46
CA GLN C 269 22.23 -24.63 -35.01
C GLN C 269 22.24 -24.46 -33.47
N TRP C 270 22.37 -25.55 -32.70
CA TRP C 270 22.36 -25.42 -31.21
C TRP C 270 23.73 -25.46 -30.58
N THR C 271 24.79 -25.63 -31.37
CA THR C 271 26.13 -25.73 -30.80
C THR C 271 27.07 -24.66 -31.28
N SER C 272 26.53 -23.70 -32.02
CA SER C 272 27.32 -22.60 -32.56
C SER C 272 27.76 -21.70 -31.40
N VAL C 273 26.85 -20.80 -31.01
CA VAL C 273 27.13 -19.85 -29.94
C VAL C 273 27.54 -20.55 -28.65
N TYR C 274 28.54 -19.97 -27.98
CA TYR C 274 29.15 -20.52 -26.76
C TYR C 274 28.18 -20.90 -25.61
N ALA C 275 28.32 -22.13 -25.12
CA ALA C 275 27.64 -22.60 -23.91
C ALA C 275 28.53 -23.60 -23.15
N ALA C 276 28.62 -23.45 -21.82
CA ALA C 276 29.58 -24.21 -21.01
C ALA C 276 29.27 -24.36 -19.53
N THR C 277 29.35 -25.61 -19.04
CA THR C 277 29.29 -25.88 -17.61
C THR C 277 30.63 -25.50 -17.03
N GLU C 278 30.65 -24.99 -15.80
CA GLU C 278 31.89 -24.59 -15.13
C GLU C 278 33.04 -25.62 -15.23
N ASP C 279 32.74 -26.88 -15.56
CA ASP C 279 33.83 -27.89 -15.69
C ASP C 279 34.68 -27.67 -16.93
N VAL C 280 34.05 -27.38 -18.06
CA VAL C 280 34.77 -27.27 -19.34
C VAL C 280 34.90 -25.84 -19.87
N HIS C 281 34.70 -24.86 -19.00
CA HIS C 281 34.72 -23.46 -19.38
C HIS C 281 36.13 -22.88 -19.44
N GLU C 282 36.46 -22.27 -20.58
CA GLU C 282 37.70 -21.51 -20.73
C GLU C 282 37.33 -20.02 -20.93
N PRO C 283 37.68 -19.14 -19.96
CA PRO C 283 37.33 -17.72 -20.11
C PRO C 283 38.08 -16.99 -21.21
N ALA C 284 39.28 -17.47 -21.57
CA ALA C 284 39.97 -16.94 -22.74
C ALA C 284 39.12 -17.19 -23.99
N ARG C 285 38.64 -18.41 -24.16
CA ARG C 285 37.71 -18.74 -25.25
C ARG C 285 36.31 -18.07 -25.16
N TYR C 286 35.88 -17.64 -23.97
CA TYR C 286 34.65 -16.82 -23.75
C TYR C 286 34.76 -15.49 -24.50
N GLU C 287 35.46 -14.52 -23.87
CA GLU C 287 35.92 -13.26 -24.49
C GLU C 287 35.80 -13.20 -26.02
N SER C 288 36.58 -14.06 -26.68
CA SER C 288 36.81 -14.04 -28.13
C SER C 288 35.61 -14.33 -29.04
N GLU C 289 34.61 -15.05 -28.51
CA GLU C 289 33.44 -15.39 -29.31
C GLU C 289 32.12 -15.03 -28.62
N VAL C 290 32.14 -14.04 -27.72
CA VAL C 290 30.91 -13.51 -27.10
C VAL C 290 30.96 -11.98 -26.84
N PRO C 291 30.12 -11.22 -27.57
CA PRO C 291 29.68 -9.85 -27.19
C PRO C 291 29.31 -9.72 -25.69
N GLU C 292 29.97 -8.79 -24.98
CA GLU C 292 29.90 -8.67 -23.51
C GLU C 292 28.52 -8.40 -22.87
N ALA C 293 27.61 -7.75 -23.60
CA ALA C 293 26.26 -7.49 -23.07
C ALA C 293 25.52 -8.82 -22.94
N ASN C 294 25.98 -9.79 -23.73
CA ASN C 294 25.33 -11.09 -23.92
C ASN C 294 25.81 -12.22 -22.99
N ARG C 295 27.05 -12.13 -22.52
CA ARG C 295 27.61 -13.01 -21.49
C ARG C 295 26.65 -13.24 -20.32
N LEU C 296 26.66 -14.47 -19.77
CA LEU C 296 25.82 -14.80 -18.64
C LEU C 296 26.30 -16.00 -17.84
N ASN C 297 26.80 -15.70 -16.64
CA ASN C 297 27.17 -16.71 -15.64
C ASN C 297 25.98 -16.90 -14.72
N THR C 298 25.32 -18.05 -14.81
CA THR C 298 24.23 -18.37 -13.88
C THR C 298 24.36 -19.83 -13.37
N ARG C 299 23.47 -20.22 -12.47
CA ARG C 299 23.34 -21.63 -12.08
C ARG C 299 22.19 -22.30 -12.86
N GLY C 300 22.12 -23.62 -12.79
CA GLY C 300 21.12 -24.37 -13.52
C GLY C 300 21.04 -25.79 -13.01
N ILE C 301 20.25 -26.60 -13.69
CA ILE C 301 19.97 -27.97 -13.26
C ILE C 301 20.13 -28.98 -14.39
N GLU C 302 21.07 -29.90 -14.20
CA GLU C 302 21.26 -31.05 -15.08
C GLU C 302 20.03 -31.94 -15.02
N VAL C 303 19.43 -32.18 -16.18
CA VAL C 303 18.25 -33.05 -16.34
C VAL C 303 18.58 -34.27 -17.20
N GLY C 304 19.78 -34.27 -17.77
CA GLY C 304 20.21 -35.31 -18.66
C GLY C 304 21.57 -35.02 -19.24
N GLN C 305 22.23 -36.05 -19.72
CA GLN C 305 23.57 -35.94 -20.25
C GLN C 305 23.79 -36.99 -21.33
N ILE C 306 24.39 -36.58 -22.44
CA ILE C 306 24.66 -37.50 -23.53
C ILE C 306 26.15 -37.57 -23.74
N PHE C 307 26.61 -38.73 -24.21
CA PHE C 307 28.00 -39.13 -24.13
C PHE C 307 28.35 -39.87 -25.39
N TYR C 308 29.61 -39.75 -25.77
CA TYR C 308 30.18 -40.57 -26.82
C TYR C 308 31.55 -40.96 -26.35
N PHE C 309 31.98 -42.16 -26.72
CA PHE C 309 33.22 -42.75 -26.23
C PHE C 309 33.69 -43.96 -27.05
N GLY C 310 33.36 -43.97 -28.34
CA GLY C 310 33.85 -44.98 -29.25
C GLY C 310 34.09 -46.32 -28.58
N THR C 311 35.36 -46.72 -28.46
CA THR C 311 35.72 -48.09 -28.04
C THR C 311 36.10 -48.22 -26.57
N LYS C 312 35.62 -47.29 -25.73
CA LYS C 312 35.92 -47.31 -24.31
C LYS C 312 35.50 -48.65 -23.65
N TYR C 313 34.57 -49.36 -24.30
CA TYR C 313 33.92 -50.53 -23.71
C TYR C 313 34.07 -51.76 -24.57
N SER C 314 34.00 -51.56 -25.89
CA SER C 314 34.09 -52.63 -26.86
C SER C 314 35.50 -53.16 -27.04
N ASP C 315 36.45 -52.23 -27.10
CA ASP C 315 37.87 -52.53 -27.17
C ASP C 315 38.23 -53.50 -26.05
N SER C 316 37.82 -53.17 -24.82
CA SER C 316 38.18 -53.99 -23.66
C SER C 316 37.24 -55.16 -23.36
N MET C 317 36.22 -55.36 -24.18
CA MET C 317 35.29 -56.44 -23.93
C MET C 317 35.01 -57.36 -25.10
N LYS C 318 35.91 -57.33 -26.09
CA LYS C 318 35.80 -58.21 -27.25
C LYS C 318 34.39 -58.10 -27.81
N ALA C 319 33.96 -56.86 -27.96
CA ALA C 319 32.67 -56.55 -28.56
C ALA C 319 32.84 -55.96 -29.95
N ASN C 320 32.93 -56.84 -30.95
CA ASN C 320 33.18 -56.41 -32.32
C ASN C 320 32.20 -57.03 -33.33
N VAL C 321 32.16 -56.43 -34.51
CA VAL C 321 31.47 -56.98 -35.68
C VAL C 321 32.46 -57.07 -36.84
N THR C 322 31.96 -57.45 -38.01
CA THR C 322 32.79 -57.51 -39.21
C THR C 322 32.28 -56.45 -40.19
N GLY C 323 33.16 -55.51 -40.57
CA GLY C 323 32.79 -54.32 -41.37
C GLY C 323 32.36 -54.59 -42.82
N PRO C 324 32.09 -53.52 -43.60
CA PRO C 324 31.67 -53.71 -45.00
C PRO C 324 32.83 -54.17 -45.91
N ASP C 325 33.88 -54.70 -45.28
CA ASP C 325 35.11 -55.10 -45.98
C ASP C 325 35.62 -56.50 -45.57
N GLY C 326 35.07 -57.03 -44.48
CA GLY C 326 35.44 -58.36 -44.01
C GLY C 326 36.27 -58.34 -42.73
N THR C 327 37.02 -57.26 -42.52
CA THR C 327 37.87 -57.10 -41.30
C THR C 327 37.08 -57.01 -39.96
N ASP C 328 37.45 -57.90 -39.02
CA ASP C 328 36.97 -57.92 -37.63
C ASP C 328 37.33 -56.61 -36.93
N ALA C 329 36.38 -55.97 -36.26
CA ALA C 329 36.55 -54.56 -35.82
C ALA C 329 35.65 -54.08 -34.65
N PRO C 330 36.29 -53.65 -33.52
CA PRO C 330 35.61 -53.08 -32.33
C PRO C 330 34.46 -52.12 -32.64
N ILE C 331 33.55 -51.95 -31.68
CA ILE C 331 32.37 -51.14 -31.96
C ILE C 331 32.43 -49.80 -31.27
N HIS C 332 31.89 -48.80 -31.94
CA HIS C 332 31.91 -47.47 -31.41
C HIS C 332 30.55 -47.18 -30.86
N GLY C 333 30.50 -46.50 -29.71
CA GLY C 333 29.22 -46.18 -29.11
C GLY C 333 29.21 -45.00 -28.15
N GLY C 334 28.02 -44.73 -27.61
CA GLY C 334 27.83 -43.77 -26.54
C GLY C 334 26.56 -44.04 -25.73
N SER C 335 26.55 -43.64 -24.46
CA SER C 335 25.36 -43.71 -23.64
C SER C 335 24.63 -42.36 -23.59
N TYR C 336 23.40 -42.35 -23.10
CA TYR C 336 22.57 -41.15 -23.01
C TYR C 336 21.63 -41.38 -21.87
N GLY C 337 21.54 -40.43 -20.93
CA GLY C 337 20.76 -40.65 -19.70
C GLY C 337 19.92 -39.46 -19.30
N VAL C 338 18.72 -39.72 -18.76
CA VAL C 338 17.78 -38.70 -18.28
C VAL C 338 17.33 -39.00 -16.86
N GLY C 339 17.44 -38.02 -15.96
CA GLY C 339 16.94 -38.22 -14.62
C GLY C 339 15.42 -38.05 -14.49
N VAL C 340 14.69 -39.13 -14.76
CA VAL C 340 13.23 -39.17 -14.67
C VAL C 340 12.81 -38.67 -13.30
N SER C 341 13.22 -39.34 -12.23
CA SER C 341 12.80 -38.92 -10.90
C SER C 341 13.22 -37.48 -10.61
N ARG C 342 14.43 -37.09 -11.01
CA ARG C 342 14.86 -35.70 -10.85
C ARG C 342 13.97 -34.70 -11.58
N LEU C 343 13.46 -35.10 -12.74
CA LEU C 343 12.60 -34.23 -13.51
C LEU C 343 11.41 -33.72 -12.69
N LEU C 344 10.82 -34.60 -11.90
CA LEU C 344 9.73 -34.13 -11.10
C LEU C 344 10.17 -32.83 -10.40
N GLY C 345 11.43 -32.74 -10.01
CA GLY C 345 11.93 -31.58 -9.24
C GLY C 345 12.22 -30.39 -10.12
N ALA C 346 12.97 -30.59 -11.18
CA ALA C 346 13.29 -29.53 -12.11
C ALA C 346 12.02 -28.79 -12.54
N ILE C 347 11.05 -29.55 -13.04
CA ILE C 347 9.76 -29.01 -13.42
C ILE C 347 9.15 -28.14 -12.32
N ILE C 348 8.99 -28.69 -11.12
CA ILE C 348 8.32 -27.95 -10.06
C ILE C 348 9.04 -26.65 -9.75
N GLU C 349 10.38 -26.66 -9.86
CA GLU C 349 11.18 -25.45 -9.64
C GLU C 349 10.86 -24.46 -10.76
N ALA C 350 11.00 -24.89 -12.01
CA ALA C 350 10.68 -24.03 -13.15
C ALA C 350 9.21 -23.68 -13.24
N CYS C 351 8.34 -24.28 -12.40
CA CYS C 351 6.86 -24.15 -12.55
C CYS C 351 6.02 -24.12 -11.27
N HIS C 352 5.94 -22.96 -10.64
CA HIS C 352 5.18 -22.81 -9.40
C HIS C 352 5.00 -21.33 -9.08
N ASP C 353 4.14 -21.04 -8.11
CA ASP C 353 3.95 -19.69 -7.63
C ASP C 353 3.64 -19.72 -6.13
N ASP C 354 3.16 -18.60 -5.60
CA ASP C 354 2.91 -18.48 -4.16
C ASP C 354 1.91 -19.52 -3.64
N ASN C 355 1.09 -20.08 -4.53
CA ASN C 355 0.06 -21.03 -4.10
C ASN C 355 0.45 -22.49 -4.22
N GLY C 356 1.41 -22.79 -5.09
CA GLY C 356 1.98 -24.13 -5.15
C GLY C 356 2.48 -24.56 -6.52
N ILE C 357 2.28 -25.84 -6.85
CA ILE C 357 2.78 -26.38 -8.09
C ILE C 357 1.86 -25.91 -9.21
N ILE C 358 2.45 -25.66 -10.37
CA ILE C 358 1.71 -25.50 -11.60
C ILE C 358 2.20 -26.52 -12.65
N TRP C 359 1.51 -27.66 -12.77
CA TRP C 359 1.97 -28.69 -13.69
C TRP C 359 1.79 -28.27 -15.12
N PRO C 360 2.85 -28.40 -15.94
CA PRO C 360 2.59 -28.32 -17.39
C PRO C 360 1.54 -29.35 -17.77
N GLU C 361 0.66 -29.02 -18.71
CA GLU C 361 -0.48 -29.84 -19.15
C GLU C 361 -0.09 -31.31 -19.34
N ALA C 362 0.98 -31.51 -20.12
CA ALA C 362 1.51 -32.82 -20.44
C ALA C 362 1.91 -33.72 -19.25
N VAL C 363 2.41 -33.16 -18.16
CA VAL C 363 2.83 -34.05 -17.06
C VAL C 363 1.97 -34.02 -15.80
N ALA C 364 0.93 -33.18 -15.78
CA ALA C 364 0.04 -33.08 -14.62
C ALA C 364 -0.62 -34.41 -14.35
N PRO C 365 -0.78 -34.77 -13.07
CA PRO C 365 -1.47 -36.02 -12.75
C PRO C 365 -2.89 -36.10 -13.35
N PHE C 366 -3.79 -35.21 -12.94
CA PHE C 366 -5.10 -35.07 -13.60
C PHE C 366 -5.20 -33.80 -14.42
N ARG C 367 -5.83 -33.86 -15.61
CA ARG C 367 -5.97 -32.65 -16.43
C ARG C 367 -6.88 -31.58 -15.83
N VAL C 368 -7.88 -31.98 -15.05
CA VAL C 368 -8.85 -31.05 -14.46
C VAL C 368 -9.42 -31.57 -13.15
N THR C 369 -9.73 -30.63 -12.24
CA THR C 369 -10.38 -30.97 -10.99
C THR C 369 -11.74 -30.28 -10.89
N ILE C 370 -12.74 -31.05 -10.48
CA ILE C 370 -14.09 -30.53 -10.33
C ILE C 370 -14.33 -30.19 -8.87
N LEU C 371 -14.72 -28.95 -8.64
CA LEU C 371 -14.92 -28.40 -7.31
C LEU C 371 -16.39 -28.15 -6.98
N ASN C 372 -16.87 -28.84 -5.95
CA ASN C 372 -18.27 -28.83 -5.55
C ASN C 372 -18.38 -28.10 -4.22
N LEU C 373 -18.77 -26.84 -4.33
CA LEU C 373 -18.66 -25.88 -3.21
C LEU C 373 -19.73 -26.03 -2.10
N LYS C 374 -20.37 -27.20 -2.02
CA LYS C 374 -21.38 -27.52 -0.99
C LYS C 374 -21.97 -28.94 -1.12
N GLN C 375 -21.24 -29.91 -0.55
CA GLN C 375 -21.67 -31.31 -0.50
C GLN C 375 -22.94 -31.49 0.31
N GLY C 376 -23.78 -32.43 -0.10
CA GLY C 376 -25.00 -32.74 0.63
C GLY C 376 -26.17 -31.93 0.13
N ASP C 377 -25.86 -30.83 -0.55
CA ASP C 377 -26.79 -30.11 -1.39
C ASP C 377 -27.11 -31.08 -2.53
N ALA C 378 -28.38 -31.17 -2.92
CA ALA C 378 -28.80 -32.05 -4.03
C ALA C 378 -28.41 -31.48 -5.41
N ALA C 379 -28.93 -30.30 -5.74
CA ALA C 379 -28.75 -29.66 -7.05
C ALA C 379 -27.35 -29.84 -7.64
N THR C 380 -26.34 -29.37 -6.91
CA THR C 380 -24.96 -29.30 -7.40
C THR C 380 -24.36 -30.66 -7.68
N ASP C 381 -24.48 -31.58 -6.72
CA ASP C 381 -23.93 -32.93 -6.83
C ASP C 381 -24.09 -33.50 -8.24
N ALA C 382 -25.34 -33.59 -8.72
CA ALA C 382 -25.66 -34.13 -10.07
C ALA C 382 -24.98 -33.41 -11.25
N ALA C 383 -24.41 -32.24 -10.97
CA ALA C 383 -23.73 -31.45 -11.99
C ALA C 383 -22.27 -31.90 -12.10
N CYS C 384 -21.56 -31.85 -10.97
CA CYS C 384 -20.26 -32.46 -10.83
C CYS C 384 -20.37 -33.94 -11.18
N ASP C 385 -21.16 -34.66 -10.39
CA ASP C 385 -21.36 -36.10 -10.53
C ASP C 385 -21.45 -36.50 -11.99
N GLN C 386 -22.37 -35.87 -12.71
CA GLN C 386 -22.59 -36.16 -14.11
C GLN C 386 -21.50 -35.52 -14.99
N LEU C 387 -20.82 -34.50 -14.47
CA LEU C 387 -19.66 -33.92 -15.16
C LEU C 387 -18.42 -34.80 -15.09
N TYR C 388 -18.12 -35.28 -13.89
CA TYR C 388 -17.18 -36.35 -13.64
C TYR C 388 -17.36 -37.45 -14.67
N ARG C 389 -18.58 -37.96 -14.79
CA ARG C 389 -18.88 -39.08 -15.70
C ARG C 389 -18.58 -38.75 -17.16
N GLU C 390 -19.01 -37.59 -17.63
CA GLU C 390 -18.79 -37.16 -19.03
C GLU C 390 -17.34 -36.95 -19.45
N LEU C 391 -16.53 -36.45 -18.53
CA LEU C 391 -15.15 -36.09 -18.83
C LEU C 391 -14.25 -37.32 -18.91
N SER C 392 -14.44 -38.25 -17.98
CA SER C 392 -13.71 -39.50 -18.01
C SER C 392 -14.10 -40.28 -19.25
N ALA C 393 -15.40 -40.42 -19.48
CA ALA C 393 -15.89 -41.09 -20.69
C ALA C 393 -15.28 -40.52 -21.98
N LYS C 394 -14.77 -39.28 -21.92
CA LYS C 394 -14.20 -38.68 -23.12
C LYS C 394 -12.65 -38.62 -23.17
N GLY C 395 -11.98 -39.38 -22.31
CA GLY C 395 -10.50 -39.52 -22.39
C GLY C 395 -9.73 -38.34 -21.80
N VAL C 396 -10.08 -38.00 -20.57
CA VAL C 396 -9.54 -36.82 -19.90
C VAL C 396 -9.35 -37.17 -18.43
N ASP C 397 -8.10 -37.09 -17.98
CA ASP C 397 -7.76 -37.32 -16.57
C ASP C 397 -8.51 -36.31 -15.74
N VAL C 398 -9.19 -36.77 -14.69
CA VAL C 398 -10.13 -35.92 -13.99
C VAL C 398 -10.28 -36.25 -12.50
N LEU C 399 -10.07 -35.23 -11.65
CA LEU C 399 -10.22 -35.36 -10.20
C LEU C 399 -11.41 -34.55 -9.68
N TYR C 400 -12.25 -35.20 -8.88
CA TYR C 400 -13.42 -34.55 -8.32
C TYR C 400 -13.24 -34.44 -6.81
N ASP C 401 -13.24 -33.20 -6.33
CA ASP C 401 -13.12 -32.91 -4.91
C ASP C 401 -14.51 -32.94 -4.28
N ASP C 402 -14.79 -34.02 -3.57
CA ASP C 402 -16.12 -34.25 -3.07
C ASP C 402 -16.08 -34.34 -1.54
N THR C 403 -14.99 -33.82 -0.97
CA THR C 403 -14.82 -33.81 0.49
C THR C 403 -15.73 -32.78 1.19
N ASP C 404 -15.84 -32.94 2.50
CA ASP C 404 -16.78 -32.21 3.34
C ASP C 404 -16.23 -30.86 3.85
N GLN C 405 -15.72 -30.02 2.95
CA GLN C 405 -14.95 -28.81 3.33
C GLN C 405 -15.35 -27.50 2.67
N ARG C 406 -15.09 -26.39 3.37
CA ARG C 406 -15.44 -25.03 2.90
C ARG C 406 -14.85 -24.68 1.53
N ALA C 407 -15.60 -23.91 0.75
CA ALA C 407 -15.17 -23.37 -0.54
C ALA C 407 -13.69 -22.96 -0.55
N GLY C 408 -13.34 -22.03 0.35
CA GLY C 408 -11.99 -21.48 0.48
C GLY C 408 -10.93 -22.57 0.50
N ALA C 409 -11.12 -23.52 1.43
CA ALA C 409 -10.17 -24.62 1.65
C ALA C 409 -10.14 -25.70 0.53
N LYS C 410 -10.76 -25.40 -0.60
CA LYS C 410 -10.90 -26.32 -1.75
C LYS C 410 -10.25 -25.73 -2.99
N PHE C 411 -10.06 -24.42 -3.01
CA PHE C 411 -9.18 -23.82 -3.99
C PHE C 411 -7.75 -23.98 -3.48
N ALA C 412 -7.61 -24.10 -2.15
CA ALA C 412 -6.31 -24.25 -1.50
C ALA C 412 -5.58 -25.49 -2.03
N THR C 413 -6.29 -26.62 -2.01
CA THR C 413 -5.76 -27.91 -2.44
C THR C 413 -5.67 -28.03 -3.94
N ALA C 414 -6.65 -27.52 -4.68
CA ALA C 414 -6.54 -27.56 -6.14
C ALA C 414 -5.36 -26.72 -6.64
N ASP C 415 -5.23 -25.51 -6.11
CA ASP C 415 -4.10 -24.63 -6.40
C ASP C 415 -2.79 -25.37 -6.18
N LEU C 416 -2.68 -26.00 -5.01
CA LEU C 416 -1.44 -26.59 -4.51
C LEU C 416 -0.92 -27.78 -5.29
N ILE C 417 -1.79 -28.76 -5.45
CA ILE C 417 -1.45 -29.94 -6.22
C ILE C 417 -1.30 -29.58 -7.69
N GLY C 418 -1.86 -28.43 -8.07
CA GLY C 418 -1.50 -27.76 -9.32
C GLY C 418 -2.07 -28.31 -10.60
N ILE C 419 -3.27 -28.87 -10.53
CA ILE C 419 -4.02 -29.28 -11.72
C ILE C 419 -4.23 -28.08 -12.65
N PRO C 420 -3.89 -28.23 -13.94
CA PRO C 420 -3.97 -27.13 -14.91
C PRO C 420 -5.33 -26.48 -15.02
N TRP C 421 -6.42 -27.26 -14.92
CA TRP C 421 -7.80 -26.76 -15.05
C TRP C 421 -8.66 -26.99 -13.83
N GLN C 422 -9.59 -26.10 -13.58
CA GLN C 422 -10.50 -26.20 -12.44
C GLN C 422 -11.90 -25.90 -12.88
N ILE C 423 -12.87 -26.57 -12.27
CA ILE C 423 -14.25 -26.31 -12.61
C ILE C 423 -14.96 -26.07 -11.31
N HIS C 424 -15.47 -24.86 -11.17
CA HIS C 424 -16.21 -24.44 -9.98
C HIS C 424 -17.70 -24.69 -10.19
N VAL C 425 -18.37 -25.25 -9.19
CA VAL C 425 -19.77 -25.62 -9.29
C VAL C 425 -20.54 -25.39 -7.98
N GLY C 426 -21.34 -24.32 -7.99
CA GLY C 426 -22.16 -23.91 -6.84
C GLY C 426 -23.61 -23.63 -7.19
N PRO C 427 -24.46 -23.44 -6.15
CA PRO C 427 -25.83 -23.02 -6.43
C PRO C 427 -25.77 -21.76 -7.29
N ARG C 428 -25.22 -20.70 -6.70
CA ARG C 428 -24.83 -19.44 -7.37
C ARG C 428 -24.91 -19.45 -8.89
N GLY C 429 -23.83 -19.88 -9.54
CA GLY C 429 -23.72 -19.78 -11.00
C GLY C 429 -24.49 -20.86 -11.73
N LEU C 430 -24.85 -21.92 -11.00
CA LEU C 430 -25.51 -23.07 -11.59
C LEU C 430 -27.01 -22.85 -11.71
N ALA C 431 -27.53 -21.91 -10.91
CA ALA C 431 -28.94 -21.44 -10.99
C ALA C 431 -29.35 -20.85 -12.36
N GLU C 432 -28.39 -20.29 -13.10
CA GLU C 432 -28.61 -19.97 -14.51
C GLU C 432 -28.05 -21.05 -15.44
N GLY C 433 -27.47 -22.10 -14.85
CA GLY C 433 -26.89 -23.20 -15.62
C GLY C 433 -25.47 -22.90 -16.08
N LYS C 434 -24.67 -22.34 -15.16
CA LYS C 434 -23.29 -21.96 -15.44
C LYS C 434 -22.27 -22.49 -14.41
N VAL C 435 -21.00 -22.56 -14.83
CA VAL C 435 -19.88 -22.98 -13.97
C VAL C 435 -18.64 -22.15 -14.29
N GLU C 436 -17.72 -22.04 -13.35
CA GLU C 436 -16.46 -21.36 -13.64
C GLU C 436 -15.39 -22.33 -14.11
N LEU C 437 -14.72 -21.97 -15.21
CA LEU C 437 -13.52 -22.67 -15.66
C LEU C 437 -12.28 -21.81 -15.38
N LYS C 438 -11.39 -22.26 -14.49
CA LYS C 438 -10.15 -21.52 -14.17
C LYS C 438 -8.88 -22.27 -14.52
N ARG C 439 -7.99 -21.61 -15.25
CA ARG C 439 -6.69 -22.10 -15.64
C ARG C 439 -5.64 -21.69 -14.61
N ARG C 440 -4.92 -22.68 -14.10
CA ARG C 440 -3.93 -22.52 -13.04
C ARG C 440 -2.69 -21.69 -13.45
N SER C 441 -2.19 -21.85 -14.67
CA SER C 441 -1.07 -21.03 -15.18
C SER C 441 -1.21 -19.54 -14.85
N ASP C 442 -2.29 -18.94 -15.37
CA ASP C 442 -2.38 -17.49 -15.46
C ASP C 442 -3.61 -16.85 -14.78
N GLY C 443 -4.40 -17.65 -14.07
CA GLY C 443 -5.61 -17.19 -13.41
C GLY C 443 -6.83 -17.00 -14.31
N ALA C 444 -6.71 -17.39 -15.57
CA ALA C 444 -7.76 -17.23 -16.59
C ALA C 444 -9.08 -17.79 -16.17
N ARG C 445 -10.17 -17.07 -16.44
CA ARG C 445 -11.49 -17.52 -16.01
C ARG C 445 -12.53 -17.34 -17.09
N GLU C 446 -13.47 -18.28 -17.13
CA GLU C 446 -14.72 -18.15 -17.90
C GLU C 446 -15.87 -18.59 -17.02
N ASN C 447 -16.97 -17.87 -17.13
CA ASN C 447 -18.25 -18.42 -16.71
C ASN C 447 -18.84 -19.06 -17.97
N LEU C 448 -19.30 -20.30 -17.82
CA LEU C 448 -19.64 -21.15 -18.96
C LEU C 448 -20.89 -21.97 -18.74
N ALA C 449 -21.64 -22.14 -19.82
CA ALA C 449 -22.76 -23.07 -19.86
C ALA C 449 -22.30 -24.47 -19.45
N LEU C 450 -22.98 -25.06 -18.46
CA LEU C 450 -22.75 -26.46 -18.10
C LEU C 450 -22.86 -27.35 -19.33
N ALA C 451 -23.82 -27.00 -20.18
CA ALA C 451 -24.08 -27.67 -21.45
C ALA C 451 -22.85 -27.86 -22.35
N ASP C 452 -21.84 -27.01 -22.21
CA ASP C 452 -20.63 -27.17 -23.02
C ASP C 452 -19.34 -26.76 -22.32
N VAL C 453 -19.32 -26.86 -20.99
CA VAL C 453 -18.06 -26.73 -20.26
C VAL C 453 -17.11 -27.81 -20.77
N VAL C 454 -17.69 -28.95 -21.13
CA VAL C 454 -16.98 -30.02 -21.84
C VAL C 454 -16.57 -29.56 -23.24
N ALA C 455 -16.34 -28.25 -23.38
CA ALA C 455 -15.91 -27.62 -24.62
C ALA C 455 -14.43 -27.90 -24.86
N ARG C 456 -13.61 -26.86 -24.75
CA ARG C 456 -12.20 -26.97 -25.08
C ARG C 456 -11.32 -27.53 -23.96
N LEU C 457 -11.75 -28.70 -23.48
CA LEU C 457 -10.95 -29.59 -22.67
C LEU C 457 -10.79 -30.85 -23.49
N THR C 458 -11.83 -31.16 -24.27
CA THR C 458 -12.03 -32.46 -24.90
C THR C 458 -11.60 -32.56 -26.38
#